data_1MMQ
# 
_entry.id   1MMQ 
# 
_audit_conform.dict_name       mmcif_pdbx.dic 
_audit_conform.dict_version    5.386 
_audit_conform.dict_location   http://mmcif.pdb.org/dictionaries/ascii/mmcif_pdbx.dic 
# 
loop_
_database_2.database_id 
_database_2.database_code 
_database_2.pdbx_database_accession 
_database_2.pdbx_DOI 
PDB   1MMQ         pdb_00001mmq 10.2210/pdb1mmq/pdb 
WWPDB D_1000175077 ?            ?                   
# 
loop_
_pdbx_audit_revision_history.ordinal 
_pdbx_audit_revision_history.data_content_type 
_pdbx_audit_revision_history.major_revision 
_pdbx_audit_revision_history.minor_revision 
_pdbx_audit_revision_history.revision_date 
1 'Structure model' 1 0 1996-04-03 
2 'Structure model' 1 1 2008-03-03 
3 'Structure model' 1 2 2011-07-13 
4 'Structure model' 1 3 2024-02-14 
# 
_pdbx_audit_revision_details.ordinal             1 
_pdbx_audit_revision_details.revision_ordinal    1 
_pdbx_audit_revision_details.data_content_type   'Structure model' 
_pdbx_audit_revision_details.provider            repository 
_pdbx_audit_revision_details.type                'Initial release' 
_pdbx_audit_revision_details.description         ? 
_pdbx_audit_revision_details.details             ? 
# 
loop_
_pdbx_audit_revision_group.ordinal 
_pdbx_audit_revision_group.revision_ordinal 
_pdbx_audit_revision_group.data_content_type 
_pdbx_audit_revision_group.group 
1 2 'Structure model' 'Version format compliance' 
2 3 'Structure model' 'Version format compliance' 
3 4 'Structure model' 'Data collection'           
4 4 'Structure model' 'Database references'       
5 4 'Structure model' 'Derived calculations'      
6 4 'Structure model' Other                       
# 
loop_
_pdbx_audit_revision_category.ordinal 
_pdbx_audit_revision_category.revision_ordinal 
_pdbx_audit_revision_category.data_content_type 
_pdbx_audit_revision_category.category 
1 4 'Structure model' chem_comp_atom         
2 4 'Structure model' chem_comp_bond         
3 4 'Structure model' database_2             
4 4 'Structure model' pdbx_database_status   
5 4 'Structure model' pdbx_struct_conn_angle 
6 4 'Structure model' struct_conn            
7 4 'Structure model' struct_site            
# 
loop_
_pdbx_audit_revision_item.ordinal 
_pdbx_audit_revision_item.revision_ordinal 
_pdbx_audit_revision_item.data_content_type 
_pdbx_audit_revision_item.item 
1  4 'Structure model' '_database_2.pdbx_DOI'                        
2  4 'Structure model' '_database_2.pdbx_database_accession'         
3  4 'Structure model' '_pdbx_database_status.process_site'          
4  4 'Structure model' '_pdbx_struct_conn_angle.ptnr1_auth_comp_id'  
5  4 'Structure model' '_pdbx_struct_conn_angle.ptnr1_auth_seq_id'   
6  4 'Structure model' '_pdbx_struct_conn_angle.ptnr1_label_asym_id' 
7  4 'Structure model' '_pdbx_struct_conn_angle.ptnr1_label_atom_id' 
8  4 'Structure model' '_pdbx_struct_conn_angle.ptnr1_label_comp_id' 
9  4 'Structure model' '_pdbx_struct_conn_angle.ptnr1_label_seq_id'  
10 4 'Structure model' '_pdbx_struct_conn_angle.ptnr3_auth_comp_id'  
11 4 'Structure model' '_pdbx_struct_conn_angle.ptnr3_auth_seq_id'   
12 4 'Structure model' '_pdbx_struct_conn_angle.ptnr3_label_asym_id' 
13 4 'Structure model' '_pdbx_struct_conn_angle.ptnr3_label_atom_id' 
14 4 'Structure model' '_pdbx_struct_conn_angle.ptnr3_label_comp_id' 
15 4 'Structure model' '_pdbx_struct_conn_angle.ptnr3_label_seq_id'  
16 4 'Structure model' '_pdbx_struct_conn_angle.value'               
17 4 'Structure model' '_struct_conn.pdbx_dist_value'                
18 4 'Structure model' '_struct_conn.ptnr2_auth_comp_id'             
19 4 'Structure model' '_struct_conn.ptnr2_auth_seq_id'              
20 4 'Structure model' '_struct_conn.ptnr2_label_asym_id'            
21 4 'Structure model' '_struct_conn.ptnr2_label_atom_id'            
22 4 'Structure model' '_struct_conn.ptnr2_label_comp_id'            
23 4 'Structure model' '_struct_conn.ptnr2_label_seq_id'             
24 4 'Structure model' '_struct_site.pdbx_auth_asym_id'              
25 4 'Structure model' '_struct_site.pdbx_auth_comp_id'              
26 4 'Structure model' '_struct_site.pdbx_auth_seq_id'               
# 
_pdbx_database_status.status_code                     REL 
_pdbx_database_status.entry_id                        1MMQ 
_pdbx_database_status.recvd_initial_deposition_date   1995-03-22 
_pdbx_database_status.deposit_site                    ? 
_pdbx_database_status.process_site                    BNL 
_pdbx_database_status.SG_entry                        . 
_pdbx_database_status.pdb_format_compatible           Y 
_pdbx_database_status.status_code_mr                  ? 
_pdbx_database_status.status_code_sf                  ? 
_pdbx_database_status.status_code_cs                  ? 
_pdbx_database_status.status_code_nmr_data            ? 
_pdbx_database_status.methods_development_category    ? 
# 
loop_
_audit_author.name 
_audit_author.pdbx_ordinal 
'Browner, M.F.'    1 
'Smith, W.W.'      2 
'Castelhano, A.L.' 3 
# 
_citation.id                        primary 
_citation.title                     'Matrilysin-inhibitor complexes: common themes among metalloproteases.' 
_citation.journal_abbrev            Biochemistry 
_citation.journal_volume            34 
_citation.page_first                6602 
_citation.page_last                 6610 
_citation.year                      1995 
_citation.journal_id_ASTM           BICHAW 
_citation.country                   US 
_citation.journal_id_ISSN           0006-2960 
_citation.journal_id_CSD            0033 
_citation.book_publisher            ? 
_citation.pdbx_database_id_PubMed   7756291 
_citation.pdbx_database_id_DOI      10.1021/bi00020a004 
# 
loop_
_citation_author.citation_id 
_citation_author.name 
_citation_author.ordinal 
_citation_author.identifier_ORCID 
primary 'Browner, M.F.'    1 ? 
primary 'Smith, W.W.'      2 ? 
primary 'Castelhano, A.L.' 3 ? 
# 
loop_
_entity.id 
_entity.type 
_entity.src_method 
_entity.pdbx_description 
_entity.formula_weight 
_entity.pdbx_number_of_molecules 
_entity.pdbx_ec 
_entity.pdbx_mutation 
_entity.pdbx_fragment 
_entity.details 
1 polymer     man MATRILYSIN 18741.912 1  3.4.24.23 ? ? ? 
2 non-polymer syn 'ZINC ION' 65.409    2  ?         ? ? ? 
3 non-polymer syn 'CALCIUM ION' 40.078    2  ?         ? ? ? 
4 non-polymer syn 
'N4-HYDROXY-2-ISOBUTYL-N1-(9-OXO-1,8-DIAZA-TRICYCLO[10.6.1.013,18]NONADECA-12(19),13,15,17-TETRAEN-10-YL)-SUCCINAMIDE' 456.578   1 
?         ? ? ? 
5 water       nat water 18.015    76 ?         ? ? ? 
# 
_entity_name_com.entity_id   1 
_entity_name_com.name        'MMP-9, PUMP-1, MATRIN' 
# 
_entity_poly.entity_id                      1 
_entity_poly.type                           'polypeptide(L)' 
_entity_poly.nstd_linkage                   no 
_entity_poly.nstd_monomer                   no 
_entity_poly.pdbx_seq_one_letter_code       
;YSLFPNSPKWTSKVVTYRIVSYTRDLPHITVDRLVSKALNMWGKEIPLHFRKVVWGTADIMIGFARGAHGDSYPFDGPGN
TLAHAFAPGTGLGGDAHFDEDERWTDGSSLGINFLYAATHELGHSLGMGHSSDPNAVMYPTYGNGDPQNFKLSQDDIKGI
QKLYGKRSNS
;
_entity_poly.pdbx_seq_one_letter_code_can   
;YSLFPNSPKWTSKVVTYRIVSYTRDLPHITVDRLVSKALNMWGKEIPLHFRKVVWGTADIMIGFARGAHGDSYPFDGPGN
TLAHAFAPGTGLGGDAHFDEDERWTDGSSLGINFLYAATHELGHSLGMGHSSDPNAVMYPTYGNGDPQNFKLSQDDIKGI
QKLYGKRSNS
;
_entity_poly.pdbx_strand_id                 A 
_entity_poly.pdbx_target_identifier         ? 
# 
loop_
_pdbx_entity_nonpoly.entity_id 
_pdbx_entity_nonpoly.name 
_pdbx_entity_nonpoly.comp_id 
2 'ZINC ION'                                                                                                             ZN  
3 'CALCIUM ION'                                                                                                          CA  
4 'N4-HYDROXY-2-ISOBUTYL-N1-(9-OXO-1,8-DIAZA-TRICYCLO[10.6.1.013,18]NONADECA-12(19),13,15,17-TETRAEN-10-YL)-SUCCINAMIDE' RRS 
5 water                                                                                                                  HOH 
# 
loop_
_entity_poly_seq.entity_id 
_entity_poly_seq.num 
_entity_poly_seq.mon_id 
_entity_poly_seq.hetero 
1 1   TYR n 
1 2   SER n 
1 3   LEU n 
1 4   PHE n 
1 5   PRO n 
1 6   ASN n 
1 7   SER n 
1 8   PRO n 
1 9   LYS n 
1 10  TRP n 
1 11  THR n 
1 12  SER n 
1 13  LYS n 
1 14  VAL n 
1 15  VAL n 
1 16  THR n 
1 17  TYR n 
1 18  ARG n 
1 19  ILE n 
1 20  VAL n 
1 21  SER n 
1 22  TYR n 
1 23  THR n 
1 24  ARG n 
1 25  ASP n 
1 26  LEU n 
1 27  PRO n 
1 28  HIS n 
1 29  ILE n 
1 30  THR n 
1 31  VAL n 
1 32  ASP n 
1 33  ARG n 
1 34  LEU n 
1 35  VAL n 
1 36  SER n 
1 37  LYS n 
1 38  ALA n 
1 39  LEU n 
1 40  ASN n 
1 41  MET n 
1 42  TRP n 
1 43  GLY n 
1 44  LYS n 
1 45  GLU n 
1 46  ILE n 
1 47  PRO n 
1 48  LEU n 
1 49  HIS n 
1 50  PHE n 
1 51  ARG n 
1 52  LYS n 
1 53  VAL n 
1 54  VAL n 
1 55  TRP n 
1 56  GLY n 
1 57  THR n 
1 58  ALA n 
1 59  ASP n 
1 60  ILE n 
1 61  MET n 
1 62  ILE n 
1 63  GLY n 
1 64  PHE n 
1 65  ALA n 
1 66  ARG n 
1 67  GLY n 
1 68  ALA n 
1 69  HIS n 
1 70  GLY n 
1 71  ASP n 
1 72  SER n 
1 73  TYR n 
1 74  PRO n 
1 75  PHE n 
1 76  ASP n 
1 77  GLY n 
1 78  PRO n 
1 79  GLY n 
1 80  ASN n 
1 81  THR n 
1 82  LEU n 
1 83  ALA n 
1 84  HIS n 
1 85  ALA n 
1 86  PHE n 
1 87  ALA n 
1 88  PRO n 
1 89  GLY n 
1 90  THR n 
1 91  GLY n 
1 92  LEU n 
1 93  GLY n 
1 94  GLY n 
1 95  ASP n 
1 96  ALA n 
1 97  HIS n 
1 98  PHE n 
1 99  ASP n 
1 100 GLU n 
1 101 ASP n 
1 102 GLU n 
1 103 ARG n 
1 104 TRP n 
1 105 THR n 
1 106 ASP n 
1 107 GLY n 
1 108 SER n 
1 109 SER n 
1 110 LEU n 
1 111 GLY n 
1 112 ILE n 
1 113 ASN n 
1 114 PHE n 
1 115 LEU n 
1 116 TYR n 
1 117 ALA n 
1 118 ALA n 
1 119 THR n 
1 120 HIS n 
1 121 GLU n 
1 122 LEU n 
1 123 GLY n 
1 124 HIS n 
1 125 SER n 
1 126 LEU n 
1 127 GLY n 
1 128 MET n 
1 129 GLY n 
1 130 HIS n 
1 131 SER n 
1 132 SER n 
1 133 ASP n 
1 134 PRO n 
1 135 ASN n 
1 136 ALA n 
1 137 VAL n 
1 138 MET n 
1 139 TYR n 
1 140 PRO n 
1 141 THR n 
1 142 TYR n 
1 143 GLY n 
1 144 ASN n 
1 145 GLY n 
1 146 ASP n 
1 147 PRO n 
1 148 GLN n 
1 149 ASN n 
1 150 PHE n 
1 151 LYS n 
1 152 LEU n 
1 153 SER n 
1 154 GLN n 
1 155 ASP n 
1 156 ASP n 
1 157 ILE n 
1 158 LYS n 
1 159 GLY n 
1 160 ILE n 
1 161 GLN n 
1 162 LYS n 
1 163 LEU n 
1 164 TYR n 
1 165 GLY n 
1 166 LYS n 
1 167 ARG n 
1 168 SER n 
1 169 ASN n 
1 170 SER n 
# 
_entity_src_gen.entity_id                          1 
_entity_src_gen.pdbx_src_id                        1 
_entity_src_gen.pdbx_alt_source_flag               sample 
_entity_src_gen.pdbx_seq_type                      ? 
_entity_src_gen.pdbx_beg_seq_num                   ? 
_entity_src_gen.pdbx_end_seq_num                   ? 
_entity_src_gen.gene_src_common_name               human 
_entity_src_gen.gene_src_genus                     Homo 
_entity_src_gen.pdbx_gene_src_gene                 ? 
_entity_src_gen.gene_src_species                   ? 
_entity_src_gen.gene_src_strain                    ? 
_entity_src_gen.gene_src_tissue                    ? 
_entity_src_gen.gene_src_tissue_fraction           ? 
_entity_src_gen.gene_src_details                   ? 
_entity_src_gen.pdbx_gene_src_fragment             ? 
_entity_src_gen.pdbx_gene_src_scientific_name      'Homo sapiens' 
_entity_src_gen.pdbx_gene_src_ncbi_taxonomy_id     9606 
_entity_src_gen.pdbx_gene_src_variant              ? 
_entity_src_gen.pdbx_gene_src_cell_line            ? 
_entity_src_gen.pdbx_gene_src_atcc                 ? 
_entity_src_gen.pdbx_gene_src_organ                OVARY 
_entity_src_gen.pdbx_gene_src_organelle            ? 
_entity_src_gen.pdbx_gene_src_cell                 ? 
_entity_src_gen.pdbx_gene_src_cellular_location    ? 
_entity_src_gen.host_org_common_name               'Chinese hamster' 
_entity_src_gen.pdbx_host_org_scientific_name      'Cricetulus griseus' 
_entity_src_gen.pdbx_host_org_ncbi_taxonomy_id     10029 
_entity_src_gen.host_org_genus                     Cricetulus 
_entity_src_gen.pdbx_host_org_gene                 ? 
_entity_src_gen.pdbx_host_org_organ                ? 
_entity_src_gen.host_org_species                   ? 
_entity_src_gen.pdbx_host_org_tissue               ? 
_entity_src_gen.pdbx_host_org_tissue_fraction      ? 
_entity_src_gen.pdbx_host_org_strain               ? 
_entity_src_gen.pdbx_host_org_variant              ? 
_entity_src_gen.pdbx_host_org_cell_line            ? 
_entity_src_gen.pdbx_host_org_atcc                 ? 
_entity_src_gen.pdbx_host_org_culture_collection   ? 
_entity_src_gen.pdbx_host_org_cell                 ? 
_entity_src_gen.pdbx_host_org_organelle            ? 
_entity_src_gen.pdbx_host_org_cellular_location    ? 
_entity_src_gen.pdbx_host_org_vector_type          ? 
_entity_src_gen.pdbx_host_org_vector               ? 
_entity_src_gen.host_org_details                   ? 
_entity_src_gen.expression_system_id               ? 
_entity_src_gen.plasmid_name                       ? 
_entity_src_gen.plasmid_details                    ? 
_entity_src_gen.pdbx_description                   ? 
# 
loop_
_chem_comp.id 
_chem_comp.type 
_chem_comp.mon_nstd_flag 
_chem_comp.name 
_chem_comp.pdbx_synonyms 
_chem_comp.formula 
_chem_comp.formula_weight 
ALA 'L-peptide linking' y ALANINE ? 'C3 H7 N O2'     89.093  
ARG 'L-peptide linking' y ARGININE ? 'C6 H15 N4 O2 1' 175.209 
ASN 'L-peptide linking' y ASPARAGINE ? 'C4 H8 N2 O3'    132.118 
ASP 'L-peptide linking' y 'ASPARTIC ACID' ? 'C4 H7 N O4'     133.103 
CA  non-polymer         . 'CALCIUM ION' ? 'Ca 2'           40.078  
GLN 'L-peptide linking' y GLUTAMINE ? 'C5 H10 N2 O3'   146.144 
GLU 'L-peptide linking' y 'GLUTAMIC ACID' ? 'C5 H9 N O4'     147.129 
GLY 'peptide linking'   y GLYCINE ? 'C2 H5 N O2'     75.067  
HIS 'L-peptide linking' y HISTIDINE ? 'C6 H10 N3 O2 1' 156.162 
HOH non-polymer         . WATER ? 'H2 O'           18.015  
ILE 'L-peptide linking' y ISOLEUCINE ? 'C6 H13 N O2'    131.173 
LEU 'L-peptide linking' y LEUCINE ? 'C6 H13 N O2'    131.173 
LYS 'L-peptide linking' y LYSINE ? 'C6 H15 N2 O2 1' 147.195 
MET 'L-peptide linking' y METHIONINE ? 'C5 H11 N O2 S'  149.211 
PHE 'L-peptide linking' y PHENYLALANINE ? 'C9 H11 N O2'    165.189 
PRO 'L-peptide linking' y PROLINE ? 'C5 H9 N O2'     115.130 
RRS non-polymer         . 
'N4-HYDROXY-2-ISOBUTYL-N1-(9-OXO-1,8-DIAZA-TRICYCLO[10.6.1.013,18]NONADECA-12(19),13,15,17-TETRAEN-10-YL)-SUCCINAMIDE' ? 
'C25 H36 N4 O4'  456.578 
SER 'L-peptide linking' y SERINE ? 'C3 H7 N O3'     105.093 
THR 'L-peptide linking' y THREONINE ? 'C4 H9 N O3'     119.119 
TRP 'L-peptide linking' y TRYPTOPHAN ? 'C11 H12 N2 O2'  204.225 
TYR 'L-peptide linking' y TYROSINE ? 'C9 H11 N O3'    181.189 
VAL 'L-peptide linking' y VALINE ? 'C5 H11 N O2'    117.146 
ZN  non-polymer         . 'ZINC ION' ? 'Zn 2'           65.409  
# 
loop_
_pdbx_poly_seq_scheme.asym_id 
_pdbx_poly_seq_scheme.entity_id 
_pdbx_poly_seq_scheme.seq_id 
_pdbx_poly_seq_scheme.mon_id 
_pdbx_poly_seq_scheme.ndb_seq_num 
_pdbx_poly_seq_scheme.pdb_seq_num 
_pdbx_poly_seq_scheme.auth_seq_num 
_pdbx_poly_seq_scheme.pdb_mon_id 
_pdbx_poly_seq_scheme.auth_mon_id 
_pdbx_poly_seq_scheme.pdb_strand_id 
_pdbx_poly_seq_scheme.pdb_ins_code 
_pdbx_poly_seq_scheme.hetero 
A 1 1   TYR 1   100 100 TYR TYR A . n 
A 1 2   SER 2   101 101 SER SER A . n 
A 1 3   LEU 3   102 102 LEU LEU A . n 
A 1 4   PHE 4   103 103 PHE PHE A . n 
A 1 5   PRO 5   104 104 PRO PRO A . n 
A 1 6   ASN 6   105 105 ASN ASN A . n 
A 1 7   SER 7   106 106 SER SER A . n 
A 1 8   PRO 8   107 107 PRO PRO A . n 
A 1 9   LYS 9   108 108 LYS LYS A . n 
A 1 10  TRP 10  109 109 TRP TRP A . n 
A 1 11  THR 11  110 110 THR THR A . n 
A 1 12  SER 12  111 111 SER SER A . n 
A 1 13  LYS 13  112 112 LYS LYS A . n 
A 1 14  VAL 14  113 113 VAL VAL A . n 
A 1 15  VAL 15  114 114 VAL VAL A . n 
A 1 16  THR 16  115 115 THR THR A . n 
A 1 17  TYR 17  116 116 TYR TYR A . n 
A 1 18  ARG 18  117 117 ARG ARG A . n 
A 1 19  ILE 19  118 118 ILE ILE A . n 
A 1 20  VAL 20  119 119 VAL VAL A . n 
A 1 21  SER 21  120 120 SER SER A . n 
A 1 22  TYR 22  121 121 TYR TYR A . n 
A 1 23  THR 23  122 122 THR THR A . n 
A 1 24  ARG 24  123 123 ARG ARG A . n 
A 1 25  ASP 25  124 124 ASP ASP A . n 
A 1 26  LEU 26  125 125 LEU LEU A . n 
A 1 27  PRO 27  126 126 PRO PRO A . n 
A 1 28  HIS 28  127 127 HIS HIS A . n 
A 1 29  ILE 29  128 128 ILE ILE A . n 
A 1 30  THR 30  129 129 THR THR A . n 
A 1 31  VAL 31  130 130 VAL VAL A . n 
A 1 32  ASP 32  131 131 ASP ASP A . n 
A 1 33  ARG 33  132 132 ARG ARG A . n 
A 1 34  LEU 34  133 133 LEU LEU A . n 
A 1 35  VAL 35  134 134 VAL VAL A . n 
A 1 36  SER 36  135 135 SER SER A . n 
A 1 37  LYS 37  136 136 LYS LYS A . n 
A 1 38  ALA 38  137 137 ALA ALA A . n 
A 1 39  LEU 39  138 138 LEU LEU A . n 
A 1 40  ASN 40  139 139 ASN ASN A . n 
A 1 41  MET 41  140 140 MET MET A . n 
A 1 42  TRP 42  141 141 TRP TRP A . n 
A 1 43  GLY 43  142 142 GLY GLY A . n 
A 1 44  LYS 44  143 143 LYS LYS A . n 
A 1 45  GLU 45  144 144 GLU GLU A . n 
A 1 46  ILE 46  145 145 ILE ILE A . n 
A 1 47  PRO 47  146 146 PRO PRO A . n 
A 1 48  LEU 48  147 147 LEU LEU A . n 
A 1 49  HIS 49  148 148 HIS HIS A . n 
A 1 50  PHE 50  149 149 PHE PHE A . n 
A 1 51  ARG 51  150 150 ARG ARG A . n 
A 1 52  LYS 52  151 151 LYS LYS A . n 
A 1 53  VAL 53  152 152 VAL VAL A . n 
A 1 54  VAL 54  153 153 VAL VAL A . n 
A 1 55  TRP 55  154 154 TRP TRP A . n 
A 1 56  GLY 56  155 155 GLY GLY A . n 
A 1 57  THR 57  156 156 THR THR A . n 
A 1 58  ALA 58  157 157 ALA ALA A . n 
A 1 59  ASP 59  158 158 ASP ASP A . n 
A 1 60  ILE 60  159 159 ILE ILE A . n 
A 1 61  MET 61  160 160 MET MET A . n 
A 1 62  ILE 62  161 161 ILE ILE A . n 
A 1 63  GLY 63  162 162 GLY GLY A . n 
A 1 64  PHE 64  163 163 PHE PHE A . n 
A 1 65  ALA 65  164 164 ALA ALA A . n 
A 1 66  ARG 66  165 165 ARG ARG A . n 
A 1 67  GLY 67  166 166 GLY GLY A . n 
A 1 68  ALA 68  167 167 ALA ALA A . n 
A 1 69  HIS 69  168 168 HIS HIS A . n 
A 1 70  GLY 70  169 169 GLY GLY A . n 
A 1 71  ASP 71  170 170 ASP ASP A . n 
A 1 72  SER 72  171 171 SER SER A . n 
A 1 73  TYR 73  172 172 TYR TYR A . n 
A 1 74  PRO 74  173 173 PRO PRO A . n 
A 1 75  PHE 75  174 174 PHE PHE A . n 
A 1 76  ASP 76  175 175 ASP ASP A . n 
A 1 77  GLY 77  176 176 GLY GLY A . n 
A 1 78  PRO 78  177 177 PRO PRO A . n 
A 1 79  GLY 79  178 178 GLY GLY A . n 
A 1 80  ASN 80  179 179 ASN ASN A . n 
A 1 81  THR 81  180 180 THR THR A . n 
A 1 82  LEU 82  181 181 LEU LEU A . n 
A 1 83  ALA 83  182 182 ALA ALA A . n 
A 1 84  HIS 84  183 183 HIS HIS A . n 
A 1 85  ALA 85  184 184 ALA ALA A . n 
A 1 86  PHE 86  185 185 PHE PHE A . n 
A 1 87  ALA 87  186 186 ALA ALA A . n 
A 1 88  PRO 88  187 187 PRO PRO A . n 
A 1 89  GLY 89  188 188 GLY GLY A . n 
A 1 90  THR 90  189 189 THR THR A . n 
A 1 91  GLY 91  190 190 GLY GLY A . n 
A 1 92  LEU 92  191 191 LEU LEU A . n 
A 1 93  GLY 93  192 192 GLY GLY A . n 
A 1 94  GLY 94  193 193 GLY GLY A . n 
A 1 95  ASP 95  194 194 ASP ASP A . n 
A 1 96  ALA 96  195 195 ALA ALA A . n 
A 1 97  HIS 97  196 196 HIS HIS A . n 
A 1 98  PHE 98  197 197 PHE PHE A . n 
A 1 99  ASP 99  198 198 ASP ASP A . n 
A 1 100 GLU 100 199 199 GLU GLU A . n 
A 1 101 ASP 101 200 200 ASP ASP A . n 
A 1 102 GLU 102 201 201 GLU GLU A . n 
A 1 103 ARG 103 202 202 ARG ARG A . n 
A 1 104 TRP 104 203 203 TRP TRP A . n 
A 1 105 THR 105 204 204 THR THR A . n 
A 1 106 ASP 106 205 205 ASP ASP A . n 
A 1 107 GLY 107 206 206 GLY GLY A . n 
A 1 108 SER 108 207 207 SER SER A . n 
A 1 109 SER 109 208 208 SER SER A . n 
A 1 110 LEU 110 208 208 LEU LEU A B n 
A 1 111 GLY 111 209 209 GLY GLY A . n 
A 1 112 ILE 112 210 210 ILE ILE A . n 
A 1 113 ASN 113 211 211 ASN ASN A . n 
A 1 114 PHE 114 212 212 PHE PHE A . n 
A 1 115 LEU 115 213 213 LEU LEU A . n 
A 1 116 TYR 116 214 214 TYR TYR A . n 
A 1 117 ALA 117 215 215 ALA ALA A . n 
A 1 118 ALA 118 216 216 ALA ALA A . n 
A 1 119 THR 119 217 217 THR THR A . n 
A 1 120 HIS 120 218 218 HIS HIS A . n 
A 1 121 GLU 121 219 219 GLU GLU A . n 
A 1 122 LEU 122 220 220 LEU LEU A . n 
A 1 123 GLY 123 221 221 GLY GLY A . n 
A 1 124 HIS 124 222 222 HIS HIS A . n 
A 1 125 SER 125 223 223 SER SER A . n 
A 1 126 LEU 126 224 224 LEU LEU A . n 
A 1 127 GLY 127 225 225 GLY GLY A . n 
A 1 128 MET 128 226 226 MET MET A . n 
A 1 129 GLY 129 227 227 GLY GLY A . n 
A 1 130 HIS 130 228 228 HIS HIS A . n 
A 1 131 SER 131 229 229 SER SER A . n 
A 1 132 SER 132 230 230 SER SER A . n 
A 1 133 ASP 133 231 231 ASP ASP A . n 
A 1 134 PRO 134 232 232 PRO PRO A . n 
A 1 135 ASN 135 233 233 ASN ASN A . n 
A 1 136 ALA 136 234 234 ALA ALA A . n 
A 1 137 VAL 137 235 235 VAL VAL A . n 
A 1 138 MET 138 236 236 MET MET A . n 
A 1 139 TYR 139 237 237 TYR TYR A . n 
A 1 140 PRO 140 238 238 PRO PRO A . n 
A 1 141 THR 141 239 239 THR THR A . n 
A 1 142 TYR 142 240 240 TYR TYR A . n 
A 1 143 GLY 143 241 241 GLY GLY A . n 
A 1 144 ASN 144 242 242 ASN ASN A . n 
A 1 145 GLY 145 243 243 GLY GLY A . n 
A 1 146 ASP 146 244 244 ASP ASP A . n 
A 1 147 PRO 147 245 245 PRO PRO A . n 
A 1 148 GLN 148 246 246 GLN GLN A . n 
A 1 149 ASN 149 247 247 ASN ASN A . n 
A 1 150 PHE 150 248 248 PHE PHE A . n 
A 1 151 LYS 151 249 249 LYS LYS A . n 
A 1 152 LEU 152 250 250 LEU LEU A . n 
A 1 153 SER 153 251 251 SER SER A . n 
A 1 154 GLN 154 252 252 GLN GLN A . n 
A 1 155 ASP 155 253 253 ASP ASP A . n 
A 1 156 ASP 156 254 254 ASP ASP A . n 
A 1 157 ILE 157 255 255 ILE ILE A . n 
A 1 158 LYS 158 256 256 LYS LYS A . n 
A 1 159 GLY 159 257 257 GLY GLY A . n 
A 1 160 ILE 160 258 258 ILE ILE A . n 
A 1 161 GLN 161 259 259 GLN GLN A . n 
A 1 162 LYS 162 260 260 LYS LYS A . n 
A 1 163 LEU 163 261 261 LEU LEU A . n 
A 1 164 TYR 164 262 262 TYR TYR A . n 
A 1 165 GLY 165 263 263 GLY GLY A . n 
A 1 166 LYS 166 264 264 LYS LYS A . n 
A 1 167 ARG 167 265 ?   ?   ?   A . n 
A 1 168 SER 168 266 ?   ?   ?   A . n 
A 1 169 ASN 169 267 ?   ?   ?   A . n 
A 1 170 SER 170 268 ?   ?   ?   A . n 
# 
loop_
_pdbx_nonpoly_scheme.asym_id 
_pdbx_nonpoly_scheme.entity_id 
_pdbx_nonpoly_scheme.mon_id 
_pdbx_nonpoly_scheme.ndb_seq_num 
_pdbx_nonpoly_scheme.pdb_seq_num 
_pdbx_nonpoly_scheme.auth_seq_num 
_pdbx_nonpoly_scheme.pdb_mon_id 
_pdbx_nonpoly_scheme.auth_mon_id 
_pdbx_nonpoly_scheme.pdb_strand_id 
_pdbx_nonpoly_scheme.pdb_ins_code 
B 2 ZN  1  1   1   ZN  ZN  A . 
C 2 ZN  1  2   2   ZN  ZN  A . 
D 3 CA  1  3   3   CA  CA  A . 
E 3 CA  1  4   4   CA  CA  A . 
F 4 RRS 1  269 1   RRS RRS A . 
G 5 HOH 1  301 301 HOH HOH A . 
G 5 HOH 2  302 302 HOH HOH A . 
G 5 HOH 3  303 303 HOH HOH A . 
G 5 HOH 4  304 304 HOH HOH A . 
G 5 HOH 5  305 305 HOH HOH A . 
G 5 HOH 6  306 306 HOH HOH A . 
G 5 HOH 7  307 307 HOH HOH A . 
G 5 HOH 8  308 308 HOH HOH A . 
G 5 HOH 9  309 309 HOH HOH A . 
G 5 HOH 10 310 310 HOH HOH A . 
G 5 HOH 11 311 311 HOH HOH A . 
G 5 HOH 12 312 312 HOH HOH A . 
G 5 HOH 13 313 313 HOH HOH A . 
G 5 HOH 14 314 314 HOH HOH A . 
G 5 HOH 15 315 315 HOH HOH A . 
G 5 HOH 16 316 316 HOH HOH A . 
G 5 HOH 17 317 317 HOH HOH A . 
G 5 HOH 18 318 318 HOH HOH A . 
G 5 HOH 19 319 319 HOH HOH A . 
G 5 HOH 20 320 320 HOH HOH A . 
G 5 HOH 21 321 321 HOH HOH A . 
G 5 HOH 22 322 322 HOH HOH A . 
G 5 HOH 23 323 323 HOH HOH A . 
G 5 HOH 24 324 324 HOH HOH A . 
G 5 HOH 25 325 325 HOH HOH A . 
G 5 HOH 26 326 326 HOH HOH A . 
G 5 HOH 27 327 327 HOH HOH A . 
G 5 HOH 28 328 328 HOH HOH A . 
G 5 HOH 29 329 329 HOH HOH A . 
G 5 HOH 30 330 330 HOH HOH A . 
G 5 HOH 31 331 331 HOH HOH A . 
G 5 HOH 32 332 332 HOH HOH A . 
G 5 HOH 33 333 333 HOH HOH A . 
G 5 HOH 34 334 334 HOH HOH A . 
G 5 HOH 35 335 335 HOH HOH A . 
G 5 HOH 36 336 336 HOH HOH A . 
G 5 HOH 37 337 337 HOH HOH A . 
G 5 HOH 38 338 338 HOH HOH A . 
G 5 HOH 39 339 339 HOH HOH A . 
G 5 HOH 40 340 340 HOH HOH A . 
G 5 HOH 41 341 341 HOH HOH A . 
G 5 HOH 42 342 342 HOH HOH A . 
G 5 HOH 43 343 343 HOH HOH A . 
G 5 HOH 44 344 344 HOH HOH A . 
G 5 HOH 45 345 345 HOH HOH A . 
G 5 HOH 46 346 346 HOH HOH A . 
G 5 HOH 47 347 347 HOH HOH A . 
G 5 HOH 48 348 348 HOH HOH A . 
G 5 HOH 49 349 349 HOH HOH A . 
G 5 HOH 50 350 350 HOH HOH A . 
G 5 HOH 51 351 351 HOH HOH A . 
G 5 HOH 52 352 352 HOH HOH A . 
G 5 HOH 53 353 353 HOH HOH A . 
G 5 HOH 54 354 354 HOH HOH A . 
G 5 HOH 55 355 355 HOH HOH A . 
G 5 HOH 56 356 356 HOH HOH A . 
G 5 HOH 57 357 357 HOH HOH A . 
G 5 HOH 58 358 358 HOH HOH A . 
G 5 HOH 59 359 359 HOH HOH A . 
G 5 HOH 60 360 360 HOH HOH A . 
G 5 HOH 61 361 361 HOH HOH A . 
G 5 HOH 62 362 362 HOH HOH A . 
G 5 HOH 63 363 363 HOH HOH A . 
G 5 HOH 64 364 364 HOH HOH A . 
G 5 HOH 65 365 365 HOH HOH A . 
G 5 HOH 66 366 366 HOH HOH A . 
G 5 HOH 67 367 367 HOH HOH A . 
G 5 HOH 68 368 368 HOH HOH A . 
G 5 HOH 69 369 369 HOH HOH A . 
G 5 HOH 70 370 370 HOH HOH A . 
G 5 HOH 71 371 371 HOH HOH A . 
G 5 HOH 72 372 372 HOH HOH A . 
G 5 HOH 73 373 373 HOH HOH A . 
G 5 HOH 74 374 374 HOH HOH A . 
G 5 HOH 75 375 375 HOH HOH A . 
G 5 HOH 76 376 376 HOH HOH A . 
# 
loop_
_pdbx_unobs_or_zero_occ_atoms.id 
_pdbx_unobs_or_zero_occ_atoms.PDB_model_num 
_pdbx_unobs_or_zero_occ_atoms.polymer_flag 
_pdbx_unobs_or_zero_occ_atoms.occupancy_flag 
_pdbx_unobs_or_zero_occ_atoms.auth_asym_id 
_pdbx_unobs_or_zero_occ_atoms.auth_comp_id 
_pdbx_unobs_or_zero_occ_atoms.auth_seq_id 
_pdbx_unobs_or_zero_occ_atoms.PDB_ins_code 
_pdbx_unobs_or_zero_occ_atoms.auth_atom_id 
_pdbx_unobs_or_zero_occ_atoms.label_alt_id 
_pdbx_unobs_or_zero_occ_atoms.label_asym_id 
_pdbx_unobs_or_zero_occ_atoms.label_comp_id 
_pdbx_unobs_or_zero_occ_atoms.label_seq_id 
_pdbx_unobs_or_zero_occ_atoms.label_atom_id 
1  1 Y 1 A ASN 105 ? CG  ? A ASN 6   CG  
2  1 Y 1 A ASN 105 ? OD1 ? A ASN 6   OD1 
3  1 Y 1 A ASN 105 ? ND2 ? A ASN 6   ND2 
4  1 Y 1 A LYS 112 ? CG  ? A LYS 13  CG  
5  1 Y 1 A LYS 112 ? CD  ? A LYS 13  CD  
6  1 Y 1 A LYS 112 ? CE  ? A LYS 13  CE  
7  1 Y 1 A LYS 112 ? NZ  ? A LYS 13  NZ  
8  1 Y 1 A ARG 123 ? CG  ? A ARG 24  CG  
9  1 Y 1 A ARG 123 ? CD  ? A ARG 24  CD  
10 1 Y 1 A ARG 123 ? NE  ? A ARG 24  NE  
11 1 Y 1 A ARG 123 ? CZ  ? A ARG 24  CZ  
12 1 Y 1 A ARG 123 ? NH1 ? A ARG 24  NH1 
13 1 Y 1 A ARG 123 ? NH2 ? A ARG 24  NH2 
14 1 Y 1 A LYS 143 ? CG  ? A LYS 44  CG  
15 1 Y 1 A LYS 143 ? CD  ? A LYS 44  CD  
16 1 Y 1 A LYS 143 ? CE  ? A LYS 44  CE  
17 1 Y 1 A LYS 143 ? NZ  ? A LYS 44  NZ  
18 1 Y 1 A LYS 249 ? CG  ? A LYS 151 CG  
19 1 Y 1 A LYS 249 ? CD  ? A LYS 151 CD  
20 1 Y 1 A LYS 249 ? CE  ? A LYS 151 CE  
21 1 Y 1 A LYS 249 ? NZ  ? A LYS 151 NZ  
22 1 Y 1 A LYS 260 ? CG  ? A LYS 162 CG  
23 1 Y 1 A LYS 260 ? CD  ? A LYS 162 CD  
24 1 Y 1 A LYS 260 ? CE  ? A LYS 162 CE  
25 1 Y 1 A LYS 260 ? NZ  ? A LYS 162 NZ  
# 
loop_
_software.name 
_software.classification 
_software.version 
_software.citation_id 
_software.pdbx_ordinal 
X-PLOR 'model building' 3.1        ? 1 
X-PLOR refinement       3.1        ? 2 
MOSFLM 'data reduction' 'V. 5.1.2' ? 3 
X-PLOR phasing          3.1        ? 4 
# 
_cell.entry_id           1MMQ 
_cell.length_a           61.900 
_cell.length_b           61.900 
_cell.length_c           88.000 
_cell.angle_alpha        90.00 
_cell.angle_beta         90.00 
_cell.angle_gamma        120.00 
_cell.Z_PDB              6 
_cell.pdbx_unique_axis   ? 
# 
_symmetry.entry_id                         1MMQ 
_symmetry.space_group_name_H-M             'P 31 2 1' 
_symmetry.pdbx_full_space_group_name_H-M   ? 
_symmetry.cell_setting                     ? 
_symmetry.Int_Tables_number                152 
# 
_exptl.entry_id          1MMQ 
_exptl.method            'X-RAY DIFFRACTION' 
_exptl.crystals_number   1 
# 
_exptl_crystal.id                    1 
_exptl_crystal.density_meas          ? 
_exptl_crystal.density_Matthews      2.60 
_exptl_crystal.density_percent_sol   52.61 
_exptl_crystal.description           ? 
# 
_diffrn.id                     1 
_diffrn.ambient_temp           ? 
_diffrn.ambient_temp_details   ? 
_diffrn.crystal_id             1 
# 
_diffrn_detector.diffrn_id              1 
_diffrn_detector.detector               'IMAGE PLATE' 
_diffrn_detector.type                   MARRESEARCH 
_diffrn_detector.pdbx_collection_date   1993-10-05 
_diffrn_detector.details                ? 
# 
_diffrn_radiation.diffrn_id                        1 
_diffrn_radiation.wavelength_id                    1 
_diffrn_radiation.pdbx_monochromatic_or_laue_m_l   M 
_diffrn_radiation.monochromator                    ? 
_diffrn_radiation.pdbx_diffrn_protocol             ? 
_diffrn_radiation.pdbx_scattering_type             x-ray 
# 
_diffrn_radiation_wavelength.id           1 
_diffrn_radiation_wavelength.wavelength   1.5418 
_diffrn_radiation_wavelength.wt           1.0 
# 
_diffrn_source.diffrn_id                   1 
_diffrn_source.source                      ? 
_diffrn_source.type                        ? 
_diffrn_source.pdbx_synchrotron_site       ? 
_diffrn_source.pdbx_synchrotron_beamline   ? 
_diffrn_source.pdbx_wavelength             ? 
_diffrn_source.pdbx_wavelength_list        1.5418 
# 
_reflns.entry_id                     1MMQ 
_reflns.observed_criterion_sigma_I   2.5 
_reflns.observed_criterion_sigma_F   ? 
_reflns.d_resolution_low             ? 
_reflns.d_resolution_high            ? 
_reflns.number_obs                   15546 
_reflns.number_all                   ? 
_reflns.percent_possible_obs         92.7 
_reflns.pdbx_Rmerge_I_obs            0.12 
_reflns.pdbx_Rsym_value              ? 
_reflns.pdbx_netI_over_sigmaI        ? 
_reflns.B_iso_Wilson_estimate        ? 
_reflns.pdbx_redundancy              5.4 
_reflns.pdbx_diffrn_id               1 
_reflns.pdbx_ordinal                 1 
# 
_refine.entry_id                                 1MMQ 
_refine.ls_number_reflns_obs                     14905 
_refine.ls_number_reflns_all                     ? 
_refine.pdbx_ls_sigma_I                          ? 
_refine.pdbx_ls_sigma_F                          0. 
_refine.pdbx_data_cutoff_high_absF               ? 
_refine.pdbx_data_cutoff_low_absF                ? 
_refine.pdbx_data_cutoff_high_rms_absF           ? 
_refine.ls_d_res_low                             6.0 
_refine.ls_d_res_high                            1.9 
_refine.ls_percent_reflns_obs                    92.8 
_refine.ls_R_factor_obs                          0.179 
_refine.ls_R_factor_all                          ? 
_refine.ls_R_factor_R_work                       0.179 
_refine.ls_R_factor_R_free                       ? 
_refine.ls_R_factor_R_free_error                 ? 
_refine.ls_R_factor_R_free_error_details         ? 
_refine.ls_percent_reflns_R_free                 ? 
_refine.ls_number_reflns_R_free                  ? 
_refine.ls_number_parameters                     ? 
_refine.ls_number_restraints                     ? 
_refine.occupancy_min                            ? 
_refine.occupancy_max                            ? 
_refine.B_iso_mean                               21.1 
_refine.aniso_B[1][1]                            ? 
_refine.aniso_B[2][2]                            ? 
_refine.aniso_B[3][3]                            ? 
_refine.aniso_B[1][2]                            ? 
_refine.aniso_B[1][3]                            ? 
_refine.aniso_B[2][3]                            ? 
_refine.solvent_model_details                    ? 
_refine.solvent_model_param_ksol                 ? 
_refine.solvent_model_param_bsol                 ? 
_refine.pdbx_ls_cross_valid_method               ? 
_refine.details                                  ? 
_refine.pdbx_starting_model                      ? 
_refine.pdbx_method_to_determine_struct          ? 
_refine.pdbx_isotropic_thermal_model             ? 
_refine.pdbx_stereochemistry_target_values       ? 
_refine.pdbx_stereochem_target_val_spec_case     ? 
_refine.pdbx_R_Free_selection_details            ? 
_refine.pdbx_overall_ESU_R                       ? 
_refine.pdbx_overall_ESU_R_Free                  ? 
_refine.overall_SU_ML                            ? 
_refine.overall_SU_B                             ? 
_refine.pdbx_refine_id                           'X-RAY DIFFRACTION' 
_refine.pdbx_diffrn_id                           1 
_refine.pdbx_TLS_residual_ADP_flag               ? 
_refine.correlation_coeff_Fo_to_Fc               ? 
_refine.correlation_coeff_Fo_to_Fc_free          ? 
_refine.pdbx_solvent_vdw_probe_radii             ? 
_refine.pdbx_solvent_ion_probe_radii             ? 
_refine.pdbx_solvent_shrinkage_radii             ? 
_refine.pdbx_overall_phase_error                 ? 
_refine.overall_SU_R_Cruickshank_DPI             ? 
_refine.pdbx_overall_SU_R_free_Cruickshank_DPI   ? 
_refine.pdbx_overall_SU_R_Blow_DPI               ? 
_refine.pdbx_overall_SU_R_free_Blow_DPI          ? 
# 
_refine_analyze.entry_id                        1MMQ 
_refine_analyze.Luzzati_coordinate_error_obs    0.2 
_refine_analyze.Luzzati_sigma_a_obs             ? 
_refine_analyze.Luzzati_d_res_low_obs           ? 
_refine_analyze.Luzzati_coordinate_error_free   ? 
_refine_analyze.Luzzati_sigma_a_free            ? 
_refine_analyze.Luzzati_d_res_low_free          ? 
_refine_analyze.number_disordered_residues      ? 
_refine_analyze.occupancy_sum_hydrogen          ? 
_refine_analyze.occupancy_sum_non_hydrogen      ? 
_refine_analyze.pdbx_refine_id                  'X-RAY DIFFRACTION' 
# 
_refine_hist.pdbx_refine_id                   'X-RAY DIFFRACTION' 
_refine_hist.cycle_id                         LAST 
_refine_hist.pdbx_number_atoms_protein        1269 
_refine_hist.pdbx_number_atoms_nucleic_acid   0 
_refine_hist.pdbx_number_atoms_ligand         37 
_refine_hist.number_atoms_solvent             76 
_refine_hist.number_atoms_total               1382 
_refine_hist.d_res_high                       1.9 
_refine_hist.d_res_low                        6.0 
# 
loop_
_refine_ls_restr.type 
_refine_ls_restr.dev_ideal 
_refine_ls_restr.dev_ideal_target 
_refine_ls_restr.weight 
_refine_ls_restr.number 
_refine_ls_restr.pdbx_refine_id 
_refine_ls_restr.pdbx_restraint_function 
x_bond_d                0.013 ? ? ? 'X-RAY DIFFRACTION' ? 
x_bond_d_na             ?     ? ? ? 'X-RAY DIFFRACTION' ? 
x_bond_d_prot           ?     ? ? ? 'X-RAY DIFFRACTION' ? 
x_angle_d               ?     ? ? ? 'X-RAY DIFFRACTION' ? 
x_angle_d_na            ?     ? ? ? 'X-RAY DIFFRACTION' ? 
x_angle_d_prot          ?     ? ? ? 'X-RAY DIFFRACTION' ? 
x_angle_deg             2.73  ? ? ? 'X-RAY DIFFRACTION' ? 
x_angle_deg_na          ?     ? ? ? 'X-RAY DIFFRACTION' ? 
x_angle_deg_prot        ?     ? ? ? 'X-RAY DIFFRACTION' ? 
x_dihedral_angle_d      ?     ? ? ? 'X-RAY DIFFRACTION' ? 
x_dihedral_angle_d_na   ?     ? ? ? 'X-RAY DIFFRACTION' ? 
x_dihedral_angle_d_prot ?     ? ? ? 'X-RAY DIFFRACTION' ? 
x_improper_angle_d      ?     ? ? ? 'X-RAY DIFFRACTION' ? 
x_improper_angle_d_na   ?     ? ? ? 'X-RAY DIFFRACTION' ? 
x_improper_angle_d_prot ?     ? ? ? 'X-RAY DIFFRACTION' ? 
x_mcbond_it             ?     ? ? ? 'X-RAY DIFFRACTION' ? 
x_mcangle_it            ?     ? ? ? 'X-RAY DIFFRACTION' ? 
x_scbond_it             ?     ? ? ? 'X-RAY DIFFRACTION' ? 
x_scangle_it            ?     ? ? ? 'X-RAY DIFFRACTION' ? 
# 
_struct.entry_id                  1MMQ 
_struct.title                     'MATRILYSIN COMPLEXED WITH HYDROXAMATE INHIBITOR' 
_struct.pdbx_model_details        ? 
_struct.pdbx_CASP_flag            ? 
_struct.pdbx_model_type_details   ? 
# 
_struct_keywords.entry_id        1MMQ 
_struct_keywords.pdbx_keywords   METALLOPROTEASE 
_struct_keywords.text            METALLOPROTEASE 
# 
loop_
_struct_asym.id 
_struct_asym.pdbx_blank_PDB_chainid_flag 
_struct_asym.pdbx_modified 
_struct_asym.entity_id 
_struct_asym.details 
A N N 1 ? 
B N N 2 ? 
C N N 2 ? 
D N N 3 ? 
E N N 3 ? 
F N N 4 ? 
G N N 5 ? 
# 
_struct_ref.id                         1 
_struct_ref.db_name                    UNP 
_struct_ref.db_code                    MMP7_HUMAN 
_struct_ref.entity_id                  1 
_struct_ref.pdbx_db_accession          P09237 
_struct_ref.pdbx_align_begin           1 
_struct_ref.pdbx_seq_one_letter_code   
;MRLTVLCAVCLLPGSLALPLPQEAGGMSELQWEQAQDYLKRFYLYDSETKNANSLEAKLKEMQKFFGLPITGMLNSRVIE
IMQKPRCGVPDVAEYSLFPNSPKWTSKVVTYRIVSYTRDLPHITVDRLVSKALNMWGKEIPLHFRKVVWGTADIMIGFAR
GAHGDSYPFDGPGNTLAHAFAPGTGLGGDAHFDEDERWTDGSSLGINFLYAATHELGHSLGMGHSSDPNAVMYPTYGNGD
PQNFKLSQDDIKGIQKLYGKRSNSRKK
;
_struct_ref.pdbx_db_isoform            ? 
# 
_struct_ref_seq.align_id                      1 
_struct_ref_seq.ref_id                        1 
_struct_ref_seq.pdbx_PDB_id_code              1MMQ 
_struct_ref_seq.pdbx_strand_id                A 
_struct_ref_seq.seq_align_beg                 1 
_struct_ref_seq.pdbx_seq_align_beg_ins_code   ? 
_struct_ref_seq.seq_align_end                 170 
_struct_ref_seq.pdbx_seq_align_end_ins_code   ? 
_struct_ref_seq.pdbx_db_accession             P09237 
_struct_ref_seq.db_align_beg                  95 
_struct_ref_seq.pdbx_db_align_beg_ins_code    ? 
_struct_ref_seq.db_align_end                  264 
_struct_ref_seq.pdbx_db_align_end_ins_code    ? 
_struct_ref_seq.pdbx_auth_seq_align_beg       100 
_struct_ref_seq.pdbx_auth_seq_align_end       268 
# 
_pdbx_struct_assembly.id                   1 
_pdbx_struct_assembly.details              author_defined_assembly 
_pdbx_struct_assembly.method_details       ? 
_pdbx_struct_assembly.oligomeric_details   monomeric 
_pdbx_struct_assembly.oligomeric_count     1 
# 
_pdbx_struct_assembly_gen.assembly_id       1 
_pdbx_struct_assembly_gen.oper_expression   1 
_pdbx_struct_assembly_gen.asym_id_list      A,B,C,D,E,F,G 
# 
_pdbx_struct_oper_list.id                   1 
_pdbx_struct_oper_list.type                 'identity operation' 
_pdbx_struct_oper_list.name                 1_555 
_pdbx_struct_oper_list.symmetry_operation   x,y,z 
_pdbx_struct_oper_list.matrix[1][1]         1.0000000000 
_pdbx_struct_oper_list.matrix[1][2]         0.0000000000 
_pdbx_struct_oper_list.matrix[1][3]         0.0000000000 
_pdbx_struct_oper_list.vector[1]            0.0000000000 
_pdbx_struct_oper_list.matrix[2][1]         0.0000000000 
_pdbx_struct_oper_list.matrix[2][2]         1.0000000000 
_pdbx_struct_oper_list.matrix[2][3]         0.0000000000 
_pdbx_struct_oper_list.vector[2]            0.0000000000 
_pdbx_struct_oper_list.matrix[3][1]         0.0000000000 
_pdbx_struct_oper_list.matrix[3][2]         0.0000000000 
_pdbx_struct_oper_list.matrix[3][3]         1.0000000000 
_pdbx_struct_oper_list.vector[3]            0.0000000000 
# 
_struct_biol.id   1 
# 
loop_
_struct_conf.conf_type_id 
_struct_conf.id 
_struct_conf.pdbx_PDB_helix_id 
_struct_conf.beg_label_comp_id 
_struct_conf.beg_label_asym_id 
_struct_conf.beg_label_seq_id 
_struct_conf.pdbx_beg_PDB_ins_code 
_struct_conf.end_label_comp_id 
_struct_conf.end_label_asym_id 
_struct_conf.end_label_seq_id 
_struct_conf.pdbx_end_PDB_ins_code 
_struct_conf.beg_auth_comp_id 
_struct_conf.beg_auth_asym_id 
_struct_conf.beg_auth_seq_id 
_struct_conf.end_auth_comp_id 
_struct_conf.end_auth_asym_id 
_struct_conf.end_auth_seq_id 
_struct_conf.pdbx_PDB_helix_class 
_struct_conf.details 
_struct_conf.pdbx_PDB_helix_length 
HELX_P HELX_P1 1 PRO A 5   ? SER A 7   ? PRO A 104 SER A 106 5 ? 3  
HELX_P HELX_P2 2 HIS A 28  ? GLU A 45  ? HIS A 127 GLU A 144 1 ? 18 
HELX_P HELX_P3 3 PHE A 114 ? LEU A 126 ? PHE A 212 LEU A 224 1 ? 13 
HELX_P HELX_P4 4 GLN A 154 ? TYR A 164 ? GLN A 252 TYR A 262 1 ? 11 
# 
_struct_conf_type.id          HELX_P 
_struct_conf_type.criteria    ? 
_struct_conf_type.reference   ? 
# 
loop_
_struct_conn.id 
_struct_conn.conn_type_id 
_struct_conn.pdbx_leaving_atom_flag 
_struct_conn.pdbx_PDB_id 
_struct_conn.ptnr1_label_asym_id 
_struct_conn.ptnr1_label_comp_id 
_struct_conn.ptnr1_label_seq_id 
_struct_conn.ptnr1_label_atom_id 
_struct_conn.pdbx_ptnr1_label_alt_id 
_struct_conn.pdbx_ptnr1_PDB_ins_code 
_struct_conn.pdbx_ptnr1_standard_comp_id 
_struct_conn.ptnr1_symmetry 
_struct_conn.ptnr2_label_asym_id 
_struct_conn.ptnr2_label_comp_id 
_struct_conn.ptnr2_label_seq_id 
_struct_conn.ptnr2_label_atom_id 
_struct_conn.pdbx_ptnr2_label_alt_id 
_struct_conn.pdbx_ptnr2_PDB_ins_code 
_struct_conn.ptnr1_auth_asym_id 
_struct_conn.ptnr1_auth_comp_id 
_struct_conn.ptnr1_auth_seq_id 
_struct_conn.ptnr2_auth_asym_id 
_struct_conn.ptnr2_auth_comp_id 
_struct_conn.ptnr2_auth_seq_id 
_struct_conn.ptnr2_symmetry 
_struct_conn.pdbx_ptnr3_label_atom_id 
_struct_conn.pdbx_ptnr3_label_seq_id 
_struct_conn.pdbx_ptnr3_label_comp_id 
_struct_conn.pdbx_ptnr3_label_asym_id 
_struct_conn.pdbx_ptnr3_label_alt_id 
_struct_conn.pdbx_ptnr3_PDB_ins_code 
_struct_conn.details 
_struct_conn.pdbx_dist_value 
_struct_conn.pdbx_value_order 
_struct_conn.pdbx_role 
metalc1  metalc ? ? B ZN . ZN ? ? ? 1_555 A HIS 120 NE2 ? ? A ZN 1 A HIS 218 1_555 ? ? ? ? ? ? ? 2.157 ? ? 
metalc2  metalc ? ? B ZN . ZN ? ? ? 1_555 A HIS 124 NE2 ? ? A ZN 1 A HIS 222 1_555 ? ? ? ? ? ? ? 2.306 ? ? 
metalc3  metalc ? ? B ZN . ZN ? ? ? 1_555 A HIS 130 NE2 ? ? A ZN 1 A HIS 228 1_555 ? ? ? ? ? ? ? 2.242 ? ? 
metalc4  metalc ? ? B ZN . ZN ? ? ? 1_555 F RRS .   O2  ? ? A ZN 1 A RRS 269 1_555 ? ? ? ? ? ? ? 2.157 ? ? 
metalc5  metalc ? ? B ZN . ZN ? ? ? 1_555 F RRS .   O1  ? ? A ZN 1 A RRS 269 1_555 ? ? ? ? ? ? ? 2.202 ? ? 
metalc6  metalc ? ? C ZN . ZN ? ? ? 1_555 A HIS 69  NE2 ? ? A ZN 2 A HIS 168 1_555 ? ? ? ? ? ? ? 2.101 ? ? 
metalc7  metalc ? ? C ZN . ZN ? ? ? 1_555 A ASP 71  OD2 ? ? A ZN 2 A ASP 170 1_555 ? ? ? ? ? ? ? 2.041 ? ? 
metalc8  metalc ? ? C ZN . ZN ? ? ? 1_555 A HIS 84  NE2 ? ? A ZN 2 A HIS 183 1_555 ? ? ? ? ? ? ? 2.161 ? ? 
metalc9  metalc ? ? C ZN . ZN ? ? ? 1_555 A HIS 97  ND1 ? ? A ZN 2 A HIS 196 1_555 ? ? ? ? ? ? ? 2.110 ? ? 
metalc10 metalc ? ? D CA . CA ? ? ? 1_555 A ASP 76  OD1 ? ? A CA 3 A ASP 175 1_555 ? ? ? ? ? ? ? 2.132 ? ? 
metalc11 metalc ? ? D CA . CA ? ? ? 1_555 A GLY 77  O   ? ? A CA 3 A GLY 176 1_555 ? ? ? ? ? ? ? 2.017 ? ? 
metalc12 metalc ? ? D CA . CA ? ? ? 1_555 A GLY 79  O   ? ? A CA 3 A GLY 178 1_555 ? ? ? ? ? ? ? 2.276 ? ? 
metalc13 metalc ? ? D CA . CA ? ? ? 1_555 A THR 81  O   ? ? A CA 3 A THR 180 1_555 ? ? ? ? ? ? ? 2.137 ? ? 
metalc14 metalc ? ? D CA . CA ? ? ? 1_555 A ASP 99  OD2 ? ? A CA 3 A ASP 198 1_555 ? ? ? ? ? ? ? 2.122 ? ? 
metalc15 metalc ? ? D CA . CA ? ? ? 1_555 A GLU 102 OE2 ? ? A CA 3 A GLU 201 1_555 ? ? ? ? ? ? ? 1.991 ? ? 
metalc16 metalc ? ? E CA . CA ? ? ? 1_555 A ASP 59  O   ? ? A CA 4 A ASP 158 1_555 ? ? ? ? ? ? ? 2.200 ? ? 
metalc17 metalc ? ? E CA . CA ? ? ? 1_555 A GLY 91  O   ? ? A CA 4 A GLY 190 1_555 ? ? ? ? ? ? ? 2.121 ? ? 
metalc18 metalc ? ? E CA . CA ? ? ? 1_555 A GLY 93  O   ? ? A CA 4 A GLY 192 1_555 ? ? ? ? ? ? ? 2.109 ? ? 
metalc19 metalc ? ? E CA . CA ? ? ? 1_555 A ASP 95  OD1 ? ? A CA 4 A ASP 194 1_555 ? ? ? ? ? ? ? 2.136 ? ? 
metalc20 metalc ? ? E CA . CA ? ? ? 1_555 G HOH .   O   ? ? A CA 4 A HOH 313 1_555 ? ? ? ? ? ? ? 2.087 ? ? 
metalc21 metalc ? ? E CA . CA ? ? ? 1_555 G HOH .   O   ? ? A CA 4 A HOH 317 1_555 ? ? ? ? ? ? ? 2.112 ? ? 
# 
_struct_conn_type.id          metalc 
_struct_conn_type.criteria    ? 
_struct_conn_type.reference   ? 
# 
loop_
_pdbx_struct_conn_angle.id 
_pdbx_struct_conn_angle.ptnr1_label_atom_id 
_pdbx_struct_conn_angle.ptnr1_label_alt_id 
_pdbx_struct_conn_angle.ptnr1_label_asym_id 
_pdbx_struct_conn_angle.ptnr1_label_comp_id 
_pdbx_struct_conn_angle.ptnr1_label_seq_id 
_pdbx_struct_conn_angle.ptnr1_auth_atom_id 
_pdbx_struct_conn_angle.ptnr1_auth_asym_id 
_pdbx_struct_conn_angle.ptnr1_auth_comp_id 
_pdbx_struct_conn_angle.ptnr1_auth_seq_id 
_pdbx_struct_conn_angle.ptnr1_PDB_ins_code 
_pdbx_struct_conn_angle.ptnr1_symmetry 
_pdbx_struct_conn_angle.ptnr2_label_atom_id 
_pdbx_struct_conn_angle.ptnr2_label_alt_id 
_pdbx_struct_conn_angle.ptnr2_label_asym_id 
_pdbx_struct_conn_angle.ptnr2_label_comp_id 
_pdbx_struct_conn_angle.ptnr2_label_seq_id 
_pdbx_struct_conn_angle.ptnr2_auth_atom_id 
_pdbx_struct_conn_angle.ptnr2_auth_asym_id 
_pdbx_struct_conn_angle.ptnr2_auth_comp_id 
_pdbx_struct_conn_angle.ptnr2_auth_seq_id 
_pdbx_struct_conn_angle.ptnr2_PDB_ins_code 
_pdbx_struct_conn_angle.ptnr2_symmetry 
_pdbx_struct_conn_angle.ptnr3_label_atom_id 
_pdbx_struct_conn_angle.ptnr3_label_alt_id 
_pdbx_struct_conn_angle.ptnr3_label_asym_id 
_pdbx_struct_conn_angle.ptnr3_label_comp_id 
_pdbx_struct_conn_angle.ptnr3_label_seq_id 
_pdbx_struct_conn_angle.ptnr3_auth_atom_id 
_pdbx_struct_conn_angle.ptnr3_auth_asym_id 
_pdbx_struct_conn_angle.ptnr3_auth_comp_id 
_pdbx_struct_conn_angle.ptnr3_auth_seq_id 
_pdbx_struct_conn_angle.ptnr3_PDB_ins_code 
_pdbx_struct_conn_angle.ptnr3_symmetry 
_pdbx_struct_conn_angle.value 
_pdbx_struct_conn_angle.value_esd 
1  NE2 ? A HIS 120 ? A HIS 218 ? 1_555 ZN ? B ZN . ? A ZN 1 ? 1_555 NE2 ? A HIS 124 ? A HIS 222 ? 1_555 99.5  ? 
2  NE2 ? A HIS 120 ? A HIS 218 ? 1_555 ZN ? B ZN . ? A ZN 1 ? 1_555 NE2 ? A HIS 130 ? A HIS 228 ? 1_555 104.2 ? 
3  NE2 ? A HIS 124 ? A HIS 222 ? 1_555 ZN ? B ZN . ? A ZN 1 ? 1_555 NE2 ? A HIS 130 ? A HIS 228 ? 1_555 97.5  ? 
4  NE2 ? A HIS 120 ? A HIS 218 ? 1_555 ZN ? B ZN . ? A ZN 1 ? 1_555 O2  ? F RRS .   ? A RRS 269 ? 1_555 94.1  ? 
5  NE2 ? A HIS 124 ? A HIS 222 ? 1_555 ZN ? B ZN . ? A ZN 1 ? 1_555 O2  ? F RRS .   ? A RRS 269 ? 1_555 163.4 ? 
6  NE2 ? A HIS 130 ? A HIS 228 ? 1_555 ZN ? B ZN . ? A ZN 1 ? 1_555 O2  ? F RRS .   ? A RRS 269 ? 1_555 88.4  ? 
7  NE2 ? A HIS 120 ? A HIS 218 ? 1_555 ZN ? B ZN . ? A ZN 1 ? 1_555 O1  ? F RRS .   ? A RRS 269 ? 1_555 100.2 ? 
8  NE2 ? A HIS 124 ? A HIS 222 ? 1_555 ZN ? B ZN . ? A ZN 1 ? 1_555 O1  ? F RRS .   ? A RRS 269 ? 1_555 88.2  ? 
9  NE2 ? A HIS 130 ? A HIS 228 ? 1_555 ZN ? B ZN . ? A ZN 1 ? 1_555 O1  ? F RRS .   ? A RRS 269 ? 1_555 153.7 ? 
10 O2  ? F RRS .   ? A RRS 269 ? 1_555 ZN ? B ZN . ? A ZN 1 ? 1_555 O1  ? F RRS .   ? A RRS 269 ? 1_555 79.9  ? 
11 NE2 ? A HIS 69  ? A HIS 168 ? 1_555 ZN ? C ZN . ? A ZN 2 ? 1_555 OD2 ? A ASP 71  ? A ASP 170 ? 1_555 107.1 ? 
12 NE2 ? A HIS 69  ? A HIS 168 ? 1_555 ZN ? C ZN . ? A ZN 2 ? 1_555 NE2 ? A HIS 84  ? A HIS 183 ? 1_555 116.3 ? 
13 OD2 ? A ASP 71  ? A ASP 170 ? 1_555 ZN ? C ZN . ? A ZN 2 ? 1_555 NE2 ? A HIS 84  ? A HIS 183 ? 1_555 111.2 ? 
14 NE2 ? A HIS 69  ? A HIS 168 ? 1_555 ZN ? C ZN . ? A ZN 2 ? 1_555 ND1 ? A HIS 97  ? A HIS 196 ? 1_555 108.0 ? 
15 OD2 ? A ASP 71  ? A ASP 170 ? 1_555 ZN ? C ZN . ? A ZN 2 ? 1_555 ND1 ? A HIS 97  ? A HIS 196 ? 1_555 107.2 ? 
16 NE2 ? A HIS 84  ? A HIS 183 ? 1_555 ZN ? C ZN . ? A ZN 2 ? 1_555 ND1 ? A HIS 97  ? A HIS 196 ? 1_555 106.8 ? 
17 OD1 ? A ASP 76  ? A ASP 175 ? 1_555 CA ? D CA . ? A CA 3 ? 1_555 O   ? A GLY 77  ? A GLY 176 ? 1_555 86.1  ? 
18 OD1 ? A ASP 76  ? A ASP 175 ? 1_555 CA ? D CA . ? A CA 3 ? 1_555 O   ? A GLY 79  ? A GLY 178 ? 1_555 88.6  ? 
19 O   ? A GLY 77  ? A GLY 176 ? 1_555 CA ? D CA . ? A CA 3 ? 1_555 O   ? A GLY 79  ? A GLY 178 ? 1_555 87.8  ? 
20 OD1 ? A ASP 76  ? A ASP 175 ? 1_555 CA ? D CA . ? A CA 3 ? 1_555 O   ? A THR 81  ? A THR 180 ? 1_555 86.8  ? 
21 O   ? A GLY 77  ? A GLY 176 ? 1_555 CA ? D CA . ? A CA 3 ? 1_555 O   ? A THR 81  ? A THR 180 ? 1_555 170.2 ? 
22 O   ? A GLY 79  ? A GLY 178 ? 1_555 CA ? D CA . ? A CA 3 ? 1_555 O   ? A THR 81  ? A THR 180 ? 1_555 85.2  ? 
23 OD1 ? A ASP 76  ? A ASP 175 ? 1_555 CA ? D CA . ? A CA 3 ? 1_555 OD2 ? A ASP 99  ? A ASP 198 ? 1_555 89.9  ? 
24 O   ? A GLY 77  ? A GLY 176 ? 1_555 CA ? D CA . ? A CA 3 ? 1_555 OD2 ? A ASP 99  ? A ASP 198 ? 1_555 89.4  ? 
25 O   ? A GLY 79  ? A GLY 178 ? 1_555 CA ? D CA . ? A CA 3 ? 1_555 OD2 ? A ASP 99  ? A ASP 198 ? 1_555 176.9 ? 
26 O   ? A THR 81  ? A THR 180 ? 1_555 CA ? D CA . ? A CA 3 ? 1_555 OD2 ? A ASP 99  ? A ASP 198 ? 1_555 97.4  ? 
27 OD1 ? A ASP 76  ? A ASP 175 ? 1_555 CA ? D CA . ? A CA 3 ? 1_555 OE2 ? A GLU 102 ? A GLU 201 ? 1_555 176.5 ? 
28 O   ? A GLY 77  ? A GLY 176 ? 1_555 CA ? D CA . ? A CA 3 ? 1_555 OE2 ? A GLU 102 ? A GLU 201 ? 1_555 93.9  ? 
29 O   ? A GLY 79  ? A GLY 178 ? 1_555 CA ? D CA . ? A CA 3 ? 1_555 OE2 ? A GLU 102 ? A GLU 201 ? 1_555 87.9  ? 
30 O   ? A THR 81  ? A THR 180 ? 1_555 CA ? D CA . ? A CA 3 ? 1_555 OE2 ? A GLU 102 ? A GLU 201 ? 1_555 92.7  ? 
31 OD2 ? A ASP 99  ? A ASP 198 ? 1_555 CA ? D CA . ? A CA 3 ? 1_555 OE2 ? A GLU 102 ? A GLU 201 ? 1_555 93.6  ? 
32 O   ? A ASP 59  ? A ASP 158 ? 1_555 CA ? E CA . ? A CA 4 ? 1_555 O   ? A GLY 91  ? A GLY 190 ? 1_555 172.7 ? 
33 O   ? A ASP 59  ? A ASP 158 ? 1_555 CA ? E CA . ? A CA 4 ? 1_555 O   ? A GLY 93  ? A GLY 192 ? 1_555 98.5  ? 
34 O   ? A GLY 91  ? A GLY 190 ? 1_555 CA ? E CA . ? A CA 4 ? 1_555 O   ? A GLY 93  ? A GLY 192 ? 1_555 88.2  ? 
35 O   ? A ASP 59  ? A ASP 158 ? 1_555 CA ? E CA . ? A CA 4 ? 1_555 OD1 ? A ASP 95  ? A ASP 194 ? 1_555 86.5  ? 
36 O   ? A GLY 91  ? A GLY 190 ? 1_555 CA ? E CA . ? A CA 4 ? 1_555 OD1 ? A ASP 95  ? A ASP 194 ? 1_555 96.5  ? 
37 O   ? A GLY 93  ? A GLY 192 ? 1_555 CA ? E CA . ? A CA 4 ? 1_555 OD1 ? A ASP 95  ? A ASP 194 ? 1_555 88.0  ? 
38 O   ? A ASP 59  ? A ASP 158 ? 1_555 CA ? E CA . ? A CA 4 ? 1_555 O   ? G HOH .   ? A HOH 313 ? 1_555 87.9  ? 
39 O   ? A GLY 91  ? A GLY 190 ? 1_555 CA ? E CA . ? A CA 4 ? 1_555 O   ? G HOH .   ? A HOH 313 ? 1_555 85.0  ? 
40 O   ? A GLY 93  ? A GLY 192 ? 1_555 CA ? E CA . ? A CA 4 ? 1_555 O   ? G HOH .   ? A HOH 313 ? 1_555 167.8 ? 
41 OD1 ? A ASP 95  ? A ASP 194 ? 1_555 CA ? E CA . ? A CA 4 ? 1_555 O   ? G HOH .   ? A HOH 313 ? 1_555 102.8 ? 
42 O   ? A ASP 59  ? A ASP 158 ? 1_555 CA ? E CA . ? A CA 4 ? 1_555 O   ? G HOH .   ? A HOH 317 ? 1_555 86.3  ? 
43 O   ? A GLY 91  ? A GLY 190 ? 1_555 CA ? E CA . ? A CA 4 ? 1_555 O   ? G HOH .   ? A HOH 317 ? 1_555 91.6  ? 
44 O   ? A GLY 93  ? A GLY 192 ? 1_555 CA ? E CA . ? A CA 4 ? 1_555 O   ? G HOH .   ? A HOH 317 ? 1_555 84.3  ? 
45 OD1 ? A ASP 95  ? A ASP 194 ? 1_555 CA ? E CA . ? A CA 4 ? 1_555 O   ? G HOH .   ? A HOH 317 ? 1_555 168.6 ? 
46 O   ? G HOH .   ? A HOH 313 ? 1_555 CA ? E CA . ? A CA 4 ? 1_555 O   ? G HOH .   ? A HOH 317 ? 1_555 85.8  ? 
# 
_struct_sheet.id               A 
_struct_sheet.type             ? 
_struct_sheet.number_strands   5 
_struct_sheet.details          ? 
# 
loop_
_struct_sheet_order.sheet_id 
_struct_sheet_order.range_id_1 
_struct_sheet_order.range_id_2 
_struct_sheet_order.offset 
_struct_sheet_order.sense 
A 1 2 ? parallel      
A 2 3 ? parallel      
A 3 4 ? parallel      
A 4 5 ? anti-parallel 
# 
loop_
_struct_sheet_range.sheet_id 
_struct_sheet_range.id 
_struct_sheet_range.beg_label_comp_id 
_struct_sheet_range.beg_label_asym_id 
_struct_sheet_range.beg_label_seq_id 
_struct_sheet_range.pdbx_beg_PDB_ins_code 
_struct_sheet_range.end_label_comp_id 
_struct_sheet_range.end_label_asym_id 
_struct_sheet_range.end_label_seq_id 
_struct_sheet_range.pdbx_end_PDB_ins_code 
_struct_sheet_range.beg_auth_comp_id 
_struct_sheet_range.beg_auth_asym_id 
_struct_sheet_range.beg_auth_seq_id 
_struct_sheet_range.end_auth_comp_id 
_struct_sheet_range.end_auth_asym_id 
_struct_sheet_range.end_auth_seq_id 
A 1 HIS A 49 ? LYS A 52 ? HIS A 148 LYS A 151 
A 2 VAL A 14 ? ILE A 19 ? VAL A 113 ILE A 118 
A 3 ILE A 60 ? ALA A 65 ? ILE A 159 ALA A 164 
A 4 ALA A 96 ? ASP A 99 ? ALA A 195 ASP A 198 
A 5 ALA A 83 ? ALA A 85 ? ALA A 182 ALA A 184 
# 
loop_
_pdbx_struct_sheet_hbond.sheet_id 
_pdbx_struct_sheet_hbond.range_id_1 
_pdbx_struct_sheet_hbond.range_id_2 
_pdbx_struct_sheet_hbond.range_1_label_atom_id 
_pdbx_struct_sheet_hbond.range_1_label_comp_id 
_pdbx_struct_sheet_hbond.range_1_label_asym_id 
_pdbx_struct_sheet_hbond.range_1_label_seq_id 
_pdbx_struct_sheet_hbond.range_1_PDB_ins_code 
_pdbx_struct_sheet_hbond.range_1_auth_atom_id 
_pdbx_struct_sheet_hbond.range_1_auth_comp_id 
_pdbx_struct_sheet_hbond.range_1_auth_asym_id 
_pdbx_struct_sheet_hbond.range_1_auth_seq_id 
_pdbx_struct_sheet_hbond.range_2_label_atom_id 
_pdbx_struct_sheet_hbond.range_2_label_comp_id 
_pdbx_struct_sheet_hbond.range_2_label_asym_id 
_pdbx_struct_sheet_hbond.range_2_label_seq_id 
_pdbx_struct_sheet_hbond.range_2_PDB_ins_code 
_pdbx_struct_sheet_hbond.range_2_auth_atom_id 
_pdbx_struct_sheet_hbond.range_2_auth_comp_id 
_pdbx_struct_sheet_hbond.range_2_auth_asym_id 
_pdbx_struct_sheet_hbond.range_2_auth_seq_id 
A 1 2 O HIS A 49 ? O HIS A 148 N VAL A 15 ? N VAL A 114 
A 2 3 O ARG A 18 ? O ARG A 117 N ILE A 60 ? N ILE A 159 
A 3 4 O GLY A 63 ? O GLY A 162 N ALA A 96 ? N ALA A 195 
A 4 5 O HIS A 97 ? O HIS A 196 N HIS A 84 ? N HIS A 183 
# 
loop_
_struct_site.id 
_struct_site.pdbx_evidence_code 
_struct_site.pdbx_auth_asym_id 
_struct_site.pdbx_auth_comp_id 
_struct_site.pdbx_auth_seq_id 
_struct_site.pdbx_auth_ins_code 
_struct_site.pdbx_num_residues 
_struct_site.details 
AC1 Software A ZN  1   ? 4  'BINDING SITE FOR RESIDUE ZN A 1'    
AC2 Software A ZN  2   ? 4  'BINDING SITE FOR RESIDUE ZN A 2'    
AC3 Software A CA  3   ? 6  'BINDING SITE FOR RESIDUE CA A 3'    
AC4 Software A CA  4   ? 6  'BINDING SITE FOR RESIDUE CA A 4'    
AC5 Software A RRS 269 ? 16 'BINDING SITE FOR RESIDUE RRS A 269' 
# 
loop_
_struct_site_gen.id 
_struct_site_gen.site_id 
_struct_site_gen.pdbx_num_res 
_struct_site_gen.label_comp_id 
_struct_site_gen.label_asym_id 
_struct_site_gen.label_seq_id 
_struct_site_gen.pdbx_auth_ins_code 
_struct_site_gen.auth_comp_id 
_struct_site_gen.auth_asym_id 
_struct_site_gen.auth_seq_id 
_struct_site_gen.label_atom_id 
_struct_site_gen.label_alt_id 
_struct_site_gen.symmetry 
_struct_site_gen.details 
1  AC1 4  HIS A 120 ? HIS A 218 . ? 1_555 ? 
2  AC1 4  HIS A 124 ? HIS A 222 . ? 1_555 ? 
3  AC1 4  HIS A 130 ? HIS A 228 . ? 1_555 ? 
4  AC1 4  RRS F .   ? RRS A 269 . ? 1_555 ? 
5  AC2 4  HIS A 69  ? HIS A 168 . ? 1_555 ? 
6  AC2 4  ASP A 71  ? ASP A 170 . ? 1_555 ? 
7  AC2 4  HIS A 84  ? HIS A 183 . ? 1_555 ? 
8  AC2 4  HIS A 97  ? HIS A 196 . ? 1_555 ? 
9  AC3 6  ASP A 76  ? ASP A 175 . ? 1_555 ? 
10 AC3 6  GLY A 77  ? GLY A 176 . ? 1_555 ? 
11 AC3 6  GLY A 79  ? GLY A 178 . ? 1_555 ? 
12 AC3 6  THR A 81  ? THR A 180 . ? 1_555 ? 
13 AC3 6  ASP A 99  ? ASP A 198 . ? 1_555 ? 
14 AC3 6  GLU A 102 ? GLU A 201 . ? 1_555 ? 
15 AC4 6  ASP A 59  ? ASP A 158 . ? 1_555 ? 
16 AC4 6  GLY A 91  ? GLY A 190 . ? 1_555 ? 
17 AC4 6  GLY A 93  ? GLY A 192 . ? 1_555 ? 
18 AC4 6  ASP A 95  ? ASP A 194 . ? 1_555 ? 
19 AC4 6  HOH G .   ? HOH A 313 . ? 1_555 ? 
20 AC4 6  HOH G .   ? HOH A 317 . ? 1_555 ? 
21 AC5 16 ZN  B .   ? ZN  A 1   . ? 1_555 ? 
22 AC5 16 VAL A 54  ? VAL A 153 . ? 3_754 ? 
23 AC5 16 ASN A 80  ? ASN A 179 . ? 1_555 ? 
24 AC5 16 THR A 81  ? THR A 180 . ? 1_555 ? 
25 AC5 16 LEU A 82  ? LEU A 181 . ? 1_555 ? 
26 AC5 16 ALA A 83  ? ALA A 182 . ? 1_555 ? 
27 AC5 16 HIS A 120 ? HIS A 218 . ? 1_555 ? 
28 AC5 16 GLU A 121 ? GLU A 219 . ? 1_555 ? 
29 AC5 16 HIS A 124 ? HIS A 222 . ? 1_555 ? 
30 AC5 16 HIS A 130 ? HIS A 228 . ? 1_555 ? 
31 AC5 16 PRO A 134 ? PRO A 232 . ? 4_646 ? 
32 AC5 16 PRO A 140 ? PRO A 238 . ? 1_555 ? 
33 AC5 16 THR A 141 ? THR A 239 . ? 1_555 ? 
34 AC5 16 TYR A 142 ? TYR A 240 . ? 1_555 ? 
35 AC5 16 HOH G .   ? HOH A 328 . ? 1_555 ? 
36 AC5 16 HOH G .   ? HOH A 356 . ? 1_555 ? 
# 
loop_
_pdbx_validate_rmsd_bond.id 
_pdbx_validate_rmsd_bond.PDB_model_num 
_pdbx_validate_rmsd_bond.auth_atom_id_1 
_pdbx_validate_rmsd_bond.auth_asym_id_1 
_pdbx_validate_rmsd_bond.auth_comp_id_1 
_pdbx_validate_rmsd_bond.auth_seq_id_1 
_pdbx_validate_rmsd_bond.PDB_ins_code_1 
_pdbx_validate_rmsd_bond.label_alt_id_1 
_pdbx_validate_rmsd_bond.auth_atom_id_2 
_pdbx_validate_rmsd_bond.auth_asym_id_2 
_pdbx_validate_rmsd_bond.auth_comp_id_2 
_pdbx_validate_rmsd_bond.auth_seq_id_2 
_pdbx_validate_rmsd_bond.PDB_ins_code_2 
_pdbx_validate_rmsd_bond.label_alt_id_2 
_pdbx_validate_rmsd_bond.bond_value 
_pdbx_validate_rmsd_bond.bond_target_value 
_pdbx_validate_rmsd_bond.bond_deviation 
_pdbx_validate_rmsd_bond.bond_standard_deviation 
_pdbx_validate_rmsd_bond.linker_flag 
1 1 NE2 A HIS 183 ? ? CD2 A HIS 183 ? ? 1.305 1.373 -0.068 0.011 N 
2 1 NE2 A HIS 196 ? ? CD2 A HIS 196 ? ? 1.300 1.373 -0.073 0.011 N 
3 1 NE2 A HIS 218 ? ? CD2 A HIS 218 ? ? 1.302 1.373 -0.071 0.011 N 
4 1 NE2 A HIS 228 ? ? CD2 A HIS 228 ? ? 1.293 1.373 -0.080 0.011 N 
# 
loop_
_pdbx_validate_rmsd_angle.id 
_pdbx_validate_rmsd_angle.PDB_model_num 
_pdbx_validate_rmsd_angle.auth_atom_id_1 
_pdbx_validate_rmsd_angle.auth_asym_id_1 
_pdbx_validate_rmsd_angle.auth_comp_id_1 
_pdbx_validate_rmsd_angle.auth_seq_id_1 
_pdbx_validate_rmsd_angle.PDB_ins_code_1 
_pdbx_validate_rmsd_angle.label_alt_id_1 
_pdbx_validate_rmsd_angle.auth_atom_id_2 
_pdbx_validate_rmsd_angle.auth_asym_id_2 
_pdbx_validate_rmsd_angle.auth_comp_id_2 
_pdbx_validate_rmsd_angle.auth_seq_id_2 
_pdbx_validate_rmsd_angle.PDB_ins_code_2 
_pdbx_validate_rmsd_angle.label_alt_id_2 
_pdbx_validate_rmsd_angle.auth_atom_id_3 
_pdbx_validate_rmsd_angle.auth_asym_id_3 
_pdbx_validate_rmsd_angle.auth_comp_id_3 
_pdbx_validate_rmsd_angle.auth_seq_id_3 
_pdbx_validate_rmsd_angle.PDB_ins_code_3 
_pdbx_validate_rmsd_angle.label_alt_id_3 
_pdbx_validate_rmsd_angle.angle_value 
_pdbx_validate_rmsd_angle.angle_target_value 
_pdbx_validate_rmsd_angle.angle_deviation 
_pdbx_validate_rmsd_angle.angle_standard_deviation 
_pdbx_validate_rmsd_angle.linker_flag 
1 1 NE A ARG 117 ? ? CZ A ARG 117 ? ? NH1 A ARG 117 ? ? 123.87 120.30 3.57   0.50 N 
2 1 NE A ARG 117 ? ? CZ A ARG 117 ? ? NH2 A ARG 117 ? ? 115.68 120.30 -4.62  0.50 N 
3 1 CA A ASN 139 ? ? CB A ASN 139 ? ? CG  A ASN 139 ? ? 98.61  113.40 -14.79 2.20 N 
4 1 NE A ARG 150 ? ? CZ A ARG 150 ? ? NH2 A ARG 150 ? ? 117.13 120.30 -3.17  0.50 N 
5 1 CB A ASP 170 ? ? CG A ASP 170 ? ? OD1 A ASP 170 ? ? 150.25 118.30 31.95  0.90 N 
6 1 CB A ASP 170 ? ? CG A ASP 170 ? ? OD2 A ASP 170 ? ? 93.09  118.30 -25.21 0.90 N 
7 1 CB A ASP 175 ? ? CG A ASP 175 ? ? OD1 A ASP 175 ? ? 126.16 118.30 7.86   0.90 N 
8 1 CB A ASP 194 ? ? CG A ASP 194 ? ? OD1 A ASP 194 ? ? 126.55 118.30 8.25   0.90 N 
# 
loop_
_pdbx_validate_torsion.id 
_pdbx_validate_torsion.PDB_model_num 
_pdbx_validate_torsion.auth_comp_id 
_pdbx_validate_torsion.auth_asym_id 
_pdbx_validate_torsion.auth_seq_id 
_pdbx_validate_torsion.PDB_ins_code 
_pdbx_validate_torsion.label_alt_id 
_pdbx_validate_torsion.phi 
_pdbx_validate_torsion.psi 
1 1 HIS A 168 ? ? -144.78 28.54   
2 1 ASP A 170 ? ? -64.23  2.70    
3 1 ASN A 179 ? ? 53.91   -120.72 
4 1 ASN A 247 ? ? -153.91 89.93   
# 
loop_
_pdbx_unobs_or_zero_occ_residues.id 
_pdbx_unobs_or_zero_occ_residues.PDB_model_num 
_pdbx_unobs_or_zero_occ_residues.polymer_flag 
_pdbx_unobs_or_zero_occ_residues.occupancy_flag 
_pdbx_unobs_or_zero_occ_residues.auth_asym_id 
_pdbx_unobs_or_zero_occ_residues.auth_comp_id 
_pdbx_unobs_or_zero_occ_residues.auth_seq_id 
_pdbx_unobs_or_zero_occ_residues.PDB_ins_code 
_pdbx_unobs_or_zero_occ_residues.label_asym_id 
_pdbx_unobs_or_zero_occ_residues.label_comp_id 
_pdbx_unobs_or_zero_occ_residues.label_seq_id 
1 1 Y 1 A ARG 265 ? A ARG 167 
2 1 Y 1 A SER 266 ? A SER 168 
3 1 Y 1 A ASN 267 ? A ASN 169 
4 1 Y 1 A SER 268 ? A SER 170 
# 
loop_
_chem_comp_atom.comp_id 
_chem_comp_atom.atom_id 
_chem_comp_atom.type_symbol 
_chem_comp_atom.pdbx_aromatic_flag 
_chem_comp_atom.pdbx_stereo_config 
_chem_comp_atom.pdbx_ordinal 
ALA N    N  N N 1   
ALA CA   C  N S 2   
ALA C    C  N N 3   
ALA O    O  N N 4   
ALA CB   C  N N 5   
ALA OXT  O  N N 6   
ALA H    H  N N 7   
ALA H2   H  N N 8   
ALA HA   H  N N 9   
ALA HB1  H  N N 10  
ALA HB2  H  N N 11  
ALA HB3  H  N N 12  
ALA HXT  H  N N 13  
ARG N    N  N N 14  
ARG CA   C  N S 15  
ARG C    C  N N 16  
ARG O    O  N N 17  
ARG CB   C  N N 18  
ARG CG   C  N N 19  
ARG CD   C  N N 20  
ARG NE   N  N N 21  
ARG CZ   C  N N 22  
ARG NH1  N  N N 23  
ARG NH2  N  N N 24  
ARG OXT  O  N N 25  
ARG H    H  N N 26  
ARG H2   H  N N 27  
ARG HA   H  N N 28  
ARG HB2  H  N N 29  
ARG HB3  H  N N 30  
ARG HG2  H  N N 31  
ARG HG3  H  N N 32  
ARG HD2  H  N N 33  
ARG HD3  H  N N 34  
ARG HE   H  N N 35  
ARG HH11 H  N N 36  
ARG HH12 H  N N 37  
ARG HH21 H  N N 38  
ARG HH22 H  N N 39  
ARG HXT  H  N N 40  
ASN N    N  N N 41  
ASN CA   C  N S 42  
ASN C    C  N N 43  
ASN O    O  N N 44  
ASN CB   C  N N 45  
ASN CG   C  N N 46  
ASN OD1  O  N N 47  
ASN ND2  N  N N 48  
ASN OXT  O  N N 49  
ASN H    H  N N 50  
ASN H2   H  N N 51  
ASN HA   H  N N 52  
ASN HB2  H  N N 53  
ASN HB3  H  N N 54  
ASN HD21 H  N N 55  
ASN HD22 H  N N 56  
ASN HXT  H  N N 57  
ASP N    N  N N 58  
ASP CA   C  N S 59  
ASP C    C  N N 60  
ASP O    O  N N 61  
ASP CB   C  N N 62  
ASP CG   C  N N 63  
ASP OD1  O  N N 64  
ASP OD2  O  N N 65  
ASP OXT  O  N N 66  
ASP H    H  N N 67  
ASP H2   H  N N 68  
ASP HA   H  N N 69  
ASP HB2  H  N N 70  
ASP HB3  H  N N 71  
ASP HD2  H  N N 72  
ASP HXT  H  N N 73  
CA  CA   CA N N 74  
GLN N    N  N N 75  
GLN CA   C  N S 76  
GLN C    C  N N 77  
GLN O    O  N N 78  
GLN CB   C  N N 79  
GLN CG   C  N N 80  
GLN CD   C  N N 81  
GLN OE1  O  N N 82  
GLN NE2  N  N N 83  
GLN OXT  O  N N 84  
GLN H    H  N N 85  
GLN H2   H  N N 86  
GLN HA   H  N N 87  
GLN HB2  H  N N 88  
GLN HB3  H  N N 89  
GLN HG2  H  N N 90  
GLN HG3  H  N N 91  
GLN HE21 H  N N 92  
GLN HE22 H  N N 93  
GLN HXT  H  N N 94  
GLU N    N  N N 95  
GLU CA   C  N S 96  
GLU C    C  N N 97  
GLU O    O  N N 98  
GLU CB   C  N N 99  
GLU CG   C  N N 100 
GLU CD   C  N N 101 
GLU OE1  O  N N 102 
GLU OE2  O  N N 103 
GLU OXT  O  N N 104 
GLU H    H  N N 105 
GLU H2   H  N N 106 
GLU HA   H  N N 107 
GLU HB2  H  N N 108 
GLU HB3  H  N N 109 
GLU HG2  H  N N 110 
GLU HG3  H  N N 111 
GLU HE2  H  N N 112 
GLU HXT  H  N N 113 
GLY N    N  N N 114 
GLY CA   C  N N 115 
GLY C    C  N N 116 
GLY O    O  N N 117 
GLY OXT  O  N N 118 
GLY H    H  N N 119 
GLY H2   H  N N 120 
GLY HA2  H  N N 121 
GLY HA3  H  N N 122 
GLY HXT  H  N N 123 
HIS N    N  N N 124 
HIS CA   C  N S 125 
HIS C    C  N N 126 
HIS O    O  N N 127 
HIS CB   C  N N 128 
HIS CG   C  Y N 129 
HIS ND1  N  Y N 130 
HIS CD2  C  Y N 131 
HIS CE1  C  Y N 132 
HIS NE2  N  Y N 133 
HIS OXT  O  N N 134 
HIS H    H  N N 135 
HIS H2   H  N N 136 
HIS HA   H  N N 137 
HIS HB2  H  N N 138 
HIS HB3  H  N N 139 
HIS HD1  H  N N 140 
HIS HD2  H  N N 141 
HIS HE1  H  N N 142 
HIS HE2  H  N N 143 
HIS HXT  H  N N 144 
HOH O    O  N N 145 
HOH H1   H  N N 146 
HOH H2   H  N N 147 
ILE N    N  N N 148 
ILE CA   C  N S 149 
ILE C    C  N N 150 
ILE O    O  N N 151 
ILE CB   C  N S 152 
ILE CG1  C  N N 153 
ILE CG2  C  N N 154 
ILE CD1  C  N N 155 
ILE OXT  O  N N 156 
ILE H    H  N N 157 
ILE H2   H  N N 158 
ILE HA   H  N N 159 
ILE HB   H  N N 160 
ILE HG12 H  N N 161 
ILE HG13 H  N N 162 
ILE HG21 H  N N 163 
ILE HG22 H  N N 164 
ILE HG23 H  N N 165 
ILE HD11 H  N N 166 
ILE HD12 H  N N 167 
ILE HD13 H  N N 168 
ILE HXT  H  N N 169 
LEU N    N  N N 170 
LEU CA   C  N S 171 
LEU C    C  N N 172 
LEU O    O  N N 173 
LEU CB   C  N N 174 
LEU CG   C  N N 175 
LEU CD1  C  N N 176 
LEU CD2  C  N N 177 
LEU OXT  O  N N 178 
LEU H    H  N N 179 
LEU H2   H  N N 180 
LEU HA   H  N N 181 
LEU HB2  H  N N 182 
LEU HB3  H  N N 183 
LEU HG   H  N N 184 
LEU HD11 H  N N 185 
LEU HD12 H  N N 186 
LEU HD13 H  N N 187 
LEU HD21 H  N N 188 
LEU HD22 H  N N 189 
LEU HD23 H  N N 190 
LEU HXT  H  N N 191 
LYS N    N  N N 192 
LYS CA   C  N S 193 
LYS C    C  N N 194 
LYS O    O  N N 195 
LYS CB   C  N N 196 
LYS CG   C  N N 197 
LYS CD   C  N N 198 
LYS CE   C  N N 199 
LYS NZ   N  N N 200 
LYS OXT  O  N N 201 
LYS H    H  N N 202 
LYS H2   H  N N 203 
LYS HA   H  N N 204 
LYS HB2  H  N N 205 
LYS HB3  H  N N 206 
LYS HG2  H  N N 207 
LYS HG3  H  N N 208 
LYS HD2  H  N N 209 
LYS HD3  H  N N 210 
LYS HE2  H  N N 211 
LYS HE3  H  N N 212 
LYS HZ1  H  N N 213 
LYS HZ2  H  N N 214 
LYS HZ3  H  N N 215 
LYS HXT  H  N N 216 
MET N    N  N N 217 
MET CA   C  N S 218 
MET C    C  N N 219 
MET O    O  N N 220 
MET CB   C  N N 221 
MET CG   C  N N 222 
MET SD   S  N N 223 
MET CE   C  N N 224 
MET OXT  O  N N 225 
MET H    H  N N 226 
MET H2   H  N N 227 
MET HA   H  N N 228 
MET HB2  H  N N 229 
MET HB3  H  N N 230 
MET HG2  H  N N 231 
MET HG3  H  N N 232 
MET HE1  H  N N 233 
MET HE2  H  N N 234 
MET HE3  H  N N 235 
MET HXT  H  N N 236 
PHE N    N  N N 237 
PHE CA   C  N S 238 
PHE C    C  N N 239 
PHE O    O  N N 240 
PHE CB   C  N N 241 
PHE CG   C  Y N 242 
PHE CD1  C  Y N 243 
PHE CD2  C  Y N 244 
PHE CE1  C  Y N 245 
PHE CE2  C  Y N 246 
PHE CZ   C  Y N 247 
PHE OXT  O  N N 248 
PHE H    H  N N 249 
PHE H2   H  N N 250 
PHE HA   H  N N 251 
PHE HB2  H  N N 252 
PHE HB3  H  N N 253 
PHE HD1  H  N N 254 
PHE HD2  H  N N 255 
PHE HE1  H  N N 256 
PHE HE2  H  N N 257 
PHE HZ   H  N N 258 
PHE HXT  H  N N 259 
PRO N    N  N N 260 
PRO CA   C  N S 261 
PRO C    C  N N 262 
PRO O    O  N N 263 
PRO CB   C  N N 264 
PRO CG   C  N N 265 
PRO CD   C  N N 266 
PRO OXT  O  N N 267 
PRO H    H  N N 268 
PRO HA   H  N N 269 
PRO HB2  H  N N 270 
PRO HB3  H  N N 271 
PRO HG2  H  N N 272 
PRO HG3  H  N N 273 
PRO HD2  H  N N 274 
PRO HD3  H  N N 275 
PRO HXT  H  N N 276 
RRS C1   C  N N 277 
RRS O2   O  N N 278 
RRS N1   N  N N 279 
RRS O1   O  N N 280 
RRS C2   C  N N 281 
RRS C3   C  N R 282 
RRS C4   C  N N 283 
RRS O3   O  N N 284 
RRS N2   N  N N 285 
RRS C5   C  N S 286 
RRS C6   C  N N 287 
RRS O4   O  N N 288 
RRS N3   N  N N 289 
RRS C7   C  N N 290 
RRS C8   C  N N 291 
RRS C9   C  N N 292 
RRS C10  C  N N 293 
RRS C11  C  N N 294 
RRS C12  C  N N 295 
RRS N4   N  Y N 296 
RRS C13  C  N N 297 
RRS C14  C  N N 298 
RRS C15  C  N N 299 
RRS C16  C  N N 300 
RRS C17  C  N N 301 
RRS C18  C  Y N 302 
RRS C19  C  Y N 303 
RRS C20  C  Y N 304 
RRS C21  C  Y N 305 
RRS C22  C  Y N 306 
RRS C23  C  Y N 307 
RRS C24  C  Y N 308 
RRS C25  C  Y N 309 
RRS HN1  H  N N 310 
RRS HO1  H  N N 311 
RRS H21  H  N N 312 
RRS H22A H  N N 313 
RRS H3   H  N N 314 
RRS HN2  H  N N 315 
RRS H5   H  N N 316 
RRS HN3  H  N N 317 
RRS H71  H  N N 318 
RRS H72  H  N N 319 
RRS H81  H  N N 320 
RRS H82  H  N N 321 
RRS H91  H  N N 322 
RRS H92  H  N N 323 
RRS H101 H  N N 324 
RRS H102 H  N N 325 
RRS H111 H  N N 326 
RRS H112 H  N N 327 
RRS H121 H  N N 328 
RRS H122 H  N N 329 
RRS H131 H  N N 330 
RRS H132 H  N N 331 
RRS H14  H  N N 332 
RRS H151 H  N N 333 
RRS H152 H  N N 334 
RRS H153 H  N N 335 
RRS H161 H  N N 336 
RRS H162 H  N N 337 
RRS H163 H  N N 338 
RRS H171 H  N N 339 
RRS H172 H  N N 340 
RRS H19  H  N N 341 
RRS H22  H  N N 342 
RRS H23  H  N N 343 
RRS H24  H  N N 344 
RRS H25  H  N N 345 
SER N    N  N N 346 
SER CA   C  N S 347 
SER C    C  N N 348 
SER O    O  N N 349 
SER CB   C  N N 350 
SER OG   O  N N 351 
SER OXT  O  N N 352 
SER H    H  N N 353 
SER H2   H  N N 354 
SER HA   H  N N 355 
SER HB2  H  N N 356 
SER HB3  H  N N 357 
SER HG   H  N N 358 
SER HXT  H  N N 359 
THR N    N  N N 360 
THR CA   C  N S 361 
THR C    C  N N 362 
THR O    O  N N 363 
THR CB   C  N R 364 
THR OG1  O  N N 365 
THR CG2  C  N N 366 
THR OXT  O  N N 367 
THR H    H  N N 368 
THR H2   H  N N 369 
THR HA   H  N N 370 
THR HB   H  N N 371 
THR HG1  H  N N 372 
THR HG21 H  N N 373 
THR HG22 H  N N 374 
THR HG23 H  N N 375 
THR HXT  H  N N 376 
TRP N    N  N N 377 
TRP CA   C  N S 378 
TRP C    C  N N 379 
TRP O    O  N N 380 
TRP CB   C  N N 381 
TRP CG   C  Y N 382 
TRP CD1  C  Y N 383 
TRP CD2  C  Y N 384 
TRP NE1  N  Y N 385 
TRP CE2  C  Y N 386 
TRP CE3  C  Y N 387 
TRP CZ2  C  Y N 388 
TRP CZ3  C  Y N 389 
TRP CH2  C  Y N 390 
TRP OXT  O  N N 391 
TRP H    H  N N 392 
TRP H2   H  N N 393 
TRP HA   H  N N 394 
TRP HB2  H  N N 395 
TRP HB3  H  N N 396 
TRP HD1  H  N N 397 
TRP HE1  H  N N 398 
TRP HE3  H  N N 399 
TRP HZ2  H  N N 400 
TRP HZ3  H  N N 401 
TRP HH2  H  N N 402 
TRP HXT  H  N N 403 
TYR N    N  N N 404 
TYR CA   C  N S 405 
TYR C    C  N N 406 
TYR O    O  N N 407 
TYR CB   C  N N 408 
TYR CG   C  Y N 409 
TYR CD1  C  Y N 410 
TYR CD2  C  Y N 411 
TYR CE1  C  Y N 412 
TYR CE2  C  Y N 413 
TYR CZ   C  Y N 414 
TYR OH   O  N N 415 
TYR OXT  O  N N 416 
TYR H    H  N N 417 
TYR H2   H  N N 418 
TYR HA   H  N N 419 
TYR HB2  H  N N 420 
TYR HB3  H  N N 421 
TYR HD1  H  N N 422 
TYR HD2  H  N N 423 
TYR HE1  H  N N 424 
TYR HE2  H  N N 425 
TYR HH   H  N N 426 
TYR HXT  H  N N 427 
VAL N    N  N N 428 
VAL CA   C  N S 429 
VAL C    C  N N 430 
VAL O    O  N N 431 
VAL CB   C  N N 432 
VAL CG1  C  N N 433 
VAL CG2  C  N N 434 
VAL OXT  O  N N 435 
VAL H    H  N N 436 
VAL H2   H  N N 437 
VAL HA   H  N N 438 
VAL HB   H  N N 439 
VAL HG11 H  N N 440 
VAL HG12 H  N N 441 
VAL HG13 H  N N 442 
VAL HG21 H  N N 443 
VAL HG22 H  N N 444 
VAL HG23 H  N N 445 
VAL HXT  H  N N 446 
ZN  ZN   ZN N N 447 
# 
loop_
_chem_comp_bond.comp_id 
_chem_comp_bond.atom_id_1 
_chem_comp_bond.atom_id_2 
_chem_comp_bond.value_order 
_chem_comp_bond.pdbx_aromatic_flag 
_chem_comp_bond.pdbx_stereo_config 
_chem_comp_bond.pdbx_ordinal 
ALA N   CA   sing N N 1   
ALA N   H    sing N N 2   
ALA N   H2   sing N N 3   
ALA CA  C    sing N N 4   
ALA CA  CB   sing N N 5   
ALA CA  HA   sing N N 6   
ALA C   O    doub N N 7   
ALA C   OXT  sing N N 8   
ALA CB  HB1  sing N N 9   
ALA CB  HB2  sing N N 10  
ALA CB  HB3  sing N N 11  
ALA OXT HXT  sing N N 12  
ARG N   CA   sing N N 13  
ARG N   H    sing N N 14  
ARG N   H2   sing N N 15  
ARG CA  C    sing N N 16  
ARG CA  CB   sing N N 17  
ARG CA  HA   sing N N 18  
ARG C   O    doub N N 19  
ARG C   OXT  sing N N 20  
ARG CB  CG   sing N N 21  
ARG CB  HB2  sing N N 22  
ARG CB  HB3  sing N N 23  
ARG CG  CD   sing N N 24  
ARG CG  HG2  sing N N 25  
ARG CG  HG3  sing N N 26  
ARG CD  NE   sing N N 27  
ARG CD  HD2  sing N N 28  
ARG CD  HD3  sing N N 29  
ARG NE  CZ   sing N N 30  
ARG NE  HE   sing N N 31  
ARG CZ  NH1  sing N N 32  
ARG CZ  NH2  doub N N 33  
ARG NH1 HH11 sing N N 34  
ARG NH1 HH12 sing N N 35  
ARG NH2 HH21 sing N N 36  
ARG NH2 HH22 sing N N 37  
ARG OXT HXT  sing N N 38  
ASN N   CA   sing N N 39  
ASN N   H    sing N N 40  
ASN N   H2   sing N N 41  
ASN CA  C    sing N N 42  
ASN CA  CB   sing N N 43  
ASN CA  HA   sing N N 44  
ASN C   O    doub N N 45  
ASN C   OXT  sing N N 46  
ASN CB  CG   sing N N 47  
ASN CB  HB2  sing N N 48  
ASN CB  HB3  sing N N 49  
ASN CG  OD1  doub N N 50  
ASN CG  ND2  sing N N 51  
ASN ND2 HD21 sing N N 52  
ASN ND2 HD22 sing N N 53  
ASN OXT HXT  sing N N 54  
ASP N   CA   sing N N 55  
ASP N   H    sing N N 56  
ASP N   H2   sing N N 57  
ASP CA  C    sing N N 58  
ASP CA  CB   sing N N 59  
ASP CA  HA   sing N N 60  
ASP C   O    doub N N 61  
ASP C   OXT  sing N N 62  
ASP CB  CG   sing N N 63  
ASP CB  HB2  sing N N 64  
ASP CB  HB3  sing N N 65  
ASP CG  OD1  doub N N 66  
ASP CG  OD2  sing N N 67  
ASP OD2 HD2  sing N N 68  
ASP OXT HXT  sing N N 69  
GLN N   CA   sing N N 70  
GLN N   H    sing N N 71  
GLN N   H2   sing N N 72  
GLN CA  C    sing N N 73  
GLN CA  CB   sing N N 74  
GLN CA  HA   sing N N 75  
GLN C   O    doub N N 76  
GLN C   OXT  sing N N 77  
GLN CB  CG   sing N N 78  
GLN CB  HB2  sing N N 79  
GLN CB  HB3  sing N N 80  
GLN CG  CD   sing N N 81  
GLN CG  HG2  sing N N 82  
GLN CG  HG3  sing N N 83  
GLN CD  OE1  doub N N 84  
GLN CD  NE2  sing N N 85  
GLN NE2 HE21 sing N N 86  
GLN NE2 HE22 sing N N 87  
GLN OXT HXT  sing N N 88  
GLU N   CA   sing N N 89  
GLU N   H    sing N N 90  
GLU N   H2   sing N N 91  
GLU CA  C    sing N N 92  
GLU CA  CB   sing N N 93  
GLU CA  HA   sing N N 94  
GLU C   O    doub N N 95  
GLU C   OXT  sing N N 96  
GLU CB  CG   sing N N 97  
GLU CB  HB2  sing N N 98  
GLU CB  HB3  sing N N 99  
GLU CG  CD   sing N N 100 
GLU CG  HG2  sing N N 101 
GLU CG  HG3  sing N N 102 
GLU CD  OE1  doub N N 103 
GLU CD  OE2  sing N N 104 
GLU OE2 HE2  sing N N 105 
GLU OXT HXT  sing N N 106 
GLY N   CA   sing N N 107 
GLY N   H    sing N N 108 
GLY N   H2   sing N N 109 
GLY CA  C    sing N N 110 
GLY CA  HA2  sing N N 111 
GLY CA  HA3  sing N N 112 
GLY C   O    doub N N 113 
GLY C   OXT  sing N N 114 
GLY OXT HXT  sing N N 115 
HIS N   CA   sing N N 116 
HIS N   H    sing N N 117 
HIS N   H2   sing N N 118 
HIS CA  C    sing N N 119 
HIS CA  CB   sing N N 120 
HIS CA  HA   sing N N 121 
HIS C   O    doub N N 122 
HIS C   OXT  sing N N 123 
HIS CB  CG   sing N N 124 
HIS CB  HB2  sing N N 125 
HIS CB  HB3  sing N N 126 
HIS CG  ND1  sing Y N 127 
HIS CG  CD2  doub Y N 128 
HIS ND1 CE1  doub Y N 129 
HIS ND1 HD1  sing N N 130 
HIS CD2 NE2  sing Y N 131 
HIS CD2 HD2  sing N N 132 
HIS CE1 NE2  sing Y N 133 
HIS CE1 HE1  sing N N 134 
HIS NE2 HE2  sing N N 135 
HIS OXT HXT  sing N N 136 
HOH O   H1   sing N N 137 
HOH O   H2   sing N N 138 
ILE N   CA   sing N N 139 
ILE N   H    sing N N 140 
ILE N   H2   sing N N 141 
ILE CA  C    sing N N 142 
ILE CA  CB   sing N N 143 
ILE CA  HA   sing N N 144 
ILE C   O    doub N N 145 
ILE C   OXT  sing N N 146 
ILE CB  CG1  sing N N 147 
ILE CB  CG2  sing N N 148 
ILE CB  HB   sing N N 149 
ILE CG1 CD1  sing N N 150 
ILE CG1 HG12 sing N N 151 
ILE CG1 HG13 sing N N 152 
ILE CG2 HG21 sing N N 153 
ILE CG2 HG22 sing N N 154 
ILE CG2 HG23 sing N N 155 
ILE CD1 HD11 sing N N 156 
ILE CD1 HD12 sing N N 157 
ILE CD1 HD13 sing N N 158 
ILE OXT HXT  sing N N 159 
LEU N   CA   sing N N 160 
LEU N   H    sing N N 161 
LEU N   H2   sing N N 162 
LEU CA  C    sing N N 163 
LEU CA  CB   sing N N 164 
LEU CA  HA   sing N N 165 
LEU C   O    doub N N 166 
LEU C   OXT  sing N N 167 
LEU CB  CG   sing N N 168 
LEU CB  HB2  sing N N 169 
LEU CB  HB3  sing N N 170 
LEU CG  CD1  sing N N 171 
LEU CG  CD2  sing N N 172 
LEU CG  HG   sing N N 173 
LEU CD1 HD11 sing N N 174 
LEU CD1 HD12 sing N N 175 
LEU CD1 HD13 sing N N 176 
LEU CD2 HD21 sing N N 177 
LEU CD2 HD22 sing N N 178 
LEU CD2 HD23 sing N N 179 
LEU OXT HXT  sing N N 180 
LYS N   CA   sing N N 181 
LYS N   H    sing N N 182 
LYS N   H2   sing N N 183 
LYS CA  C    sing N N 184 
LYS CA  CB   sing N N 185 
LYS CA  HA   sing N N 186 
LYS C   O    doub N N 187 
LYS C   OXT  sing N N 188 
LYS CB  CG   sing N N 189 
LYS CB  HB2  sing N N 190 
LYS CB  HB3  sing N N 191 
LYS CG  CD   sing N N 192 
LYS CG  HG2  sing N N 193 
LYS CG  HG3  sing N N 194 
LYS CD  CE   sing N N 195 
LYS CD  HD2  sing N N 196 
LYS CD  HD3  sing N N 197 
LYS CE  NZ   sing N N 198 
LYS CE  HE2  sing N N 199 
LYS CE  HE3  sing N N 200 
LYS NZ  HZ1  sing N N 201 
LYS NZ  HZ2  sing N N 202 
LYS NZ  HZ3  sing N N 203 
LYS OXT HXT  sing N N 204 
MET N   CA   sing N N 205 
MET N   H    sing N N 206 
MET N   H2   sing N N 207 
MET CA  C    sing N N 208 
MET CA  CB   sing N N 209 
MET CA  HA   sing N N 210 
MET C   O    doub N N 211 
MET C   OXT  sing N N 212 
MET CB  CG   sing N N 213 
MET CB  HB2  sing N N 214 
MET CB  HB3  sing N N 215 
MET CG  SD   sing N N 216 
MET CG  HG2  sing N N 217 
MET CG  HG3  sing N N 218 
MET SD  CE   sing N N 219 
MET CE  HE1  sing N N 220 
MET CE  HE2  sing N N 221 
MET CE  HE3  sing N N 222 
MET OXT HXT  sing N N 223 
PHE N   CA   sing N N 224 
PHE N   H    sing N N 225 
PHE N   H2   sing N N 226 
PHE CA  C    sing N N 227 
PHE CA  CB   sing N N 228 
PHE CA  HA   sing N N 229 
PHE C   O    doub N N 230 
PHE C   OXT  sing N N 231 
PHE CB  CG   sing N N 232 
PHE CB  HB2  sing N N 233 
PHE CB  HB3  sing N N 234 
PHE CG  CD1  doub Y N 235 
PHE CG  CD2  sing Y N 236 
PHE CD1 CE1  sing Y N 237 
PHE CD1 HD1  sing N N 238 
PHE CD2 CE2  doub Y N 239 
PHE CD2 HD2  sing N N 240 
PHE CE1 CZ   doub Y N 241 
PHE CE1 HE1  sing N N 242 
PHE CE2 CZ   sing Y N 243 
PHE CE2 HE2  sing N N 244 
PHE CZ  HZ   sing N N 245 
PHE OXT HXT  sing N N 246 
PRO N   CA   sing N N 247 
PRO N   CD   sing N N 248 
PRO N   H    sing N N 249 
PRO CA  C    sing N N 250 
PRO CA  CB   sing N N 251 
PRO CA  HA   sing N N 252 
PRO C   O    doub N N 253 
PRO C   OXT  sing N N 254 
PRO CB  CG   sing N N 255 
PRO CB  HB2  sing N N 256 
PRO CB  HB3  sing N N 257 
PRO CG  CD   sing N N 258 
PRO CG  HG2  sing N N 259 
PRO CG  HG3  sing N N 260 
PRO CD  HD2  sing N N 261 
PRO CD  HD3  sing N N 262 
PRO OXT HXT  sing N N 263 
RRS C1  O2   doub N N 264 
RRS C1  N1   sing N N 265 
RRS C1  C2   sing N N 266 
RRS N1  O1   sing N N 267 
RRS N1  HN1  sing N N 268 
RRS O1  HO1  sing N N 269 
RRS C2  C3   sing N N 270 
RRS C2  H21  sing N N 271 
RRS C2  H22A sing N N 272 
RRS C3  C4   sing N N 273 
RRS C3  C13  sing N N 274 
RRS C3  H3   sing N N 275 
RRS C4  O3   doub N N 276 
RRS C4  N2   sing N N 277 
RRS N2  C5   sing N N 278 
RRS N2  HN2  sing N N 279 
RRS C5  C6   sing N N 280 
RRS C5  C17  sing N N 281 
RRS C5  H5   sing N N 282 
RRS C6  O4   doub N N 283 
RRS C6  N3   sing N N 284 
RRS N3  C7   sing N N 285 
RRS N3  HN3  sing N N 286 
RRS C7  C8   sing N N 287 
RRS C7  H71  sing N N 288 
RRS C7  H72  sing N N 289 
RRS C8  C9   sing N N 290 
RRS C8  H81  sing N N 291 
RRS C8  H82  sing N N 292 
RRS C9  C10  sing N N 293 
RRS C9  H91  sing N N 294 
RRS C9  H92  sing N N 295 
RRS C10 C11  sing N N 296 
RRS C10 H101 sing N N 297 
RRS C10 H102 sing N N 298 
RRS C11 C12  sing N N 299 
RRS C11 H111 sing N N 300 
RRS C11 H112 sing N N 301 
RRS C12 N4   sing N N 302 
RRS C12 H121 sing N N 303 
RRS C12 H122 sing N N 304 
RRS N4  C19  sing Y N 305 
RRS N4  C21  sing Y N 306 
RRS C13 C14  sing N N 307 
RRS C13 H131 sing N N 308 
RRS C13 H132 sing N N 309 
RRS C14 C15  sing N N 310 
RRS C14 C16  sing N N 311 
RRS C14 H14  sing N N 312 
RRS C15 H151 sing N N 313 
RRS C15 H152 sing N N 314 
RRS C15 H153 sing N N 315 
RRS C16 H161 sing N N 316 
RRS C16 H162 sing N N 317 
RRS C16 H163 sing N N 318 
RRS C17 C18  sing N N 319 
RRS C17 H171 sing N N 320 
RRS C17 H172 sing N N 321 
RRS C18 C19  doub Y N 322 
RRS C18 C20  sing Y N 323 
RRS C19 H19  sing N N 324 
RRS C20 C21  doub Y N 325 
RRS C20 C22  sing Y N 326 
RRS C21 C23  sing Y N 327 
RRS C22 C24  doub Y N 328 
RRS C22 H22  sing N N 329 
RRS C23 C25  doub Y N 330 
RRS C23 H23  sing N N 331 
RRS C24 C25  sing Y N 332 
RRS C24 H24  sing N N 333 
RRS C25 H25  sing N N 334 
SER N   CA   sing N N 335 
SER N   H    sing N N 336 
SER N   H2   sing N N 337 
SER CA  C    sing N N 338 
SER CA  CB   sing N N 339 
SER CA  HA   sing N N 340 
SER C   O    doub N N 341 
SER C   OXT  sing N N 342 
SER CB  OG   sing N N 343 
SER CB  HB2  sing N N 344 
SER CB  HB3  sing N N 345 
SER OG  HG   sing N N 346 
SER OXT HXT  sing N N 347 
THR N   CA   sing N N 348 
THR N   H    sing N N 349 
THR N   H2   sing N N 350 
THR CA  C    sing N N 351 
THR CA  CB   sing N N 352 
THR CA  HA   sing N N 353 
THR C   O    doub N N 354 
THR C   OXT  sing N N 355 
THR CB  OG1  sing N N 356 
THR CB  CG2  sing N N 357 
THR CB  HB   sing N N 358 
THR OG1 HG1  sing N N 359 
THR CG2 HG21 sing N N 360 
THR CG2 HG22 sing N N 361 
THR CG2 HG23 sing N N 362 
THR OXT HXT  sing N N 363 
TRP N   CA   sing N N 364 
TRP N   H    sing N N 365 
TRP N   H2   sing N N 366 
TRP CA  C    sing N N 367 
TRP CA  CB   sing N N 368 
TRP CA  HA   sing N N 369 
TRP C   O    doub N N 370 
TRP C   OXT  sing N N 371 
TRP CB  CG   sing N N 372 
TRP CB  HB2  sing N N 373 
TRP CB  HB3  sing N N 374 
TRP CG  CD1  doub Y N 375 
TRP CG  CD2  sing Y N 376 
TRP CD1 NE1  sing Y N 377 
TRP CD1 HD1  sing N N 378 
TRP CD2 CE2  doub Y N 379 
TRP CD2 CE3  sing Y N 380 
TRP NE1 CE2  sing Y N 381 
TRP NE1 HE1  sing N N 382 
TRP CE2 CZ2  sing Y N 383 
TRP CE3 CZ3  doub Y N 384 
TRP CE3 HE3  sing N N 385 
TRP CZ2 CH2  doub Y N 386 
TRP CZ2 HZ2  sing N N 387 
TRP CZ3 CH2  sing Y N 388 
TRP CZ3 HZ3  sing N N 389 
TRP CH2 HH2  sing N N 390 
TRP OXT HXT  sing N N 391 
TYR N   CA   sing N N 392 
TYR N   H    sing N N 393 
TYR N   H2   sing N N 394 
TYR CA  C    sing N N 395 
TYR CA  CB   sing N N 396 
TYR CA  HA   sing N N 397 
TYR C   O    doub N N 398 
TYR C   OXT  sing N N 399 
TYR CB  CG   sing N N 400 
TYR CB  HB2  sing N N 401 
TYR CB  HB3  sing N N 402 
TYR CG  CD1  doub Y N 403 
TYR CG  CD2  sing Y N 404 
TYR CD1 CE1  sing Y N 405 
TYR CD1 HD1  sing N N 406 
TYR CD2 CE2  doub Y N 407 
TYR CD2 HD2  sing N N 408 
TYR CE1 CZ   doub Y N 409 
TYR CE1 HE1  sing N N 410 
TYR CE2 CZ   sing Y N 411 
TYR CE2 HE2  sing N N 412 
TYR CZ  OH   sing N N 413 
TYR OH  HH   sing N N 414 
TYR OXT HXT  sing N N 415 
VAL N   CA   sing N N 416 
VAL N   H    sing N N 417 
VAL N   H2   sing N N 418 
VAL CA  C    sing N N 419 
VAL CA  CB   sing N N 420 
VAL CA  HA   sing N N 421 
VAL C   O    doub N N 422 
VAL C   OXT  sing N N 423 
VAL CB  CG1  sing N N 424 
VAL CB  CG2  sing N N 425 
VAL CB  HB   sing N N 426 
VAL CG1 HG11 sing N N 427 
VAL CG1 HG12 sing N N 428 
VAL CG1 HG13 sing N N 429 
VAL CG2 HG21 sing N N 430 
VAL CG2 HG22 sing N N 431 
VAL CG2 HG23 sing N N 432 
VAL OXT HXT  sing N N 433 
# 
_atom_sites.entry_id                    1MMQ 
_atom_sites.fract_transf_matrix[1][1]   0.01395447 
_atom_sites.fract_transf_matrix[1][2]   0.00140595 
_atom_sites.fract_transf_matrix[1][3]   -0.01229931 
_atom_sites.fract_transf_matrix[2][1]   0.00504045 
_atom_sites.fract_transf_matrix[2][2]   -0.01483539 
_atom_sites.fract_transf_matrix[2][3]   -0.01012308 
_atom_sites.fract_transf_matrix[3][1]   -0.00741740 
_atom_sites.fract_transf_matrix[3][2]   0.00298917 
_atom_sites.fract_transf_matrix[3][3]   -0.00807388 
_atom_sites.fract_transf_vector[1]      0.408953 
_atom_sites.fract_transf_vector[2]      -0.743953 
_atom_sites.fract_transf_vector[3]      0.681820 
# 
loop_
_atom_type.symbol 
C  
CA 
N  
O  
S  
ZN 
# 
loop_
_atom_site.group_PDB 
_atom_site.id 
_atom_site.type_symbol 
_atom_site.label_atom_id 
_atom_site.label_alt_id 
_atom_site.label_comp_id 
_atom_site.label_asym_id 
_atom_site.label_entity_id 
_atom_site.label_seq_id 
_atom_site.pdbx_PDB_ins_code 
_atom_site.Cartn_x 
_atom_site.Cartn_y 
_atom_site.Cartn_z 
_atom_site.occupancy 
_atom_site.B_iso_or_equiv 
_atom_site.pdbx_formal_charge 
_atom_site.auth_seq_id 
_atom_site.auth_comp_id 
_atom_site.auth_asym_id 
_atom_site.auth_atom_id 
_atom_site.pdbx_PDB_model_num 
ATOM   1    N  N   . TYR A 1 1   ? -7.016  -9.467  12.603  1.00 25.99 ? 100 TYR A N   1 
ATOM   2    C  CA  . TYR A 1 1   ? -6.764  -8.168  11.981  1.00 27.76 ? 100 TYR A CA  1 
ATOM   3    C  C   . TYR A 1 1   ? -6.901  -7.082  13.007  1.00 26.80 ? 100 TYR A C   1 
ATOM   4    O  O   . TYR A 1 1   ? -7.381  -7.353  14.110  1.00 26.96 ? 100 TYR A O   1 
ATOM   5    C  CB  . TYR A 1 1   ? -7.773  -7.872  10.834  1.00 28.54 ? 100 TYR A CB  1 
ATOM   6    C  CG  . TYR A 1 1   ? -9.164  -7.729  11.290  1.00 31.89 ? 100 TYR A CG  1 
ATOM   7    C  CD1 . TYR A 1 1   ? -9.627  -6.470  11.716  1.00 32.26 ? 100 TYR A CD1 1 
ATOM   8    C  CD2 . TYR A 1 1   ? -10.012 -8.846  11.279  1.00 33.17 ? 100 TYR A CD2 1 
ATOM   9    C  CE1 . TYR A 1 1   ? -10.957 -6.328  12.133  1.00 35.36 ? 100 TYR A CE1 1 
ATOM   10   C  CE2 . TYR A 1 1   ? -11.341 -8.698  11.694  1.00 34.58 ? 100 TYR A CE2 1 
ATOM   11   C  CZ  . TYR A 1 1   ? -11.814 -7.443  12.117  1.00 36.04 ? 100 TYR A CZ  1 
ATOM   12   O  OH  . TYR A 1 1   ? -13.150 -7.285  12.473  1.00 41.06 ? 100 TYR A OH  1 
ATOM   13   N  N   . SER A 1 2   ? -6.532  -5.858  12.678  1.00 25.44 ? 101 SER A N   1 
ATOM   14   C  CA  . SER A 1 2   ? -6.691  -4.725  13.596  1.00 24.54 ? 101 SER A CA  1 
ATOM   15   C  C   . SER A 1 2   ? -6.929  -3.519  12.714  1.00 22.82 ? 101 SER A C   1 
ATOM   16   O  O   . SER A 1 2   ? -6.581  -3.530  11.525  1.00 22.76 ? 101 SER A O   1 
ATOM   17   C  CB  . SER A 1 2   ? -5.430  -4.486  14.453  1.00 20.77 ? 101 SER A CB  1 
ATOM   18   O  OG  . SER A 1 2   ? -4.309  -4.145  13.628  1.00 30.17 ? 101 SER A OG  1 
ATOM   19   N  N   . LEU A 1 3   ? -7.596  -2.514  13.225  1.00 21.97 ? 102 LEU A N   1 
ATOM   20   C  CA  . LEU A 1 3   ? -7.846  -1.294  12.450  1.00 22.45 ? 102 LEU A CA  1 
ATOM   21   C  C   . LEU A 1 3   ? -7.112  -0.188  13.174  1.00 23.19 ? 102 LEU A C   1 
ATOM   22   O  O   . LEU A 1 3   ? -6.528  -0.440  14.236  1.00 28.67 ? 102 LEU A O   1 
ATOM   23   C  CB  . LEU A 1 3   ? -9.346  -1.004  12.416  1.00 21.87 ? 102 LEU A CB  1 
ATOM   24   C  CG  . LEU A 1 3   ? -10.189 -2.173  11.886  1.00 23.21 ? 102 LEU A CG  1 
ATOM   25   C  CD1 . LEU A 1 3   ? -11.656 -1.818  12.180  1.00 24.65 ? 102 LEU A CD1 1 
ATOM   26   C  CD2 . LEU A 1 3   ? -9.881  -2.473  10.395  1.00 18.16 ? 102 LEU A CD2 1 
ATOM   27   N  N   . PHE A 1 4   ? -7.061  1.026   12.636  1.00 25.22 ? 103 PHE A N   1 
ATOM   28   C  CA  . PHE A 1 4   ? -6.355  2.086   13.371  1.00 25.86 ? 103 PHE A CA  1 
ATOM   29   C  C   . PHE A 1 4   ? -7.236  2.542   14.549  1.00 26.73 ? 103 PHE A C   1 
ATOM   30   O  O   . PHE A 1 4   ? -8.465  2.359   14.510  1.00 23.12 ? 103 PHE A O   1 
ATOM   31   C  CB  . PHE A 1 4   ? -6.050  3.282   12.419  1.00 21.48 ? 103 PHE A CB  1 
ATOM   32   C  CG  . PHE A 1 4   ? -4.936  2.987   11.503  1.00 21.91 ? 103 PHE A CG  1 
ATOM   33   C  CD1 . PHE A 1 4   ? -3.604  3.105   11.952  1.00 23.86 ? 103 PHE A CD1 1 
ATOM   34   C  CD2 . PHE A 1 4   ? -5.200  2.599   10.182  1.00 18.24 ? 103 PHE A CD2 1 
ATOM   35   C  CE1 . PHE A 1 4   ? -2.544  2.831   11.065  1.00 25.50 ? 103 PHE A CE1 1 
ATOM   36   C  CE2 . PHE A 1 4   ? -4.144  2.328   9.300   1.00 18.75 ? 103 PHE A CE2 1 
ATOM   37   C  CZ  . PHE A 1 4   ? -2.818  2.442   9.740   1.00 21.41 ? 103 PHE A CZ  1 
ATOM   38   N  N   . PRO A 1 5   ? -6.669  3.160   15.607  1.00 30.27 ? 104 PRO A N   1 
ATOM   39   C  CA  . PRO A 1 5   ? -7.506  3.768   16.653  1.00 32.69 ? 104 PRO A CA  1 
ATOM   40   C  C   . PRO A 1 5   ? -8.508  4.694   15.987  1.00 34.67 ? 104 PRO A C   1 
ATOM   41   O  O   . PRO A 1 5   ? -8.180  5.449   15.069  1.00 33.31 ? 104 PRO A O   1 
ATOM   42   C  CB  . PRO A 1 5   ? -6.565  4.530   17.581  1.00 29.79 ? 104 PRO A CB  1 
ATOM   43   C  CG  . PRO A 1 5   ? -5.269  3.759   17.373  1.00 33.95 ? 104 PRO A CG  1 
ATOM   44   C  CD  . PRO A 1 5   ? -5.246  3.448   15.867  1.00 30.33 ? 104 PRO A CD  1 
ATOM   45   N  N   . ASN A 1 6   ? -9.733  4.632   16.498  1.00 36.33 ? 105 ASN A N   1 
ATOM   46   C  CA  . ASN A 1 6   ? -10.897 5.415   16.034  1.00 36.41 ? 105 ASN A CA  1 
ATOM   47   C  C   . ASN A 1 6   ? -11.380 5.020   14.636  1.00 34.65 ? 105 ASN A C   1 
ATOM   48   O  O   . ASN A 1 6   ? -12.216 5.700   14.037  1.00 36.74 ? 105 ASN A O   1 
ATOM   49   C  CB  . ASN A 1 6   ? -10.582 6.946   16.060  1.00 38.39 ? 105 ASN A CB  1 
ATOM   50   N  N   . SER A 1 7   ? -10.882 3.897   14.111  1.00 30.89 ? 106 SER A N   1 
ATOM   51   C  CA  . SER A 1 7   ? -11.308 3.369   12.803  1.00 29.10 ? 106 SER A CA  1 
ATOM   52   C  C   . SER A 1 7   ? -11.473 4.419   11.707  1.00 25.71 ? 106 SER A C   1 
ATOM   53   O  O   . SER A 1 7   ? -12.550 4.496   11.066  1.00 22.22 ? 106 SER A O   1 
ATOM   54   C  CB  . SER A 1 7   ? -12.638 2.609   13.018  1.00 34.75 ? 106 SER A CB  1 
ATOM   55   O  OG  . SER A 1 7   ? -12.570 1.754   14.171  1.00 41.57 ? 106 SER A OG  1 
ATOM   56   N  N   . PRO A 1 8   ? -10.439 5.234   11.437  1.00 22.72 ? 107 PRO A N   1 
ATOM   57   C  CA  . PRO A 1 8   ? -10.516 6.186   10.316  1.00 21.39 ? 107 PRO A CA  1 
ATOM   58   C  C   . PRO A 1 8   ? -10.740 5.418   9.026   1.00 22.82 ? 107 PRO A C   1 
ATOM   59   O  O   . PRO A 1 8   ? -10.238 4.299   8.870   1.00 24.95 ? 107 PRO A O   1 
ATOM   60   C  CB  . PRO A 1 8   ? -9.189  6.946   10.348  1.00 21.17 ? 107 PRO A CB  1 
ATOM   61   C  CG  . PRO A 1 8   ? -8.246  5.959   11.008  1.00 21.87 ? 107 PRO A CG  1 
ATOM   62   C  CD  . PRO A 1 8   ? -9.119  5.287   12.086  1.00 20.69 ? 107 PRO A CD  1 
ATOM   63   N  N   . LYS A 1 9   ? -11.481 5.987   8.086   1.00 21.84 ? 108 LYS A N   1 
ATOM   64   C  CA  . LYS A 1 9   ? -11.763 5.326   6.802   1.00 23.13 ? 108 LYS A CA  1 
ATOM   65   C  C   . LYS A 1 9   ? -12.196 6.409   5.822   1.00 21.86 ? 108 LYS A C   1 
ATOM   66   O  O   . LYS A 1 9   ? -12.514 7.526   6.246   1.00 24.08 ? 108 LYS A O   1 
ATOM   67   C  CB  . LYS A 1 9   ? -12.914 4.290   6.960   1.00 25.18 ? 108 LYS A CB  1 
ATOM   68   C  CG  . LYS A 1 9   ? -14.295 4.970   7.143   1.00 28.51 ? 108 LYS A CG  1 
ATOM   69   C  CD  . LYS A 1 9   ? -15.458 4.025   7.440   1.00 37.63 ? 108 LYS A CD  1 
ATOM   70   C  CE  . LYS A 1 9   ? -15.279 3.202   8.753   1.00 47.88 ? 108 LYS A CE  1 
ATOM   71   N  NZ  . LYS A 1 9   ? -14.932 4.006   9.960   1.00 53.82 ? 108 LYS A NZ  1 
ATOM   72   N  N   . TRP A 1 10  ? -12.175 6.143   4.537   1.00 19.66 ? 109 TRP A N   1 
ATOM   73   C  CA  . TRP A 1 10  ? -12.628 7.142   3.574   1.00 20.86 ? 109 TRP A CA  1 
ATOM   74   C  C   . TRP A 1 10  ? -14.148 7.120   3.605   1.00 23.69 ? 109 TRP A C   1 
ATOM   75   O  O   . TRP A 1 10  ? -14.736 6.054   3.793   1.00 22.03 ? 109 TRP A O   1 
ATOM   76   C  CB  . TRP A 1 10  ? -12.136 6.790   2.156   1.00 19.32 ? 109 TRP A CB  1 
ATOM   77   C  CG  . TRP A 1 10  ? -10.650 6.738   2.127   1.00 23.76 ? 109 TRP A CG  1 
ATOM   78   C  CD1 . TRP A 1 10  ? -9.830  5.584   2.078   1.00 20.90 ? 109 TRP A CD1 1 
ATOM   79   C  CD2 . TRP A 1 10  ? -9.754  7.836   2.214   1.00 21.52 ? 109 TRP A CD2 1 
ATOM   80   N  NE1 . TRP A 1 10  ? -8.506  5.919   2.135   1.00 17.36 ? 109 TRP A NE1 1 
ATOM   81   C  CE2 . TRP A 1 10  ? -8.427  7.286   2.221   1.00 19.88 ? 109 TRP A CE2 1 
ATOM   82   C  CE3 . TRP A 1 10  ? -9.956  9.228   2.294   1.00 16.86 ? 109 TRP A CE3 1 
ATOM   83   C  CZ2 . TRP A 1 10  ? -7.327  8.154   2.307   1.00 16.05 ? 109 TRP A CZ2 1 
ATOM   84   C  CZ3 . TRP A 1 10  ? -8.839  10.078  2.384   1.00 15.73 ? 109 TRP A CZ3 1 
ATOM   85   C  CH2 . TRP A 1 10  ? -7.536  9.542   2.392   1.00 18.50 ? 109 TRP A CH2 1 
ATOM   86   N  N   . THR A 1 11  ? -14.803 8.273   3.486   1.00 26.60 ? 110 THR A N   1 
ATOM   87   C  CA  . THR A 1 11  ? -16.283 8.326   3.461   1.00 29.62 ? 110 THR A CA  1 
ATOM   88   C  C   . THR A 1 11  ? -16.805 8.511   2.027   1.00 29.58 ? 110 THR A C   1 
ATOM   89   O  O   . THR A 1 11  ? -17.953 8.216   1.716   1.00 35.00 ? 110 THR A O   1 
ATOM   90   C  CB  . THR A 1 11  ? -16.778 9.468   4.417   1.00 30.33 ? 110 THR A CB  1 
ATOM   91   O  OG1 . THR A 1 11  ? -15.926 10.631  4.389   1.00 35.33 ? 110 THR A OG1 1 
ATOM   92   C  CG2 . THR A 1 11  ? -16.788 8.914   5.848   1.00 33.49 ? 110 THR A CG2 1 
ATOM   93   N  N   . SER A 1 12  ? -15.991 9.041   1.124   1.00 27.70 ? 111 SER A N   1 
ATOM   94   C  CA  . SER A 1 12  ? -16.382 9.237   -0.277  1.00 30.50 ? 111 SER A CA  1 
ATOM   95   C  C   . SER A 1 12  ? -16.636 7.917   -0.995  1.00 31.03 ? 111 SER A C   1 
ATOM   96   O  O   . SER A 1 12  ? -16.125 6.865   -0.608  1.00 33.65 ? 111 SER A O   1 
ATOM   97   C  CB  . SER A 1 12  ? -15.264 9.997   -1.001  1.00 32.29 ? 111 SER A CB  1 
ATOM   98   O  OG  . SER A 1 12  ? -13.969 9.715   -0.413  1.00 39.96 ? 111 SER A OG  1 
ATOM   99   N  N   . LYS A 1 13  ? -17.428 7.952   -2.061  1.00 32.07 ? 112 LYS A N   1 
ATOM   100  C  CA  . LYS A 1 13  ? -17.726 6.747   -2.867  1.00 31.23 ? 112 LYS A CA  1 
ATOM   101  C  C   . LYS A 1 13  ? -16.510 6.402   -3.736  1.00 30.78 ? 112 LYS A C   1 
ATOM   102  O  O   . LYS A 1 13  ? -16.282 5.253   -4.139  1.00 28.18 ? 112 LYS A O   1 
ATOM   103  C  CB  . LYS A 1 13  ? -18.949 7.015   -3.781  1.00 34.74 ? 112 LYS A CB  1 
ATOM   104  N  N   . VAL A 1 14  ? -15.761 7.439   -4.123  1.00 26.28 ? 113 VAL A N   1 
ATOM   105  C  CA  . VAL A 1 14  ? -14.569 7.232   -4.935  1.00 27.51 ? 113 VAL A CA  1 
ATOM   106  C  C   . VAL A 1 14  ? -13.407 7.894   -4.206  1.00 26.46 ? 113 VAL A C   1 
ATOM   107  O  O   . VAL A 1 14  ? -13.543 8.944   -3.565  1.00 24.13 ? 113 VAL A O   1 
ATOM   108  C  CB  . VAL A 1 14  ? -14.787 7.828   -6.354  1.00 31.78 ? 113 VAL A CB  1 
ATOM   109  C  CG1 . VAL A 1 14  ? -15.023 9.346   -6.332  1.00 41.79 ? 113 VAL A CG1 1 
ATOM   110  C  CG2 . VAL A 1 14  ? -13.542 7.502   -7.186  1.00 34.33 ? 113 VAL A CG2 1 
ATOM   111  N  N   . VAL A 1 15  ? -12.271 7.230   -4.243  1.00 23.25 ? 114 VAL A N   1 
ATOM   112  C  CA  . VAL A 1 15  ? -11.044 7.691   -3.589  1.00 22.33 ? 114 VAL A CA  1 
ATOM   113  C  C   . VAL A 1 15  ? -10.061 7.918   -4.708  1.00 19.30 ? 114 VAL A C   1 
ATOM   114  O  O   . VAL A 1 15  ? -9.964  7.074   -5.607  1.00 18.77 ? 114 VAL A O   1 
ATOM   115  C  CB  . VAL A 1 15  ? -10.551 6.581   -2.610  1.00 22.82 ? 114 VAL A CB  1 
ATOM   116  C  CG1 . VAL A 1 15  ? -9.239  6.968   -1.901  1.00 23.45 ? 114 VAL A CG1 1 
ATOM   117  C  CG2 . VAL A 1 15  ? -11.659 6.356   -1.562  1.00 24.26 ? 114 VAL A CG2 1 
ATOM   118  N  N   . THR A 1 16  ? -9.398  9.055   -4.751  1.00 14.49 ? 115 THR A N   1 
ATOM   119  C  CA  . THR A 1 16  ? -8.436  9.259   -5.828  1.00 15.37 ? 115 THR A CA  1 
ATOM   120  C  C   . THR A 1 16  ? -7.049  8.883   -5.383  1.00 12.25 ? 115 THR A C   1 
ATOM   121  O  O   . THR A 1 16  ? -6.746  8.914   -4.186  1.00 11.74 ? 115 THR A O   1 
ATOM   122  C  CB  . THR A 1 16  ? -8.431  10.730  -6.277  1.00 16.85 ? 115 THR A CB  1 
ATOM   123  O  OG1 . THR A 1 16  ? -8.212  11.603  -5.152  1.00 15.87 ? 115 THR A OG1 1 
ATOM   124  C  CG2 . THR A 1 16  ? -9.757  11.006  -7.012  1.00 18.08 ? 115 THR A CG2 1 
ATOM   125  N  N   . TYR A 1 17  ? -6.176  8.614   -6.328  1.00 11.92 ? 116 TYR A N   1 
ATOM   126  C  CA  . TYR A 1 17  ? -4.797  8.289   -5.996  1.00 13.98 ? 116 TYR A CA  1 
ATOM   127  C  C   . TYR A 1 17  ? -3.943  8.873   -7.086  1.00 14.33 ? 116 TYR A C   1 
ATOM   128  O  O   . TYR A 1 17  ? -4.415  9.074   -8.215  1.00 14.59 ? 116 TYR A O   1 
ATOM   129  C  CB  . TYR A 1 17  ? -4.592  6.737   -5.890  1.00 14.13 ? 116 TYR A CB  1 
ATOM   130  C  CG  . TYR A 1 17  ? -4.647  5.983   -7.160  1.00 13.97 ? 116 TYR A CG  1 
ATOM   131  C  CD1 . TYR A 1 17  ? -5.890  5.490   -7.602  1.00 15.73 ? 116 TYR A CD1 1 
ATOM   132  C  CD2 . TYR A 1 17  ? -3.468  5.712   -7.876  1.00 14.87 ? 116 TYR A CD2 1 
ATOM   133  C  CE1 . TYR A 1 17  ? -5.955  4.719   -8.767  1.00 16.62 ? 116 TYR A CE1 1 
ATOM   134  C  CE2 . TYR A 1 17  ? -3.536  4.932   -9.046  1.00 15.52 ? 116 TYR A CE2 1 
ATOM   135  C  CZ  . TYR A 1 17  ? -4.781  4.440   -9.482  1.00 19.05 ? 116 TYR A CZ  1 
ATOM   136  O  OH  . TYR A 1 17  ? -4.866  3.657   -10.614 1.00 19.69 ? 116 TYR A OH  1 
ATOM   137  N  N   . ARG A 1 18  ? -2.682  9.154   -6.764  1.00 15.66 ? 117 ARG A N   1 
ATOM   138  C  CA  . ARG A 1 18  ? -1.748  9.721   -7.748  1.00 14.69 ? 117 ARG A CA  1 
ATOM   139  C  C   . ARG A 1 18  ? -0.375  9.187   -7.477  1.00 11.75 ? 117 ARG A C   1 
ATOM   140  O  O   . ARG A 1 18  ? 0.026   9.095   -6.315  1.00 12.53 ? 117 ARG A O   1 
ATOM   141  C  CB  . ARG A 1 18  ? -1.681  11.296  -7.674  1.00 14.62 ? 117 ARG A CB  1 
ATOM   142  C  CG  . ARG A 1 18  ? -0.535  11.809  -8.569  1.00 20.24 ? 117 ARG A CG  1 
ATOM   143  C  CD  . ARG A 1 18  ? -0.491  13.232  -9.125  1.00 24.84 ? 117 ARG A CD  1 
ATOM   144  N  NE  . ARG A 1 18  ? -0.207  14.298  -8.175  1.00 27.94 ? 117 ARG A NE  1 
ATOM   145  C  CZ  . ARG A 1 18  ? 0.837   15.148  -8.277  1.00 24.95 ? 117 ARG A CZ  1 
ATOM   146  N  NH1 . ARG A 1 18  ? 1.758   15.089  -9.253  1.00 21.09 ? 117 ARG A NH1 1 
ATOM   147  N  NH2 . ARG A 1 18  ? 0.841   16.161  -7.415  1.00 21.17 ? 117 ARG A NH2 1 
ATOM   148  N  N   . ILE A 1 19  ? 0.317   8.728   -8.516  1.00 12.86 ? 118 ILE A N   1 
ATOM   149  C  CA  . ILE A 1 19  ? 1.704   8.272   -8.316  1.00 13.66 ? 118 ILE A CA  1 
ATOM   150  C  C   . ILE A 1 19  ? 2.566   9.489   -8.632  1.00 14.15 ? 118 ILE A C   1 
ATOM   151  O  O   . ILE A 1 19  ? 2.628   9.981   -9.764  1.00 14.01 ? 118 ILE A O   1 
ATOM   152  C  CB  . ILE A 1 19  ? 2.020   7.085   -9.245  1.00 15.82 ? 118 ILE A CB  1 
ATOM   153  C  CG1 . ILE A 1 19  ? 1.027   5.912   -8.913  1.00 13.70 ? 118 ILE A CG1 1 
ATOM   154  C  CG2 . ILE A 1 19  ? 3.522   6.723   -9.084  1.00 11.94 ? 118 ILE A CG2 1 
ATOM   155  C  CD1 . ILE A 1 19  ? 0.912   4.863   -10.016 1.00 17.48 ? 118 ILE A CD1 1 
ATOM   156  N  N   . VAL A 1 20  ? 3.109   10.093  -7.589  1.00 13.75 ? 119 VAL A N   1 
ATOM   157  C  CA  . VAL A 1 20  ? 3.933   11.289  -7.693  1.00 14.08 ? 119 VAL A CA  1 
ATOM   158  C  C   . VAL A 1 20  ? 5.326   11.008  -8.181  1.00 15.21 ? 119 VAL A C   1 
ATOM   159  O  O   . VAL A 1 20  ? 5.868   11.804  -8.949  1.00 16.30 ? 119 VAL A O   1 
ATOM   160  C  CB  . VAL A 1 20  ? 3.952   11.999  -6.307  1.00 15.25 ? 119 VAL A CB  1 
ATOM   161  C  CG1 . VAL A 1 20  ? 4.664   13.375  -6.391  1.00 19.21 ? 119 VAL A CG1 1 
ATOM   162  C  CG2 . VAL A 1 20  ? 2.502   12.228  -5.853  1.00 15.69 ? 119 VAL A CG2 1 
ATOM   163  N  N   . SER A 1 21  ? 5.965   9.936   -7.759  1.00 15.35 ? 120 SER A N   1 
ATOM   164  C  CA  . SER A 1 21  ? 7.322   9.646   -8.235  1.00 14.30 ? 120 SER A CA  1 
ATOM   165  C  C   . SER A 1 21  ? 7.400   8.163   -8.474  1.00 15.55 ? 120 SER A C   1 
ATOM   166  O  O   . SER A 1 21  ? 6.587   7.386   -7.967  1.00 14.22 ? 120 SER A O   1 
ATOM   167  C  CB  . SER A 1 21  ? 8.399   10.092  -7.198  1.00 15.70 ? 120 SER A CB  1 
ATOM   168  O  OG  . SER A 1 21  ? 8.040   9.735   -5.859  1.00 19.98 ? 120 SER A OG  1 
ATOM   169  N  N   . TYR A 1 22  ? 8.373   7.758   -9.263  1.00 18.16 ? 121 TYR A N   1 
ATOM   170  C  CA  . TYR A 1 22  ? 8.579   6.359   -9.660  1.00 17.18 ? 121 TYR A CA  1 
ATOM   171  C  C   . TYR A 1 22  ? 9.946   5.864   -9.249  1.00 17.83 ? 121 TYR A C   1 
ATOM   172  O  O   . TYR A 1 22  ? 10.814  6.625   -8.847  1.00 20.13 ? 121 TYR A O   1 
ATOM   173  C  CB  . TYR A 1 22  ? 8.444   6.262   -11.204 1.00 15.31 ? 121 TYR A CB  1 
ATOM   174  C  CG  . TYR A 1 22  ? 7.048   6.423   -11.658 1.00 14.29 ? 121 TYR A CG  1 
ATOM   175  C  CD1 . TYR A 1 22  ? 6.529   7.716   -11.820 1.00 15.90 ? 121 TYR A CD1 1 
ATOM   176  C  CD2 . TYR A 1 22  ? 6.249   5.294   -11.886 1.00 11.83 ? 121 TYR A CD2 1 
ATOM   177  C  CE1 . TYR A 1 22  ? 5.204   7.870   -12.213 1.00 14.59 ? 121 TYR A CE1 1 
ATOM   178  C  CE2 . TYR A 1 22  ? 4.916   5.452   -12.285 1.00 12.12 ? 121 TYR A CE2 1 
ATOM   179  C  CZ  . TYR A 1 22  ? 4.406   6.748   -12.446 1.00 16.15 ? 121 TYR A CZ  1 
ATOM   180  O  OH  . TYR A 1 22  ? 3.114   6.968   -12.867 1.00 16.66 ? 121 TYR A OH  1 
ATOM   181  N  N   . THR A 1 23  ? 10.162  4.578   -9.360  1.00 16.84 ? 122 THR A N   1 
ATOM   182  C  CA  . THR A 1 23  ? 11.465  4.009   -9.031  1.00 18.57 ? 122 THR A CA  1 
ATOM   183  C  C   . THR A 1 23  ? 12.219  3.813   -10.330 1.00 18.82 ? 122 THR A C   1 
ATOM   184  O  O   . THR A 1 23  ? 11.617  3.596   -11.389 1.00 18.21 ? 122 THR A O   1 
ATOM   185  C  CB  . THR A 1 23  ? 11.290  2.650   -8.312  1.00 15.61 ? 122 THR A CB  1 
ATOM   186  O  OG1 . THR A 1 23  ? 12.573  2.023   -8.261  1.00 19.78 ? 122 THR A OG1 1 
ATOM   187  C  CG2 . THR A 1 23  ? 10.272  1.731   -9.020  1.00 17.46 ? 122 THR A CG2 1 
ATOM   188  N  N   . ARG A 1 24  ? 13.540  3.879   -10.293 1.00 18.90 ? 123 ARG A N   1 
ATOM   189  C  CA  . ARG A 1 24  ? 14.330  3.651   -11.503 1.00 20.39 ? 123 ARG A CA  1 
ATOM   190  C  C   . ARG A 1 24  ? 14.380  2.141   -11.811 1.00 22.60 ? 123 ARG A C   1 
ATOM   191  O  O   . ARG A 1 24  ? 14.695  1.715   -12.927 1.00 19.79 ? 123 ARG A O   1 
ATOM   192  C  CB  . ARG A 1 24  ? 15.753  4.196   -11.282 1.00 23.00 ? 123 ARG A CB  1 
ATOM   193  N  N   . ASP A 1 25  ? 14.041  1.312   -10.824 1.00 19.05 ? 124 ASP A N   1 
ATOM   194  C  CA  . ASP A 1 25  ? 14.073  -0.154  -10.956 1.00 19.19 ? 124 ASP A CA  1 
ATOM   195  C  C   . ASP A 1 25  ? 13.044  -0.781  -11.832 1.00 19.86 ? 124 ASP A C   1 
ATOM   196  O  O   . ASP A 1 25  ? 13.185  -1.944  -12.220 1.00 18.80 ? 124 ASP A O   1 
ATOM   197  C  CB  . ASP A 1 25  ? 13.898  -0.840  -9.607  1.00 18.87 ? 124 ASP A CB  1 
ATOM   198  C  CG  . ASP A 1 25  ? 14.951  -0.445  -8.622  1.00 26.59 ? 124 ASP A CG  1 
ATOM   199  O  OD1 . ASP A 1 25  ? 16.022  0.032   -9.007  1.00 31.33 ? 124 ASP A OD1 1 
ATOM   200  O  OD2 . ASP A 1 25  ? 14.685  -0.621  -7.442  1.00 26.65 ? 124 ASP A OD2 1 
ATOM   201  N  N   . LEU A 1 26  ? 11.959  -0.075  -12.104 1.00 19.35 ? 125 LEU A N   1 
ATOM   202  C  CA  . LEU A 1 26  ? 10.878  -0.655  -12.902 1.00 18.40 ? 125 LEU A CA  1 
ATOM   203  C  C   . LEU A 1 26  ? 10.395  0.329   -13.944 1.00 20.13 ? 125 LEU A C   1 
ATOM   204  O  O   . LEU A 1 26  ? 10.449  1.547   -13.731 1.00 18.29 ? 125 LEU A O   1 
ATOM   205  C  CB  . LEU A 1 26  ? 9.703   -1.033  -11.966 1.00 16.82 ? 125 LEU A CB  1 
ATOM   206  C  CG  . LEU A 1 26  ? 9.875   -2.264  -11.037 1.00 17.84 ? 125 LEU A CG  1 
ATOM   207  C  CD1 . LEU A 1 26  ? 8.684   -2.330  -10.066 1.00 17.34 ? 125 LEU A CD1 1 
ATOM   208  C  CD2 . LEU A 1 26  ? 9.950   -3.559  -11.870 1.00 14.79 ? 125 LEU A CD2 1 
ATOM   209  N  N   . PRO A 1 27  ? 9.859   -0.164  -15.069 1.00 19.36 ? 126 PRO A N   1 
ATOM   210  C  CA  . PRO A 1 27  ? 9.184   0.736   -16.005 1.00 18.25 ? 126 PRO A CA  1 
ATOM   211  C  C   . PRO A 1 27  ? 8.041   1.430   -15.315 1.00 17.63 ? 126 PRO A C   1 
ATOM   212  O  O   . PRO A 1 27  ? 7.339   0.830   -14.494 1.00 17.43 ? 126 PRO A O   1 
ATOM   213  C  CB  . PRO A 1 27  ? 8.695   -0.131  -17.144 1.00 17.89 ? 126 PRO A CB  1 
ATOM   214  C  CG  . PRO A 1 27  ? 9.682   -1.289  -17.059 1.00 20.80 ? 126 PRO A CG  1 
ATOM   215  C  CD  . PRO A 1 27  ? 9.843   -1.545  -15.558 1.00 17.42 ? 126 PRO A CD  1 
ATOM   216  N  N   . HIS A 1 28  ? 7.777   2.666   -15.708 1.00 15.83 ? 127 HIS A N   1 
ATOM   217  C  CA  . HIS A 1 28  ? 6.667   3.406   -15.100 1.00 17.36 ? 127 HIS A CA  1 
ATOM   218  C  C   . HIS A 1 28  ? 5.358   2.660   -15.290 1.00 17.77 ? 127 HIS A C   1 
ATOM   219  O  O   . HIS A 1 28  ? 4.607   2.459   -14.335 1.00 17.80 ? 127 HIS A O   1 
ATOM   220  C  CB  . HIS A 1 28  ? 6.564   4.805   -15.720 1.00 17.06 ? 127 HIS A CB  1 
ATOM   221  C  CG  . HIS A 1 28  ? 7.657   5.653   -15.226 1.00 18.70 ? 127 HIS A CG  1 
ATOM   222  N  ND1 . HIS A 1 28  ? 7.637   7.005   -15.330 1.00 21.25 ? 127 HIS A ND1 1 
ATOM   223  C  CD2 . HIS A 1 28  ? 8.871   5.265   -14.646 1.00 17.98 ? 127 HIS A CD2 1 
ATOM   224  C  CE1 . HIS A 1 28  ? 8.818   7.460   -14.824 1.00 20.51 ? 127 HIS A CE1 1 
ATOM   225  N  NE2 . HIS A 1 28  ? 9.571   6.392   -14.408 1.00 20.40 ? 127 HIS A NE2 1 
ATOM   226  N  N   . ILE A 1 29  ? 5.095   2.162   -16.502 1.00 19.52 ? 128 ILE A N   1 
ATOM   227  C  CA  . ILE A 1 29  ? 3.831   1.429   -16.741 1.00 20.37 ? 128 ILE A CA  1 
ATOM   228  C  C   . ILE A 1 29  ? 3.705   0.217   -15.820 1.00 18.01 ? 128 ILE A C   1 
ATOM   229  O  O   . ILE A 1 29  ? 2.603   -0.182  -15.451 1.00 20.59 ? 128 ILE A O   1 
ATOM   230  C  CB  . ILE A 1 29  ? 3.753   1.014   -18.251 1.00 22.66 ? 128 ILE A CB  1 
ATOM   231  C  CG1 . ILE A 1 29  ? 2.439   0.242   -18.506 1.00 28.85 ? 128 ILE A CG1 1 
ATOM   232  C  CG2 . ILE A 1 29  ? 4.949   0.125   -18.645 1.00 27.20 ? 128 ILE A CG2 1 
ATOM   233  C  CD1 . ILE A 1 29  ? 1.153   0.935   -18.008 1.00 35.27 ? 128 ILE A CD1 1 
ATOM   234  N  N   . THR A 1 30  ? 4.801   -0.446  -15.451 1.00 17.63 ? 129 THR A N   1 
ATOM   235  C  CA  . THR A 1 30  ? 4.672   -1.598  -14.548 1.00 15.63 ? 129 THR A CA  1 
ATOM   236  C  C   . THR A 1 30  ? 4.183   -1.108  -13.196 1.00 16.83 ? 129 THR A C   1 
ATOM   237  O  O   . THR A 1 30  ? 3.266   -1.698  -12.614 1.00 16.17 ? 129 THR A O   1 
ATOM   238  C  CB  . THR A 1 30  ? 6.040   -2.293  -14.456 1.00 17.19 ? 129 THR A CB  1 
ATOM   239  O  OG1 . THR A 1 30  ? 6.343   -2.802  -15.764 1.00 19.90 ? 129 THR A OG1 1 
ATOM   240  C  CG2 . THR A 1 30  ? 6.053   -3.429  -13.416 1.00 16.08 ? 129 THR A CG2 1 
ATOM   241  N  N   . VAL A 1 31  ? 4.793   -0.039  -12.672 1.00 15.57 ? 130 VAL A N   1 
ATOM   242  C  CA  . VAL A 1 31  ? 4.351   0.505   -11.368 1.00 16.45 ? 130 VAL A CA  1 
ATOM   243  C  C   . VAL A 1 31  ? 2.870   0.865   -11.477 1.00 15.25 ? 130 VAL A C   1 
ATOM   244  O  O   . VAL A 1 31  ? 2.093   0.491   -10.598 1.00 15.32 ? 130 VAL A O   1 
ATOM   245  C  CB  . VAL A 1 31  ? 5.218   1.761   -10.996 1.00 14.10 ? 130 VAL A CB  1 
ATOM   246  C  CG1 . VAL A 1 31  ? 4.653   2.508   -9.764  1.00 15.86 ? 130 VAL A CG1 1 
ATOM   247  C  CG2 . VAL A 1 31  ? 6.628   1.287   -10.637 1.00 18.02 ? 130 VAL A CG2 1 
ATOM   248  N  N   . ASP A 1 32  ? 2.440   1.558   -12.536 1.00 15.13 ? 131 ASP A N   1 
ATOM   249  C  CA  . ASP A 1 32  ? 1.019   1.911   -12.676 1.00 16.58 ? 131 ASP A CA  1 
ATOM   250  C  C   . ASP A 1 32  ? 0.137   0.692   -12.628 1.00 17.84 ? 131 ASP A C   1 
ATOM   251  O  O   . ASP A 1 32  ? -0.854  0.671   -11.884 1.00 18.30 ? 131 ASP A O   1 
ATOM   252  C  CB  . ASP A 1 32  ? 0.709   2.620   -14.015 1.00 18.65 ? 131 ASP A CB  1 
ATOM   253  C  CG  . ASP A 1 32  ? 1.262   4.031   -14.094 1.00 22.79 ? 131 ASP A CG  1 
ATOM   254  O  OD1 . ASP A 1 32  ? 1.653   4.593   -13.089 1.00 21.19 ? 131 ASP A OD1 1 
ATOM   255  O  OD2 . ASP A 1 32  ? 1.188   4.653   -15.148 1.00 25.70 ? 131 ASP A OD2 1 
ATOM   256  N  N   . ARG A 1 33  ? 0.466   -0.337  -13.417 1.00 18.68 ? 132 ARG A N   1 
ATOM   257  C  CA  . ARG A 1 33  ? -0.357  -1.556  -13.432 1.00 20.30 ? 132 ARG A CA  1 
ATOM   258  C  C   . ARG A 1 33  ? -0.402  -2.235  -12.067 1.00 18.60 ? 132 ARG A C   1 
ATOM   259  O  O   . ARG A 1 33  ? -1.476  -2.657  -11.618 1.00 18.45 ? 132 ARG A O   1 
ATOM   260  C  CB  . ARG A 1 33  ? 0.177   -2.565  -14.490 1.00 22.45 ? 132 ARG A CB  1 
ATOM   261  C  CG  . ARG A 1 33  ? -0.005  -2.051  -15.934 1.00 32.01 ? 132 ARG A CG  1 
ATOM   262  C  CD  . ARG A 1 33  ? 0.397   -3.036  -17.071 1.00 42.79 ? 132 ARG A CD  1 
ATOM   263  N  NE  . ARG A 1 33  ? 1.822   -2.957  -17.490 1.00 52.32 ? 132 ARG A NE  1 
ATOM   264  C  CZ  . ARG A 1 33  ? 2.830   -3.678  -16.933 1.00 54.95 ? 132 ARG A CZ  1 
ATOM   265  N  NH1 . ARG A 1 33  ? 2.594   -4.554  -15.932 1.00 57.20 ? 132 ARG A NH1 1 
ATOM   266  N  NH2 . ARG A 1 33  ? 4.083   -3.524  -17.399 1.00 52.84 ? 132 ARG A NH2 1 
ATOM   267  N  N   . LEU A 1 34  ? 0.755   -2.375  -11.411 1.00 14.83 ? 133 LEU A N   1 
ATOM   268  C  CA  . LEU A 1 34  ? 0.846   -3.032  -10.096 1.00 15.25 ? 133 LEU A CA  1 
ATOM   269  C  C   . LEU A 1 34  ? 0.061   -2.256  -9.042  1.00 13.68 ? 133 LEU A C   1 
ATOM   270  O  O   . LEU A 1 34  ? -0.617  -2.863  -8.210  1.00 14.39 ? 133 LEU A O   1 
ATOM   271  C  CB  . LEU A 1 34  ? 2.370   -3.186  -9.756  1.00 15.37 ? 133 LEU A CB  1 
ATOM   272  C  CG  . LEU A 1 34  ? 2.967   -4.610  -10.018 1.00 23.64 ? 133 LEU A CG  1 
ATOM   273  C  CD1 . LEU A 1 34  ? 2.276   -5.300  -11.212 1.00 22.96 ? 133 LEU A CD1 1 
ATOM   274  C  CD2 . LEU A 1 34  ? 4.481   -4.494  -10.220 1.00 16.34 ? 133 LEU A CD2 1 
ATOM   275  N  N   . VAL A 1 35  ? 0.121   -0.925  -9.034  1.00 13.98 ? 134 VAL A N   1 
ATOM   276  C  CA  . VAL A 1 35  ? -0.672  -0.127  -8.069  1.00 14.00 ? 134 VAL A CA  1 
ATOM   277  C  C   . VAL A 1 35  ? -2.146  -0.407  -8.371  1.00 13.98 ? 134 VAL A C   1 
ATOM   278  O  O   . VAL A 1 35  ? -2.914  -0.686  -7.446  1.00 13.93 ? 134 VAL A O   1 
ATOM   279  C  CB  . VAL A 1 35  ? -0.378  1.407   -8.211  1.00 13.92 ? 134 VAL A CB  1 
ATOM   280  C  CG1 . VAL A 1 35  ? -1.427  2.247   -7.438  1.00 14.32 ? 134 VAL A CG1 1 
ATOM   281  C  CG2 . VAL A 1 35  ? 1.030   1.707   -7.631  1.00 10.54 ? 134 VAL A CG2 1 
ATOM   282  N  N   . SER A 1 36  ? -2.583  -0.362  -9.639  1.00 15.76 ? 135 SER A N   1 
ATOM   283  C  CA  . SER A 1 36  ? -4.009  -0.660  -9.948  1.00 20.96 ? 135 SER A CA  1 
ATOM   284  C  C   . SER A 1 36  ? -4.370  -2.062  -9.441  1.00 18.97 ? 135 SER A C   1 
ATOM   285  O  O   . SER A 1 36  ? -5.465  -2.253  -8.908  1.00 18.89 ? 135 SER A O   1 
ATOM   286  C  CB  . SER A 1 36  ? -4.295  -0.646  -11.464 1.00 22.03 ? 135 SER A CB  1 
ATOM   287  O  OG  . SER A 1 36  ? -3.664  0.484   -12.072 1.00 37.66 ? 135 SER A OG  1 
ATOM   288  N  N   . LYS A 1 37  ? -3.500  -3.068  -9.643  1.00 19.76 ? 136 LYS A N   1 
ATOM   289  C  CA  . LYS A 1 37  ? -3.772  -4.439  -9.177  1.00 18.37 ? 136 LYS A CA  1 
ATOM   290  C  C   . LYS A 1 37  ? -3.936  -4.463  -7.667  1.00 18.08 ? 136 LYS A C   1 
ATOM   291  O  O   . LYS A 1 37  ? -4.921  -5.000  -7.153  1.00 18.67 ? 136 LYS A O   1 
ATOM   292  C  CB  . LYS A 1 37  ? -2.641  -5.435  -9.522  1.00 18.97 ? 136 LYS A CB  1 
ATOM   293  C  CG  . LYS A 1 37  ? -2.565  -6.083  -10.915 1.00 26.11 ? 136 LYS A CG  1 
ATOM   294  C  CD  . LYS A 1 37  ? -1.827  -7.440  -10.765 1.00 32.07 ? 136 LYS A CD  1 
ATOM   295  C  CE  . LYS A 1 37  ? -1.154  -8.040  -12.030 1.00 39.06 ? 136 LYS A CE  1 
ATOM   296  N  NZ  . LYS A 1 37  ? -0.437  -9.299  -11.708 1.00 43.15 ? 136 LYS A NZ  1 
ATOM   297  N  N   . ALA A 1 38  ? -2.996  -3.865  -6.933  1.00 14.48 ? 137 ALA A N   1 
ATOM   298  C  CA  . ALA A 1 38  ? -3.051  -3.825  -5.463  1.00 14.36 ? 137 ALA A CA  1 
ATOM   299  C  C   . ALA A 1 38  ? -4.364  -3.194  -4.967  1.00 14.86 ? 137 ALA A C   1 
ATOM   300  O  O   . ALA A 1 38  ? -5.104  -3.747  -4.139  1.00 14.67 ? 137 ALA A O   1 
ATOM   301  C  CB  . ALA A 1 38  ? -1.837  -3.018  -4.958  1.00 12.56 ? 137 ALA A CB  1 
ATOM   302  N  N   . LEU A 1 39  ? -4.705  -2.028  -5.501  1.00 16.73 ? 138 LEU A N   1 
ATOM   303  C  CA  . LEU A 1 39  ? -5.942  -1.361  -5.093  1.00 17.80 ? 138 LEU A CA  1 
ATOM   304  C  C   . LEU A 1 39  ? -7.135  -2.230  -5.416  1.00 21.39 ? 138 LEU A C   1 
ATOM   305  O  O   . LEU A 1 39  ? -8.025  -2.390  -4.578  1.00 21.30 ? 138 LEU A O   1 
ATOM   306  C  CB  . LEU A 1 39  ? -6.099  -0.008  -5.814  1.00 19.00 ? 138 LEU A CB  1 
ATOM   307  C  CG  . LEU A 1 39  ? -5.268  1.126   -5.157  1.00 15.99 ? 138 LEU A CG  1 
ATOM   308  C  CD1 . LEU A 1 39  ? -5.331  2.369   -6.054  1.00 20.57 ? 138 LEU A CD1 1 
ATOM   309  C  CD2 . LEU A 1 39  ? -5.791  1.450   -3.761  1.00 18.30 ? 138 LEU A CD2 1 
ATOM   310  N  N   . ASN A 1 40  ? -7.197  -2.846  -6.596  1.00 22.63 ? 139 ASN A N   1 
ATOM   311  C  CA  . ASN A 1 40  ? -8.391  -3.648  -6.863  1.00 25.77 ? 139 ASN A CA  1 
ATOM   312  C  C   . ASN A 1 40  ? -8.450  -4.917  -6.069  1.00 24.77 ? 139 ASN A C   1 
ATOM   313  O  O   . ASN A 1 40  ? -9.547  -5.443  -5.883  1.00 23.15 ? 139 ASN A O   1 
ATOM   314  C  CB  . ASN A 1 40  ? -8.495  -3.868  -8.378  1.00 31.39 ? 139 ASN A CB  1 
ATOM   315  C  CG  . ASN A 1 40  ? -9.016  -2.477  -8.776  1.00 42.51 ? 139 ASN A CG  1 
ATOM   316  O  OD1 . ASN A 1 40  ? -10.120 -2.030  -8.424  1.00 44.70 ? 139 ASN A OD1 1 
ATOM   317  N  ND2 . ASN A 1 40  ? -8.182  -1.672  -9.421  1.00 47.81 ? 139 ASN A ND2 1 
ATOM   318  N  N   . MET A 1 41  ? -7.322  -5.403  -5.538  1.00 21.19 ? 140 MET A N   1 
ATOM   319  C  CA  . MET A 1 41  ? -7.364  -6.600  -4.696  1.00 20.40 ? 140 MET A CA  1 
ATOM   320  C  C   . MET A 1 41  ? -8.288  -6.261  -3.509  1.00 20.17 ? 140 MET A C   1 
ATOM   321  O  O   . MET A 1 41  ? -9.209  -7.017  -3.178  1.00 18.96 ? 140 MET A O   1 
ATOM   322  C  CB  . MET A 1 41  ? -5.956  -6.924  -4.219  1.00 19.20 ? 140 MET A CB  1 
ATOM   323  C  CG  . MET A 1 41  ? -5.779  -8.445  -4.268  1.00 29.91 ? 140 MET A CG  1 
ATOM   324  S  SD  . MET A 1 41  ? -4.088  -8.998  -3.935  1.00 29.89 ? 140 MET A SD  1 
ATOM   325  C  CE  . MET A 1 41  ? -3.295  -8.164  -5.335  1.00 22.49 ? 140 MET A CE  1 
ATOM   326  N  N   . TRP A 1 42  ? -8.061  -5.115  -2.842  1.00 15.55 ? 141 TRP A N   1 
ATOM   327  C  CA  . TRP A 1 42  ? -8.923  -4.697  -1.722  1.00 17.63 ? 141 TRP A CA  1 
ATOM   328  C  C   . TRP A 1 42  ? -10.304 -4.253  -2.234  1.00 18.83 ? 141 TRP A C   1 
ATOM   329  O  O   . TRP A 1 42  ? -11.347 -4.520  -1.626  1.00 18.67 ? 141 TRP A O   1 
ATOM   330  C  CB  . TRP A 1 42  ? -8.335  -3.499  -0.940  1.00 15.89 ? 141 TRP A CB  1 
ATOM   331  C  CG  . TRP A 1 42  ? -7.050  -3.825  -0.298  1.00 15.18 ? 141 TRP A CG  1 
ATOM   332  C  CD1 . TRP A 1 42  ? -5.750  -3.497  -0.758  1.00 15.71 ? 141 TRP A CD1 1 
ATOM   333  C  CD2 . TRP A 1 42  ? -6.869  -4.493  0.919   1.00 12.89 ? 141 TRP A CD2 1 
ATOM   334  N  NE1 . TRP A 1 42  ? -4.808  -3.929  0.117   1.00 13.86 ? 141 TRP A NE1 1 
ATOM   335  C  CE2 . TRP A 1 42  ? -5.459  -4.544  1.152   1.00 14.21 ? 141 TRP A CE2 1 
ATOM   336  C  CE3 . TRP A 1 42  ? -7.766  -5.057  1.839   1.00 13.92 ? 141 TRP A CE3 1 
ATOM   337  C  CZ2 . TRP A 1 42  ? -4.978  -5.161  2.316   1.00 10.51 ? 141 TRP A CZ2 1 
ATOM   338  C  CZ3 . TRP A 1 42  ? -7.263  -5.667  2.994   1.00 13.86 ? 141 TRP A CZ3 1 
ATOM   339  C  CH2 . TRP A 1 42  ? -5.878  -5.719  3.232   1.00 12.51 ? 141 TRP A CH2 1 
ATOM   340  N  N   . GLY A 1 43  ? -10.307 -3.508  -3.346  1.00 18.45 ? 142 GLY A N   1 
ATOM   341  C  CA  . GLY A 1 43  ? -11.523 -2.968  -3.987  1.00 18.12 ? 142 GLY A CA  1 
ATOM   342  C  C   . GLY A 1 43  ? -12.580 -4.034  -4.286  1.00 22.11 ? 142 GLY A C   1 
ATOM   343  O  O   . GLY A 1 43  ? -13.775 -3.816  -4.083  1.00 21.46 ? 142 GLY A O   1 
ATOM   344  N  N   . LYS A 1 44  ? -12.154 -5.195  -4.776  1.00 19.41 ? 143 LYS A N   1 
ATOM   345  C  CA  . LYS A 1 44  ? -13.055 -6.299  -5.102  1.00 21.39 ? 143 LYS A CA  1 
ATOM   346  C  C   . LYS A 1 44  ? -13.934 -6.647  -3.899  1.00 23.40 ? 143 LYS A C   1 
ATOM   347  O  O   . LYS A 1 44  ? -15.104 -6.983  -4.052  1.00 27.86 ? 143 LYS A O   1 
ATOM   348  C  CB  . LYS A 1 44  ? -12.216 -7.542  -5.516  1.00 20.09 ? 143 LYS A CB  1 
ATOM   349  N  N   . GLU A 1 45  ? -13.396 -6.546  -2.699  1.00 22.98 ? 144 GLU A N   1 
ATOM   350  C  CA  . GLU A 1 45  ? -14.097 -6.874  -1.461  1.00 22.51 ? 144 GLU A CA  1 
ATOM   351  C  C   . GLU A 1 45  ? -15.000 -5.823  -0.877  1.00 23.25 ? 144 GLU A C   1 
ATOM   352  O  O   . GLU A 1 45  ? -15.836 -6.136  -0.020  1.00 23.80 ? 144 GLU A O   1 
ATOM   353  C  CB  . GLU A 1 45  ? -13.078 -7.219  -0.349  1.00 27.01 ? 144 GLU A CB  1 
ATOM   354  C  CG  . GLU A 1 45  ? -11.976 -8.228  -0.713  1.00 32.57 ? 144 GLU A CG  1 
ATOM   355  C  CD  . GLU A 1 45  ? -12.575 -9.497  -1.306  1.00 38.96 ? 144 GLU A CD  1 
ATOM   356  O  OE1 . GLU A 1 45  ? -13.474 -10.099 -0.718  1.00 40.66 ? 144 GLU A OE1 1 
ATOM   357  O  OE2 . GLU A 1 45  ? -12.115 -9.884  -2.374  1.00 43.32 ? 144 GLU A OE2 1 
ATOM   358  N  N   . ILE A 1 46  ? -14.910 -4.573  -1.319  1.00 22.77 ? 145 ILE A N   1 
ATOM   359  C  CA  . ILE A 1 46  ? -15.688 -3.512  -0.653  1.00 22.41 ? 145 ILE A CA  1 
ATOM   360  C  C   . ILE A 1 46  ? -16.461 -2.564  -1.541  1.00 23.21 ? 145 ILE A C   1 
ATOM   361  O  O   . ILE A 1 46  ? -16.206 -2.505  -2.740  1.00 24.08 ? 145 ILE A O   1 
ATOM   362  C  CB  . ILE A 1 46  ? -14.686 -2.706  0.248   1.00 23.25 ? 145 ILE A CB  1 
ATOM   363  C  CG1 . ILE A 1 46  ? -13.534 -2.148  -0.640  1.00 21.44 ? 145 ILE A CG1 1 
ATOM   364  C  CG2 . ILE A 1 46  ? -14.215 -3.596  1.423   1.00 21.03 ? 145 ILE A CG2 1 
ATOM   365  C  CD1 . ILE A 1 46  ? -12.527 -1.276  0.104   1.00 20.40 ? 145 ILE A CD1 1 
ATOM   366  N  N   . PRO A 1 47  ? -17.393 -1.773  -0.990  1.00 24.67 ? 146 PRO A N   1 
ATOM   367  C  CA  . PRO A 1 47  ? -18.060 -0.694  -1.733  1.00 28.14 ? 146 PRO A CA  1 
ATOM   368  C  C   . PRO A 1 47  ? -17.155 0.521   -1.970  1.00 31.15 ? 146 PRO A C   1 
ATOM   369  O  O   . PRO A 1 47  ? -17.387 1.585   -1.390  1.00 36.53 ? 146 PRO A O   1 
ATOM   370  C  CB  . PRO A 1 47  ? -19.302 -0.352  -0.889  1.00 26.48 ? 146 PRO A CB  1 
ATOM   371  C  CG  . PRO A 1 47  ? -19.386 -1.452  0.136   1.00 27.27 ? 146 PRO A CG  1 
ATOM   372  C  CD  . PRO A 1 47  ? -17.929 -1.828  0.374   1.00 23.19 ? 146 PRO A CD  1 
ATOM   373  N  N   . LEU A 1 48  ? -16.091 0.433   -2.762  1.00 29.70 ? 147 LEU A N   1 
ATOM   374  C  CA  . LEU A 1 48  ? -15.213 1.600   -2.994  1.00 29.55 ? 147 LEU A CA  1 
ATOM   375  C  C   . LEU A 1 48  ? -14.717 1.558   -4.408  1.00 28.91 ? 147 LEU A C   1 
ATOM   376  O  O   . LEU A 1 48  ? -14.601 0.480   -5.004  1.00 31.47 ? 147 LEU A O   1 
ATOM   377  C  CB  . LEU A 1 48  ? -13.934 1.615   -2.121  1.00 28.27 ? 147 LEU A CB  1 
ATOM   378  C  CG  . LEU A 1 48  ? -13.923 2.369   -0.780  1.00 31.98 ? 147 LEU A CG  1 
ATOM   379  C  CD1 . LEU A 1 48  ? -12.487 2.358   -0.221  1.00 28.01 ? 147 LEU A CD1 1 
ATOM   380  C  CD2 . LEU A 1 48  ? -14.378 3.831   -0.970  1.00 32.85 ? 147 LEU A CD2 1 
ATOM   381  N  N   . HIS A 1 49  ? -14.450 2.711   -5.000  1.00 30.13 ? 148 HIS A N   1 
ATOM   382  C  CA  . HIS A 1 49  ? -13.918 2.751   -6.365  1.00 30.80 ? 148 HIS A CA  1 
ATOM   383  C  C   . HIS A 1 49  ? -12.827 3.789   -6.363  1.00 28.42 ? 148 HIS A C   1 
ATOM   384  O  O   . HIS A 1 49  ? -12.888 4.795   -5.653  1.00 24.98 ? 148 HIS A O   1 
ATOM   385  C  CB  . HIS A 1 49  ? -15.033 3.100   -7.373  1.00 41.68 ? 148 HIS A CB  1 
ATOM   386  C  CG  . HIS A 1 49  ? -15.962 1.941   -7.473  1.00 55.31 ? 148 HIS A CG  1 
ATOM   387  N  ND1 . HIS A 1 49  ? -15.567 0.634   -7.603  1.00 61.58 ? 148 HIS A ND1 1 
ATOM   388  C  CD2 . HIS A 1 49  ? -17.367 1.974   -7.500  1.00 59.18 ? 148 HIS A CD2 1 
ATOM   389  C  CE1 . HIS A 1 49  ? -16.705 -0.129  -7.714  1.00 62.48 ? 148 HIS A CE1 1 
ATOM   390  N  NE2 . HIS A 1 49  ? -17.792 0.698   -7.651  1.00 62.81 ? 148 HIS A NE2 1 
ATOM   391  N  N   . PHE A 1 50  ? -11.797 3.546   -7.140  1.00 25.08 ? 149 PHE A N   1 
ATOM   392  C  CA  . PHE A 1 50  ? -10.643 4.442   -7.176  1.00 23.51 ? 149 PHE A CA  1 
ATOM   393  C  C   . PHE A 1 50  ? -10.498 5.114   -8.518  1.00 23.97 ? 149 PHE A C   1 
ATOM   394  O  O   . PHE A 1 50  ? -10.957 4.562   -9.532  1.00 24.26 ? 149 PHE A O   1 
ATOM   395  C  CB  . PHE A 1 50  ? -9.386  3.595   -6.850  1.00 21.83 ? 149 PHE A CB  1 
ATOM   396  C  CG  . PHE A 1 50  ? -9.536  2.866   -5.581  1.00 21.24 ? 149 PHE A CG  1 
ATOM   397  C  CD1 . PHE A 1 50  ? -9.387  3.548   -4.361  1.00 18.89 ? 149 PHE A CD1 1 
ATOM   398  C  CD2 . PHE A 1 50  ? -9.840  1.491   -5.615  1.00 21.11 ? 149 PHE A CD2 1 
ATOM   399  C  CE1 . PHE A 1 50  ? -9.541  2.843   -3.157  1.00 22.93 ? 149 PHE A CE1 1 
ATOM   400  C  CE2 . PHE A 1 50  ? -9.995  0.792   -4.408  1.00 22.39 ? 149 PHE A CE2 1 
ATOM   401  C  CZ  . PHE A 1 50  ? -9.844  1.470   -3.183  1.00 20.84 ? 149 PHE A CZ  1 
ATOM   402  N  N   . ARG A 1 51  ? -9.842  6.268   -8.542  1.00 20.88 ? 150 ARG A N   1 
ATOM   403  C  CA  . ARG A 1 51  ? -9.601  7.013   -9.781  1.00 21.71 ? 150 ARG A CA  1 
ATOM   404  C  C   . ARG A 1 51  ? -8.206  7.593   -9.719  1.00 20.04 ? 150 ARG A C   1 
ATOM   405  O  O   . ARG A 1 51  ? -7.811  8.189   -8.714  1.00 18.40 ? 150 ARG A O   1 
ATOM   406  C  CB  . ARG A 1 51  ? -10.577 8.185   -9.958  1.00 26.58 ? 150 ARG A CB  1 
ATOM   407  C  CG  . ARG A 1 51  ? -12.012 7.774   -10.245 1.00 37.48 ? 150 ARG A CG  1 
ATOM   408  C  CD  . ARG A 1 51  ? -12.299 6.933   -11.505 1.00 43.46 ? 150 ARG A CD  1 
ATOM   409  N  NE  . ARG A 1 51  ? -13.744 6.679   -11.379 1.00 52.93 ? 150 ARG A NE  1 
ATOM   410  C  CZ  . ARG A 1 51  ? -14.250 5.545   -10.855 1.00 56.12 ? 150 ARG A CZ  1 
ATOM   411  N  NH1 . ARG A 1 51  ? -13.444 4.541   -10.445 1.00 56.05 ? 150 ARG A NH1 1 
ATOM   412  N  NH2 . ARG A 1 51  ? -15.588 5.450   -10.776 1.00 55.10 ? 150 ARG A NH2 1 
ATOM   413  N  N   . LYS A 1 52  ? -7.424  7.346   -10.760 1.00 18.49 ? 151 LYS A N   1 
ATOM   414  C  CA  . LYS A 1 52  ? -6.059  7.854   -10.835 1.00 18.71 ? 151 LYS A CA  1 
ATOM   415  C  C   . LYS A 1 52  ? -6.087  9.273   -11.400 1.00 19.63 ? 151 LYS A C   1 
ATOM   416  O  O   . LYS A 1 52  ? -6.836  9.550   -12.340 1.00 18.17 ? 151 LYS A O   1 
ATOM   417  C  CB  . LYS A 1 52  ? -5.217  6.917   -11.758 1.00 17.74 ? 151 LYS A CB  1 
ATOM   418  C  CG  . LYS A 1 52  ? -3.720  7.283   -12.029 1.00 27.10 ? 151 LYS A CG  1 
ATOM   419  C  CD  . LYS A 1 52  ? -2.858  6.328   -12.936 1.00 28.56 ? 151 LYS A CD  1 
ATOM   420  C  CE  . LYS A 1 52  ? -1.531  7.036   -13.395 1.00 39.61 ? 151 LYS A CE  1 
ATOM   421  N  NZ  . LYS A 1 52  ? -0.376  6.159   -13.705 1.00 46.54 ? 151 LYS A NZ  1 
ATOM   422  N  N   . VAL A 1 53  ? -5.339  10.219  -10.829 1.00 17.69 ? 152 VAL A N   1 
ATOM   423  C  CA  . VAL A 1 53  ? -5.234  11.587  -11.362 1.00 16.41 ? 152 VAL A CA  1 
ATOM   424  C  C   . VAL A 1 53  ? -3.733  11.764  -11.565 1.00 17.13 ? 152 VAL A C   1 
ATOM   425  O  O   . VAL A 1 53  ? -2.907  11.079  -10.943 1.00 14.77 ? 152 VAL A O   1 
ATOM   426  C  CB  . VAL A 1 53  ? -5.767  12.730  -10.397 1.00 19.14 ? 152 VAL A CB  1 
ATOM   427  C  CG1 . VAL A 1 53  ? -7.302  12.659  -10.394 1.00 18.35 ? 152 VAL A CG1 1 
ATOM   428  C  CG2 . VAL A 1 53  ? -5.230  12.616  -8.964  1.00 18.64 ? 152 VAL A CG2 1 
ATOM   429  N  N   . VAL A 1 54  ? -3.329  12.667  -12.459 1.00 14.97 ? 153 VAL A N   1 
ATOM   430  C  CA  . VAL A 1 54  ? -1.890  12.869  -12.725 1.00 13.44 ? 153 VAL A CA  1 
ATOM   431  C  C   . VAL A 1 54  ? -1.357  14.235  -12.301 1.00 10.24 ? 153 VAL A C   1 
ATOM   432  O  O   . VAL A 1 54  ? -0.207  14.573  -12.584 1.00 15.12 ? 153 VAL A O   1 
ATOM   433  C  CB  . VAL A 1 54  ? -1.612  12.634  -14.253 1.00 12.14 ? 153 VAL A CB  1 
ATOM   434  C  CG1 . VAL A 1 54  ? -2.058  11.197  -14.645 1.00 10.86 ? 153 VAL A CG1 1 
ATOM   435  C  CG2 . VAL A 1 54  ? -2.293  13.748  -15.080 1.00 13.08 ? 153 VAL A CG2 1 
ATOM   436  N  N   . TRP A 1 55  ? -2.149  15.040  -11.610 1.00 13.19 ? 154 TRP A N   1 
ATOM   437  C  CA  . TRP A 1 55  ? -1.684  16.365  -11.189 1.00 13.82 ? 154 TRP A CA  1 
ATOM   438  C  C   . TRP A 1 55  ? -2.467  16.708  -9.952  1.00 15.40 ? 154 TRP A C   1 
ATOM   439  O  O   . TRP A 1 55  ? -3.520  16.093  -9.684  1.00 16.93 ? 154 TRP A O   1 
ATOM   440  C  CB  . TRP A 1 55  ? -1.941  17.432  -12.294 1.00 12.60 ? 154 TRP A CB  1 
ATOM   441  C  CG  . TRP A 1 55  ? -3.386  17.710  -12.466 1.00 17.70 ? 154 TRP A CG  1 
ATOM   442  C  CD1 . TRP A 1 55  ? -4.358  16.923  -13.119 1.00 18.45 ? 154 TRP A CD1 1 
ATOM   443  C  CD2 . TRP A 1 55  ? -4.102  18.795  -11.925 1.00 16.20 ? 154 TRP A CD2 1 
ATOM   444  N  NE1 . TRP A 1 55  ? -5.598  17.467  -13.002 1.00 18.45 ? 154 TRP A NE1 1 
ATOM   445  C  CE2 . TRP A 1 55  ? -5.463  18.614  -12.274 1.00 16.42 ? 154 TRP A CE2 1 
ATOM   446  C  CE3 . TRP A 1 55  ? -3.708  19.900  -11.175 1.00 18.05 ? 154 TRP A CE3 1 
ATOM   447  C  CZ2 . TRP A 1 55  ? -6.412  19.554  -11.862 1.00 21.81 ? 154 TRP A CZ2 1 
ATOM   448  C  CZ3 . TRP A 1 55  ? -4.666  20.833  -10.767 1.00 25.67 ? 154 TRP A CZ3 1 
ATOM   449  C  CH2 . TRP A 1 55  ? -6.013  20.660  -11.112 1.00 23.02 ? 154 TRP A CH2 1 
ATOM   450  N  N   . GLY A 1 56  ? -1.958  17.678  -9.204  1.00 17.38 ? 155 GLY A N   1 
ATOM   451  C  CA  . GLY A 1 56  ? -2.625  18.129  -7.977  1.00 15.49 ? 155 GLY A CA  1 
ATOM   452  C  C   . GLY A 1 56  ? -2.730  17.068  -6.886  1.00 17.56 ? 155 GLY A C   1 
ATOM   453  O  O   . GLY A 1 56  ? -2.032  16.043  -6.851  1.00 15.93 ? 155 GLY A O   1 
ATOM   454  N  N   . THR A 1 57  ? -3.594  17.402  -5.940  1.00 19.43 ? 156 THR A N   1 
ATOM   455  C  CA  . THR A 1 57  ? -3.893  16.578  -4.765  1.00 21.78 ? 156 THR A CA  1 
ATOM   456  C  C   . THR A 1 57  ? -4.799  15.420  -5.102  1.00 20.95 ? 156 THR A C   1 
ATOM   457  O  O   . THR A 1 57  ? -5.734  15.559  -5.894  1.00 23.01 ? 156 THR A O   1 
ATOM   458  C  CB  . THR A 1 57  ? -4.571  17.471  -3.662  1.00 20.54 ? 156 THR A CB  1 
ATOM   459  O  OG1 . THR A 1 57  ? -3.678  18.562  -3.357  1.00 26.51 ? 156 THR A OG1 1 
ATOM   460  C  CG2 . THR A 1 57  ? -4.890  16.675  -2.372  1.00 18.76 ? 156 THR A CG2 1 
ATOM   461  N  N   . ALA A 1 58  ? -4.510  14.282  -4.496  1.00 18.53 ? 157 ALA A N   1 
ATOM   462  C  CA  . ALA A 1 58  ? -5.301  13.054  -4.617  1.00 16.37 ? 157 ALA A CA  1 
ATOM   463  C  C   . ALA A 1 58  ? -5.391  12.574  -3.169  1.00 14.80 ? 157 ALA A C   1 
ATOM   464  O  O   . ALA A 1 58  ? -4.549  12.952  -2.327  1.00 13.19 ? 157 ALA A O   1 
ATOM   465  C  CB  . ALA A 1 58  ? -4.588  11.942  -5.400  1.00 15.49 ? 157 ALA A CB  1 
ATOM   466  N  N   . ASP A 1 59  ? -6.370  11.769  -2.807  1.00 12.85 ? 158 ASP A N   1 
ATOM   467  C  CA  . ASP A 1 59  ? -6.476  11.287  -1.411  1.00 14.44 ? 158 ASP A CA  1 
ATOM   468  C  C   . ASP A 1 59  ? -5.209  10.528  -1.017  1.00 13.86 ? 158 ASP A C   1 
ATOM   469  O  O   . ASP A 1 59  ? -4.516  10.850  -0.009  1.00 14.74 ? 158 ASP A O   1 
ATOM   470  C  CB  . ASP A 1 59  ? -7.704  10.360  -1.276  1.00 12.76 ? 158 ASP A CB  1 
ATOM   471  C  CG  . ASP A 1 59  ? -8.976  11.136  -1.556  1.00 18.11 ? 158 ASP A CG  1 
ATOM   472  O  OD1 . ASP A 1 59  ? -9.152  12.210  -1.002  1.00 18.24 ? 158 ASP A OD1 1 
ATOM   473  O  OD2 . ASP A 1 59  ? -9.785  10.686  -2.351  1.00 17.57 ? 158 ASP A OD2 1 
ATOM   474  N  N   . ILE A 1 60  ? -4.927  9.530   -1.864  1.00 10.04 ? 159 ILE A N   1 
ATOM   475  C  CA  . ILE A 1 60  ? -3.757  8.657   -1.692  1.00 11.22 ? 159 ILE A CA  1 
ATOM   476  C  C   . ILE A 1 60  ? -2.621  9.081   -2.593  1.00 8.96  ? 159 ILE A C   1 
ATOM   477  O  O   . ILE A 1 60  ? -2.673  8.934   -3.824  1.00 10.97 ? 159 ILE A O   1 
ATOM   478  C  CB  . ILE A 1 60  ? -4.168  7.183   -1.980  1.00 11.94 ? 159 ILE A CB  1 
ATOM   479  C  CG1 . ILE A 1 60  ? -5.277  6.755   -0.996  1.00 13.48 ? 159 ILE A CG1 1 
ATOM   480  C  CG2 . ILE A 1 60  ? -2.918  6.253   -1.860  1.00 11.43 ? 159 ILE A CG2 1 
ATOM   481  C  CD1 . ILE A 1 60  ? -5.794  5.311   -1.259  1.00 12.84 ? 159 ILE A CD1 1 
ATOM   482  N  N   . MET A 1 61  ? -1.616  9.715   -2.009  1.00 8.98  ? 160 MET A N   1 
ATOM   483  C  CA  . MET A 1 61  ? -0.444  10.143  -2.796  1.00 9.33  ? 160 MET A CA  1 
ATOM   484  C  C   . MET A 1 61  ? 0.584   9.031   -2.643  1.00 12.15 ? 160 MET A C   1 
ATOM   485  O  O   . MET A 1 61  ? 0.910   8.610   -1.525  1.00 11.92 ? 160 MET A O   1 
ATOM   486  C  CB  . MET A 1 61  ? 0.121   11.472  -2.263  1.00 9.42  ? 160 MET A CB  1 
ATOM   487  C  CG  . MET A 1 61  ? -0.916  12.615  -2.373  1.00 13.27 ? 160 MET A CG  1 
ATOM   488  S  SD  . MET A 1 61  ? -1.123  13.284  -4.034  1.00 14.92 ? 160 MET A SD  1 
ATOM   489  C  CE  . MET A 1 61  ? 0.148   14.593  -4.006  1.00 10.10 ? 160 MET A CE  1 
ATOM   490  N  N   . ILE A 1 62  ? 1.075   8.517   -3.760  1.00 12.75 ? 161 ILE A N   1 
ATOM   491  C  CA  . ILE A 1 62  ? 2.054   7.416   -3.758  1.00 12.98 ? 161 ILE A CA  1 
ATOM   492  C  C   . ILE A 1 62  ? 3.395   7.911   -4.261  1.00 13.69 ? 161 ILE A C   1 
ATOM   493  O  O   . ILE A 1 62  ? 3.448   8.621   -5.280  1.00 16.67 ? 161 ILE A O   1 
ATOM   494  C  CB  . ILE A 1 62  ? 1.507   6.281   -4.671  1.00 13.57 ? 161 ILE A CB  1 
ATOM   495  C  CG1 . ILE A 1 62  ? 0.155   5.811   -4.086  1.00 14.25 ? 161 ILE A CG1 1 
ATOM   496  C  CG2 . ILE A 1 62  ? 2.529   5.109   -4.790  1.00 15.58 ? 161 ILE A CG2 1 
ATOM   497  C  CD1 . ILE A 1 62  ? -0.687  4.939   -5.025  1.00 14.28 ? 161 ILE A CD1 1 
ATOM   498  N  N   . GLY A 1 63  ? 4.495   7.521   -3.635  1.00 11.14 ? 162 GLY A N   1 
ATOM   499  C  CA  . GLY A 1 63  ? 5.795   7.975   -4.143  1.00 11.23 ? 162 GLY A CA  1 
ATOM   500  C  C   . GLY A 1 63  ? 6.925   7.137   -3.621  1.00 12.75 ? 162 GLY A C   1 
ATOM   501  O  O   . GLY A 1 63  ? 6.751   6.359   -2.678  1.00 13.61 ? 162 GLY A O   1 
ATOM   502  N  N   . PHE A 1 64  ? 8.093   7.281   -4.231  1.00 12.88 ? 163 PHE A N   1 
ATOM   503  C  CA  . PHE A 1 64  ? 9.317   6.569   -3.830  1.00 14.43 ? 163 PHE A CA  1 
ATOM   504  C  C   . PHE A 1 64  ? 10.234  7.619   -3.255  1.00 18.12 ? 163 PHE A C   1 
ATOM   505  O  O   . PHE A 1 64  ? 10.219  8.783   -3.688  1.00 21.96 ? 163 PHE A O   1 
ATOM   506  C  CB  . PHE A 1 64  ? 10.047  5.897   -5.024  1.00 12.91 ? 163 PHE A CB  1 
ATOM   507  C  CG  . PHE A 1 64  ? 9.326   4.696   -5.483  1.00 14.71 ? 163 PHE A CG  1 
ATOM   508  C  CD1 . PHE A 1 64  ? 8.172   4.815   -6.273  1.00 15.77 ? 163 PHE A CD1 1 
ATOM   509  C  CD2 . PHE A 1 64  ? 9.782   3.424   -5.098  1.00 17.00 ? 163 PHE A CD2 1 
ATOM   510  C  CE1 . PHE A 1 64  ? 7.477   3.660   -6.679  1.00 18.32 ? 163 PHE A CE1 1 
ATOM   511  C  CE2 . PHE A 1 64  ? 9.091   2.268   -5.497  1.00 17.24 ? 163 PHE A CE2 1 
ATOM   512  C  CZ  . PHE A 1 64  ? 7.938   2.396   -6.290  1.00 15.30 ? 163 PHE A CZ  1 
ATOM   513  N  N   . ALA A 1 65  ? 11.024  7.275   -2.255  1.00 18.00 ? 164 ALA A N   1 
ATOM   514  C  CA  . ALA A 1 65  ? 11.940  8.270   -1.677  1.00 17.82 ? 164 ALA A CA  1 
ATOM   515  C  C   . ALA A 1 65  ? 13.035  7.583   -0.915  1.00 18.43 ? 164 ALA A C   1 
ATOM   516  O  O   . ALA A 1 65  ? 12.878  6.440   -0.503  1.00 17.15 ? 164 ALA A O   1 
ATOM   517  C  CB  . ALA A 1 65  ? 11.208  9.190   -0.688  1.00 16.31 ? 164 ALA A CB  1 
ATOM   518  N  N   . ARG A 1 66  ? 14.190  8.189   -0.752  1.00 17.90 ? 165 ARG A N   1 
ATOM   519  C  CA  . ARG A 1 66  ? 15.221  7.529   0.063   1.00 22.47 ? 165 ARG A CA  1 
ATOM   520  C  C   . ARG A 1 66  ? 15.580  8.476   1.215   1.00 21.70 ? 165 ARG A C   1 
ATOM   521  O  O   . ARG A 1 66  ? 15.488  9.711   1.097   1.00 21.53 ? 165 ARG A O   1 
ATOM   522  C  CB  . ARG A 1 66  ? 16.419  7.181   -0.866  1.00 27.46 ? 165 ARG A CB  1 
ATOM   523  C  CG  . ARG A 1 66  ? 16.941  8.252   -1.845  1.00 38.84 ? 165 ARG A CG  1 
ATOM   524  C  CD  . ARG A 1 66  ? 17.939  7.721   -2.901  1.00 45.51 ? 165 ARG A CD  1 
ATOM   525  N  NE  . ARG A 1 66  ? 18.887  6.849   -2.195  1.00 60.21 ? 165 ARG A NE  1 
ATOM   526  C  CZ  . ARG A 1 66  ? 19.828  7.248   -1.312  1.00 67.50 ? 165 ARG A CZ  1 
ATOM   527  N  NH1 . ARG A 1 66  ? 19.959  8.548   -0.978  1.00 71.25 ? 165 ARG A NH1 1 
ATOM   528  N  NH2 . ARG A 1 66  ? 20.599  6.311   -0.739  1.00 69.32 ? 165 ARG A NH2 1 
ATOM   529  N  N   . GLY A 1 67  ? 15.925  7.935   2.371   1.00 19.10 ? 166 GLY A N   1 
ATOM   530  C  CA  . GLY A 1 67  ? 16.296  8.779   3.517   1.00 18.80 ? 166 GLY A CA  1 
ATOM   531  C  C   . GLY A 1 67  ? 15.153  9.688   3.933   1.00 20.90 ? 166 GLY A C   1 
ATOM   532  O  O   . GLY A 1 67  ? 13.966  9.320   3.857   1.00 18.79 ? 166 GLY A O   1 
ATOM   533  N  N   . ALA A 1 68  ? 15.491  10.869  4.439   1.00 17.83 ? 167 ALA A N   1 
ATOM   534  C  CA  . ALA A 1 68  ? 14.479  11.841  4.890   1.00 16.43 ? 167 ALA A CA  1 
ATOM   535  C  C   . ALA A 1 68  ? 13.720  12.422  3.704   1.00 17.89 ? 167 ALA A C   1 
ATOM   536  O  O   . ALA A 1 68  ? 14.348  12.802  2.714   1.00 18.70 ? 167 ALA A O   1 
ATOM   537  C  CB  . ALA A 1 68  ? 15.182  12.954  5.651   1.00 16.54 ? 167 ALA A CB  1 
ATOM   538  N  N   . HIS A 1 69  ? 12.391  12.563  3.787   1.00 16.72 ? 168 HIS A N   1 
ATOM   539  C  CA  . HIS A 1 69  ? 11.599  13.105  2.654   1.00 18.81 ? 168 HIS A CA  1 
ATOM   540  C  C   . HIS A 1 69  ? 10.393  13.975  3.034   1.00 20.67 ? 168 HIS A C   1 
ATOM   541  O  O   . HIS A 1 69  ? 9.399   14.052  2.301   1.00 16.89 ? 168 HIS A O   1 
ATOM   542  C  CB  . HIS A 1 69  ? 11.113  11.928  1.754   1.00 15.63 ? 168 HIS A CB  1 
ATOM   543  C  CG  . HIS A 1 69  ? 10.550  10.736  2.565   1.00 14.53 ? 168 HIS A CG  1 
ATOM   544  N  ND1 . HIS A 1 69  ? 11.223  9.808   3.257   1.00 15.52 ? 168 HIS A ND1 1 
ATOM   545  C  CD2 . HIS A 1 69  ? 9.212   10.466  2.690   1.00 13.03 ? 168 HIS A CD2 1 
ATOM   546  C  CE1 . HIS A 1 69  ? 10.358  8.990   3.801   1.00 14.95 ? 168 HIS A CE1 1 
ATOM   547  N  NE2 . HIS A 1 69  ? 9.165   9.395   3.450   1.00 17.25 ? 168 HIS A NE2 1 
ATOM   548  N  N   . GLY A 1 70  ? 10.474  14.649  4.197   1.00 22.25 ? 169 GLY A N   1 
ATOM   549  C  CA  . GLY A 1 70  ? 9.391   15.546  4.648   1.00 27.19 ? 169 GLY A CA  1 
ATOM   550  C  C   . GLY A 1 70  ? 8.520   15.102  5.816   1.00 30.34 ? 169 GLY A C   1 
ATOM   551  O  O   . GLY A 1 70  ? 8.514   15.791  6.848   1.00 41.49 ? 169 GLY A O   1 
ATOM   552  N  N   . ASP A 1 71  ? 7.884   13.934  5.715   1.00 29.30 ? 170 ASP A N   1 
ATOM   553  C  CA  . ASP A 1 71  ? 6.957   13.343  6.721   1.00 25.30 ? 170 ASP A CA  1 
ATOM   554  C  C   . ASP A 1 71  ? 7.471   12.948  8.108   1.00 26.59 ? 170 ASP A C   1 
ATOM   555  O  O   . ASP A 1 71  ? 6.717   12.410  8.920   1.00 27.74 ? 170 ASP A O   1 
ATOM   556  C  CB  . ASP A 1 71  ? 6.567   12.032  6.055   1.00 22.83 ? 170 ASP A CB  1 
ATOM   557  C  CG  . ASP A 1 71  ? 7.549   11.037  5.885   1.00 19.66 ? 170 ASP A CG  1 
ATOM   558  O  OD1 . ASP A 1 71  ? 8.720   10.683  5.916   1.00 19.29 ? 170 ASP A OD1 1 
ATOM   559  O  OD2 . ASP A 1 71  ? 6.713   10.172  5.566   1.00 26.32 ? 170 ASP A OD2 1 
ATOM   560  N  N   . SER A 1 72  ? 8.744   13.186  8.431   1.00 23.65 ? 171 SER A N   1 
ATOM   561  C  CA  . SER A 1 72  ? 9.312   12.837  9.751   1.00 27.22 ? 171 SER A CA  1 
ATOM   562  C  C   . SER A 1 72  ? 9.394   11.343  10.063  1.00 25.51 ? 171 SER A C   1 
ATOM   563  O  O   . SER A 1 72  ? 9.514   10.938  11.221  1.00 24.16 ? 171 SER A O   1 
ATOM   564  C  CB  . SER A 1 72  ? 8.500   13.590  10.856  1.00 31.60 ? 171 SER A CB  1 
ATOM   565  O  OG  . SER A 1 72  ? 8.362   14.983  10.434  1.00 42.99 ? 171 SER A OG  1 
ATOM   566  N  N   . TYR A 1 73  ? 9.441   10.518  9.014   1.00 22.15 ? 172 TYR A N   1 
ATOM   567  C  CA  . TYR A 1 73  ? 9.604   9.047   9.094   1.00 21.25 ? 172 TYR A CA  1 
ATOM   568  C  C   . TYR A 1 73  ? 10.651  8.718   8.012   1.00 19.70 ? 172 TYR A C   1 
ATOM   569  O  O   . TYR A 1 73  ? 10.329  8.239   6.916   1.00 21.45 ? 172 TYR A O   1 
ATOM   570  C  CB  . TYR A 1 73  ? 8.270   8.353   8.777   1.00 26.48 ? 172 TYR A CB  1 
ATOM   571  C  CG  . TYR A 1 73  ? 7.307   8.586   9.854   1.00 31.41 ? 172 TYR A CG  1 
ATOM   572  C  CD1 . TYR A 1 73  ? 7.430   7.855   11.042  1.00 35.78 ? 172 TYR A CD1 1 
ATOM   573  C  CD2 . TYR A 1 73  ? 6.287   9.533   9.690   1.00 32.69 ? 172 TYR A CD2 1 
ATOM   574  C  CE1 . TYR A 1 73  ? 6.515   8.077   12.079  1.00 38.77 ? 172 TYR A CE1 1 
ATOM   575  C  CE2 . TYR A 1 73  ? 5.372   9.755   10.730  1.00 35.21 ? 172 TYR A CE2 1 
ATOM   576  C  CZ  . TYR A 1 73  ? 5.491   9.022   11.924  1.00 39.08 ? 172 TYR A CZ  1 
ATOM   577  O  OH  . TYR A 1 73  ? 4.598   9.215   12.965  1.00 43.69 ? 172 TYR A OH  1 
ATOM   578  N  N   . PRO A 1 74  ? 11.921  9.112   8.210   1.00 20.23 ? 173 PRO A N   1 
ATOM   579  C  CA  . PRO A 1 74  ? 12.970  8.922   7.196   1.00 17.96 ? 173 PRO A CA  1 
ATOM   580  C  C   . PRO A 1 74  ? 13.202  7.449   6.891   1.00 19.21 ? 173 PRO A C   1 
ATOM   581  O  O   . PRO A 1 74  ? 13.060  6.594   7.780   1.00 17.66 ? 173 PRO A O   1 
ATOM   582  C  CB  . PRO A 1 74  ? 14.252  9.536   7.766   1.00 15.88 ? 173 PRO A CB  1 
ATOM   583  C  CG  . PRO A 1 74  ? 13.711  10.417  8.865   1.00 19.06 ? 173 PRO A CG  1 
ATOM   584  C  CD  . PRO A 1 74  ? 12.548  9.612   9.448   1.00 18.12 ? 173 PRO A CD  1 
ATOM   585  N  N   . PHE A 1 75  ? 13.540  7.134   5.646   1.00 18.56 ? 174 PHE A N   1 
ATOM   586  C  CA  . PHE A 1 75  ? 13.844  5.745   5.311   1.00 14.68 ? 174 PHE A CA  1 
ATOM   587  C  C   . PHE A 1 75  ? 15.261  5.495   5.776   1.00 17.23 ? 174 PHE A C   1 
ATOM   588  O  O   . PHE A 1 75  ? 16.063  6.408   5.997   1.00 19.12 ? 174 PHE A O   1 
ATOM   589  C  CB  . PHE A 1 75  ? 13.634  5.528   3.799   1.00 11.71 ? 174 PHE A CB  1 
ATOM   590  C  CG  . PHE A 1 75  ? 12.178  5.280   3.576   1.00 12.05 ? 174 PHE A CG  1 
ATOM   591  C  CD1 . PHE A 1 75  ? 11.487  4.295   4.320   1.00 12.21 ? 174 PHE A CD1 1 
ATOM   592  C  CD2 . PHE A 1 75  ? 11.502  5.974   2.562   1.00 11.33 ? 174 PHE A CD2 1 
ATOM   593  C  CE1 . PHE A 1 75  ? 10.139  4.007   4.046   1.00 13.40 ? 174 PHE A CE1 1 
ATOM   594  C  CE2 . PHE A 1 75  ? 10.153  5.682   2.290   1.00 11.91 ? 174 PHE A CE2 1 
ATOM   595  C  CZ  . PHE A 1 75  ? 9.475   4.703   3.028   1.00 10.76 ? 174 PHE A CZ  1 
ATOM   596  N  N   . ASP A 1 76  ? 15.579  4.235   5.885   1.00 19.16 ? 175 ASP A N   1 
ATOM   597  C  CA  . ASP A 1 76  ? 16.841  3.714   6.420   1.00 17.15 ? 175 ASP A CA  1 
ATOM   598  C  C   . ASP A 1 76  ? 17.786  3.046   5.459   1.00 17.47 ? 175 ASP A C   1 
ATOM   599  O  O   . ASP A 1 76  ? 18.667  2.315   5.903   1.00 18.46 ? 175 ASP A O   1 
ATOM   600  C  CB  . ASP A 1 76  ? 16.398  2.738   7.466   1.00 17.21 ? 175 ASP A CB  1 
ATOM   601  C  CG  . ASP A 1 76  ? 15.461  1.662   6.847   1.00 18.17 ? 175 ASP A CG  1 
ATOM   602  O  OD1 . ASP A 1 76  ? 15.295  1.436   5.610   1.00 15.88 ? 175 ASP A OD1 1 
ATOM   603  O  OD2 . ASP A 1 76  ? 14.854  1.014   7.680   1.00 22.94 ? 175 ASP A OD2 1 
ATOM   604  N  N   . GLY A 1 77  ? 17.678  3.248   4.165   1.00 16.81 ? 176 GLY A N   1 
ATOM   605  C  CA  . GLY A 1 77  ? 18.562  2.532   3.265   1.00 14.57 ? 176 GLY A CA  1 
ATOM   606  C  C   . GLY A 1 77  ? 18.014  1.108   2.998   1.00 14.73 ? 176 GLY A C   1 
ATOM   607  O  O   . GLY A 1 77  ? 16.893  0.678   3.396   1.00 14.64 ? 176 GLY A O   1 
ATOM   608  N  N   . PRO A 1 78  ? 18.838  0.354   2.274   1.00 17.77 ? 177 PRO A N   1 
ATOM   609  C  CA  . PRO A 1 78  ? 18.463  -0.974  1.794   1.00 17.24 ? 177 PRO A CA  1 
ATOM   610  C  C   . PRO A 1 78  ? 18.126  -1.814  2.993   1.00 15.06 ? 177 PRO A C   1 
ATOM   611  O  O   . PRO A 1 78  ? 18.812  -1.771  4.018   1.00 13.70 ? 177 PRO A O   1 
ATOM   612  C  CB  . PRO A 1 78  ? 19.687  -1.487  1.025   1.00 20.27 ? 177 PRO A CB  1 
ATOM   613  C  CG  . PRO A 1 78  ? 20.469  -0.212  0.740   1.00 20.85 ? 177 PRO A CG  1 
ATOM   614  C  CD  . PRO A 1 78  ? 20.263  0.612   2.005   1.00 17.73 ? 177 PRO A CD  1 
ATOM   615  N  N   . GLY A 1 79  ? 17.135  -2.661  2.864   1.00 12.10 ? 178 GLY A N   1 
ATOM   616  C  CA  . GLY A 1 79  ? 16.701  -3.506  3.970   1.00 14.94 ? 178 GLY A CA  1 
ATOM   617  C  C   . GLY A 1 79  ? 15.960  -2.721  5.039   1.00 13.39 ? 178 GLY A C   1 
ATOM   618  O  O   . GLY A 1 79  ? 15.546  -1.542  4.865   1.00 14.60 ? 178 GLY A O   1 
ATOM   619  N  N   . ASN A 1 80  ? 15.779  -3.461  6.141   1.00 13.48 ? 179 ASN A N   1 
ATOM   620  C  CA  . ASN A 1 80  ? 15.064  -3.004  7.346   1.00 16.27 ? 179 ASN A CA  1 
ATOM   621  C  C   . ASN A 1 80  ? 13.690  -2.517  6.899   1.00 14.84 ? 179 ASN A C   1 
ATOM   622  O  O   . ASN A 1 80  ? 12.964  -3.330  6.344   1.00 13.04 ? 179 ASN A O   1 
ATOM   623  C  CB  . ASN A 1 80  ? 15.923  -1.911  8.028   1.00 21.04 ? 179 ASN A CB  1 
ATOM   624  C  CG  . ASN A 1 80  ? 17.172  -2.502  8.664   1.00 26.43 ? 179 ASN A CG  1 
ATOM   625  O  OD1 . ASN A 1 80  ? 18.052  -1.800  9.148   1.00 36.79 ? 179 ASN A OD1 1 
ATOM   626  N  ND2 . ASN A 1 80  ? 17.349  -3.810  8.744   1.00 29.42 ? 179 ASN A ND2 1 
ATOM   627  N  N   . THR A 1 81  ? 13.262  -1.284  7.098   1.00 14.80 ? 180 THR A N   1 
ATOM   628  C  CA  . THR A 1 81  ? 11.954  -0.825  6.635   1.00 14.33 ? 180 THR A CA  1 
ATOM   629  C  C   . THR A 1 81  ? 12.036  -0.638  5.125   1.00 12.47 ? 180 THR A C   1 
ATOM   630  O  O   . THR A 1 81  ? 12.984  -0.034  4.556   1.00 13.99 ? 180 THR A O   1 
ATOM   631  C  CB  . THR A 1 81  ? 11.620  0.502   7.341   1.00 17.19 ? 180 THR A CB  1 
ATOM   632  O  OG1 . THR A 1 81  ? 11.641  0.262   8.761   1.00 22.41 ? 180 THR A OG1 1 
ATOM   633  C  CG2 . THR A 1 81  ? 10.271  1.057   6.895   1.00 19.52 ? 180 THR A CG2 1 
ATOM   634  N  N   . LEU A 1 82  ? 11.045  -1.287  4.502   1.00 11.36 ? 181 LEU A N   1 
ATOM   635  C  CA  . LEU A 1 82  ? 10.833  -1.308  3.049   1.00 12.11 ? 181 LEU A CA  1 
ATOM   636  C  C   . LEU A 1 82  ? 9.933   -0.189  2.491   1.00 10.38 ? 181 LEU A C   1 
ATOM   637  O  O   . LEU A 1 82  ? 10.138  0.332   1.390   1.00 10.65 ? 181 LEU A O   1 
ATOM   638  C  CB  . LEU A 1 82  ? 10.248  -2.690  2.714   1.00 10.39 ? 181 LEU A CB  1 
ATOM   639  C  CG  . LEU A 1 82  ? 11.176  -3.866  2.401   1.00 17.50 ? 181 LEU A CG  1 
ATOM   640  C  CD1 . LEU A 1 82  ? 12.549  -3.764  3.071   1.00 16.62 ? 181 LEU A CD1 1 
ATOM   641  C  CD2 . LEU A 1 82  ? 10.335  -5.108  2.728   1.00 13.39 ? 181 LEU A CD2 1 
ATOM   642  N  N   . ALA A 1 83  ? 8.901   0.164   3.241   1.00 10.46 ? 182 ALA A N   1 
ATOM   643  C  CA  . ALA A 1 83  ? 7.906   1.167   2.843   1.00 9.09  ? 182 ALA A CA  1 
ATOM   644  C  C   . ALA A 1 83  ? 7.012   1.458   4.065   1.00 10.73 ? 182 ALA A C   1 
ATOM   645  O  O   . ALA A 1 83  ? 7.116   0.757   5.086   1.00 13.13 ? 182 ALA A O   1 
ATOM   646  C  CB  . ALA A 1 83  ? 7.070   0.549   1.691   1.00 7.57  ? 182 ALA A CB  1 
ATOM   647  N  N   . HIS A 1 84  ? 6.177   2.490   4.005   1.00 8.24  ? 183 HIS A N   1 
ATOM   648  C  CA  . HIS A 1 84  ? 5.263   2.809   5.105   1.00 10.25 ? 183 HIS A CA  1 
ATOM   649  C  C   . HIS A 1 84  ? 4.104   3.599   4.520   1.00 9.87  ? 183 HIS A C   1 
ATOM   650  O  O   . HIS A 1 84  ? 4.216   4.197   3.443   1.00 10.38 ? 183 HIS A O   1 
ATOM   651  C  CB  . HIS A 1 84  ? 5.949   3.637   6.265   1.00 10.64 ? 183 HIS A CB  1 
ATOM   652  C  CG  . HIS A 1 84  ? 6.657   4.938   5.893   1.00 12.01 ? 183 HIS A CG  1 
ATOM   653  N  ND1 . HIS A 1 84  ? 7.854   5.241   6.354   1.00 13.91 ? 183 HIS A ND1 1 
ATOM   654  C  CD2 . HIS A 1 84  ? 6.240   5.942   5.046   1.00 11.03 ? 183 HIS A CD2 1 
ATOM   655  C  CE1 . HIS A 1 84  ? 8.201   6.379   5.826   1.00 13.11 ? 183 HIS A CE1 1 
ATOM   656  N  NE2 . HIS A 1 84  ? 7.237   6.783   5.054   1.00 14.19 ? 183 HIS A NE2 1 
ATOM   657  N  N   . ALA A 1 85  ? 2.991   3.649   5.241   1.00 12.22 ? 184 ALA A N   1 
ATOM   658  C  CA  . ALA A 1 85  ? 1.794   4.358   4.771   1.00 13.07 ? 184 ALA A CA  1 
ATOM   659  C  C   . ALA A 1 85  ? 1.031   4.934   5.965   1.00 16.07 ? 184 ALA A C   1 
ATOM   660  O  O   . ALA A 1 85  ? 1.322   4.585   7.121   1.00 17.50 ? 184 ALA A O   1 
ATOM   661  C  CB  . ALA A 1 85  ? 0.879   3.386   3.967   1.00 9.43  ? 184 ALA A CB  1 
ATOM   662  N  N   . PHE A 1 86  ? 0.043   5.792   5.725   1.00 12.33 ? 185 PHE A N   1 
ATOM   663  C  CA  . PHE A 1 86  ? -0.693  6.437   6.813   1.00 10.93 ? 185 PHE A CA  1 
ATOM   664  C  C   . PHE A 1 86  ? -2.177  6.221   6.709   1.00 11.68 ? 185 PHE A C   1 
ATOM   665  O  O   . PHE A 1 86  ? -2.729  6.141   5.609   1.00 13.72 ? 185 PHE A O   1 
ATOM   666  C  CB  . PHE A 1 86  ? -0.358  7.941   6.774   1.00 11.49 ? 185 PHE A CB  1 
ATOM   667  C  CG  . PHE A 1 86  ? 1.108   8.127   6.794   1.00 15.98 ? 185 PHE A CG  1 
ATOM   668  C  CD1 . PHE A 1 86  ? 1.783   8.193   8.028   1.00 16.85 ? 185 PHE A CD1 1 
ATOM   669  C  CD2 . PHE A 1 86  ? 1.846   8.158   5.591   1.00 18.81 ? 185 PHE A CD2 1 
ATOM   670  C  CE1 . PHE A 1 86  ? 3.183   8.288   8.060   1.00 15.66 ? 185 PHE A CE1 1 
ATOM   671  C  CE2 . PHE A 1 86  ? 3.251   8.252   5.626   1.00 21.32 ? 185 PHE A CE2 1 
ATOM   672  C  CZ  . PHE A 1 86  ? 3.913   8.317   6.866   1.00 16.34 ? 185 PHE A CZ  1 
ATOM   673  N  N   . ALA A 1 87  ? -2.840  6.138   7.855   1.00 12.63 ? 186 ALA A N   1 
ATOM   674  C  CA  . ALA A 1 87  ? -4.297  5.923   7.958   1.00 13.98 ? 186 ALA A CA  1 
ATOM   675  C  C   . ALA A 1 87  ? -5.056  6.987   7.175   1.00 14.24 ? 186 ALA A C   1 
ATOM   676  O  O   . ALA A 1 87  ? -4.533  8.100   7.037   1.00 17.18 ? 186 ALA A O   1 
ATOM   677  C  CB  . ALA A 1 87  ? -4.715  6.019   9.430   1.00 15.98 ? 186 ALA A CB  1 
ATOM   678  N  N   . PRO A 1 88  ? -6.271  6.718   6.676   1.00 13.56 ? 187 PRO A N   1 
ATOM   679  C  CA  . PRO A 1 88  ? -7.067  7.737   5.981   1.00 14.15 ? 187 PRO A CA  1 
ATOM   680  C  C   . PRO A 1 88  ? -7.162  9.039   6.773   1.00 17.54 ? 187 PRO A C   1 
ATOM   681  O  O   . PRO A 1 88  ? -7.316  9.032   8.006   1.00 15.08 ? 187 PRO A O   1 
ATOM   682  C  CB  . PRO A 1 88  ? -8.444  7.095   5.772   1.00 16.11 ? 187 PRO A CB  1 
ATOM   683  C  CG  . PRO A 1 88  ? -8.134  5.610   5.685   1.00 15.17 ? 187 PRO A CG  1 
ATOM   684  C  CD  . PRO A 1 88  ? -7.009  5.439   6.727   1.00 14.67 ? 187 PRO A CD  1 
ATOM   685  N  N   . GLY A 1 89  ? -7.134  10.166  6.056   1.00 16.98 ? 188 GLY A N   1 
ATOM   686  C  CA  . GLY A 1 89  ? -7.226  11.503  6.653   1.00 16.65 ? 188 GLY A CA  1 
ATOM   687  C  C   . GLY A 1 89  ? -6.753  12.494  5.615   1.00 16.64 ? 188 GLY A C   1 
ATOM   688  O  O   . GLY A 1 89  ? -6.410  12.079  4.500   1.00 14.57 ? 188 GLY A O   1 
ATOM   689  N  N   . THR A 1 90  ? -6.713  13.783  5.936   1.00 16.95 ? 189 THR A N   1 
ATOM   690  C  CA  . THR A 1 90  ? -6.249  14.805  4.987   1.00 16.20 ? 189 THR A CA  1 
ATOM   691  C  C   . THR A 1 90  ? -4.728  14.876  4.954   1.00 16.98 ? 189 THR A C   1 
ATOM   692  O  O   . THR A 1 90  ? -4.046  14.397  5.873   1.00 17.47 ? 189 THR A O   1 
ATOM   693  C  CB  . THR A 1 90  ? -6.832  16.183  5.382   1.00 18.34 ? 189 THR A CB  1 
ATOM   694  O  OG1 . THR A 1 90  ? -6.599  16.449  6.765   1.00 17.19 ? 189 THR A OG1 1 
ATOM   695  C  CG2 . THR A 1 90  ? -8.344  16.200  5.103   1.00 20.60 ? 189 THR A CG2 1 
ATOM   696  N  N   . GLY A 1 91  ? -4.178  15.494  3.911   1.00 15.92 ? 190 GLY A N   1 
ATOM   697  C  CA  . GLY A 1 91  ? -2.726  15.652  3.707   1.00 16.94 ? 190 GLY A CA  1 
ATOM   698  C  C   . GLY A 1 91  ? -2.056  14.290  3.575   1.00 13.23 ? 190 GLY A C   1 
ATOM   699  O  O   . GLY A 1 91  ? -2.431  13.433  2.744   1.00 15.44 ? 190 GLY A O   1 
ATOM   700  N  N   . LEU A 1 92  ? -1.111  14.104  4.492   1.00 13.51 ? 191 LEU A N   1 
ATOM   701  C  CA  . LEU A 1 92  ? -0.310  12.878  4.595   1.00 15.91 ? 191 LEU A CA  1 
ATOM   702  C  C   . LEU A 1 92  ? -1.233  11.704  4.803   1.00 14.20 ? 191 LEU A C   1 
ATOM   703  O  O   . LEU A 1 92  ? -0.885  10.570  4.488   1.00 14.16 ? 191 LEU A O   1 
ATOM   704  C  CB  . LEU A 1 92  ? 0.660   12.976  5.772   1.00 13.65 ? 191 LEU A CB  1 
ATOM   705  C  CG  . LEU A 1 92  ? 1.677   11.828  5.877   1.00 17.33 ? 191 LEU A CG  1 
ATOM   706  C  CD1 . LEU A 1 92  ? 2.637   11.810  4.664   1.00 15.01 ? 191 LEU A CD1 1 
ATOM   707  C  CD2 . LEU A 1 92  ? 2.413   12.000  7.220   1.00 16.76 ? 191 LEU A CD2 1 
ATOM   708  N  N   . GLY A 1 93  ? -2.414  11.941  5.365   1.00 14.11 ? 192 GLY A N   1 
ATOM   709  C  CA  . GLY A 1 93  ? -3.350  10.839  5.562   1.00 13.78 ? 192 GLY A CA  1 
ATOM   710  C  C   . GLY A 1 93  ? -3.544  10.133  4.224   1.00 13.04 ? 192 GLY A C   1 
ATOM   711  O  O   . GLY A 1 93  ? -3.642  10.778  3.136   1.00 17.78 ? 192 GLY A O   1 
ATOM   712  N  N   . GLY A 1 94  ? -3.574  8.801   4.348   1.00 11.93 ? 193 GLY A N   1 
ATOM   713  C  CA  . GLY A 1 94  ? -3.767  7.850   3.239   1.00 11.09 ? 193 GLY A CA  1 
ATOM   714  C  C   . GLY A 1 94  ? -2.572  7.673   2.303   1.00 12.45 ? 193 GLY A C   1 
ATOM   715  O  O   . GLY A 1 94  ? -2.600  6.797   1.433   1.00 12.08 ? 193 GLY A O   1 
ATOM   716  N  N   . ASP A 1 95  ? -1.512  8.456   2.433   1.00 12.02 ? 194 ASP A N   1 
ATOM   717  C  CA  . ASP A 1 95  ? -0.396  8.328   1.485   1.00 11.70 ? 194 ASP A CA  1 
ATOM   718  C  C   . ASP A 1 95  ? 0.472   7.100   1.735   1.00 11.54 ? 194 ASP A C   1 
ATOM   719  O  O   . ASP A 1 95  ? 0.477   6.545   2.844   1.00 11.91 ? 194 ASP A O   1 
ATOM   720  C  CB  . ASP A 1 95  ? 0.379   9.660   1.556   1.00 10.74 ? 194 ASP A CB  1 
ATOM   721  C  CG  . ASP A 1 95  ? -0.471  10.915  1.216   1.00 12.25 ? 194 ASP A CG  1 
ATOM   722  O  OD1 . ASP A 1 95  ? -1.695  10.934  0.926   1.00 14.00 ? 194 ASP A OD1 1 
ATOM   723  O  OD2 . ASP A 1 95  ? 0.121   11.975  1.309   1.00 11.83 ? 194 ASP A OD2 1 
ATOM   724  N  N   . ALA A 1 96  ? 1.213   6.671   0.704   1.00 12.84 ? 195 ALA A N   1 
ATOM   725  C  CA  . ALA A 1 96  ? 2.079   5.471   0.742   1.00 9.71  ? 195 ALA A CA  1 
ATOM   726  C  C   . ALA A 1 96  ? 3.425   5.778   0.093   1.00 12.28 ? 195 ALA A C   1 
ATOM   727  O  O   . ALA A 1 96  ? 3.493   6.253   -1.051  1.00 12.30 ? 195 ALA A O   1 
ATOM   728  C  CB  . ALA A 1 96  ? 1.378   4.331   -0.012  1.00 8.13  ? 195 ALA A CB  1 
ATOM   729  N  N   . HIS A 1 97  ? 4.522   5.523   0.823   1.00 11.75 ? 196 HIS A N   1 
ATOM   730  C  CA  . HIS A 1 97  ? 5.888   5.818   0.355   1.00 11.91 ? 196 HIS A CA  1 
ATOM   731  C  C   . HIS A 1 97  ? 6.690   4.537   0.352   1.00 14.25 ? 196 HIS A C   1 
ATOM   732  O  O   . HIS A 1 97  ? 6.622   3.756   1.311   1.00 11.96 ? 196 HIS A O   1 
ATOM   733  C  CB  . HIS A 1 97  ? 6.606   6.825   1.297   1.00 11.63 ? 196 HIS A CB  1 
ATOM   734  C  CG  . HIS A 1 97  ? 5.784   8.098   1.520   1.00 16.86 ? 196 HIS A CG  1 
ATOM   735  N  ND1 . HIS A 1 97  ? 5.914   8.806   2.624   1.00 17.41 ? 196 HIS A ND1 1 
ATOM   736  C  CD2 . HIS A 1 97  ? 4.865   8.640   0.666   1.00 13.93 ? 196 HIS A CD2 1 
ATOM   737  C  CE1 . HIS A 1 97  ? 5.083   9.812   2.495   1.00 15.04 ? 196 HIS A CE1 1 
ATOM   738  N  NE2 . HIS A 1 97  ? 4.472   9.688   1.328   1.00 17.64 ? 196 HIS A NE2 1 
ATOM   739  N  N   . PHE A 1 98  ? 7.495   4.344   -0.686  1.00 12.38 ? 197 PHE A N   1 
ATOM   740  C  CA  . PHE A 1 98  ? 8.323   3.140   -0.814  1.00 11.32 ? 197 PHE A CA  1 
ATOM   741  C  C   . PHE A 1 98  ? 9.770   3.577   -0.767  1.00 11.08 ? 197 PHE A C   1 
ATOM   742  O  O   . PHE A 1 98  ? 10.142  4.576   -1.394  1.00 12.11 ? 197 PHE A O   1 
ATOM   743  C  CB  . PHE A 1 98  ? 7.943   2.472   -2.151  1.00 12.68 ? 197 PHE A CB  1 
ATOM   744  C  CG  . PHE A 1 98  ? 6.511   2.058   -2.174  1.00 13.82 ? 197 PHE A CG  1 
ATOM   745  C  CD1 . PHE A 1 98  ? 5.501   2.986   -2.509  1.00 14.08 ? 197 PHE A CD1 1 
ATOM   746  C  CD2 . PHE A 1 98  ? 6.154   0.752   -1.797  1.00 14.29 ? 197 PHE A CD2 1 
ATOM   747  C  CE1 . PHE A 1 98  ? 4.147   2.618   -2.462  1.00 15.10 ? 197 PHE A CE1 1 
ATOM   748  C  CE2 . PHE A 1 98  ? 4.794   0.383   -1.753  1.00 15.90 ? 197 PHE A CE2 1 
ATOM   749  C  CZ  . PHE A 1 98  ? 3.793   1.316   -2.084  1.00 15.29 ? 197 PHE A CZ  1 
ATOM   750  N  N   . ASP A 1 99  ? 10.591  2.837   -0.039  1.00 10.60 ? 198 ASP A N   1 
ATOM   751  C  CA  . ASP A 1 99  ? 12.016  3.163   0.121   1.00 11.92 ? 198 ASP A CA  1 
ATOM   752  C  C   . ASP A 1 99  ? 12.752  2.882   -1.178  1.00 14.20 ? 198 ASP A C   1 
ATOM   753  O  O   . ASP A 1 99  ? 12.909  1.747   -1.659  1.00 13.90 ? 198 ASP A O   1 
ATOM   754  C  CB  . ASP A 1 99  ? 12.590  2.332   1.333   1.00 13.79 ? 198 ASP A CB  1 
ATOM   755  C  CG  . ASP A 1 99  ? 14.019  2.684   1.753   1.00 12.31 ? 198 ASP A CG  1 
ATOM   756  O  OD1 . ASP A 1 99  ? 14.672  3.411   1.008   1.00 12.10 ? 198 ASP A OD1 1 
ATOM   757  O  OD2 . ASP A 1 99  ? 14.478  2.200   2.821   1.00 14.01 ? 198 ASP A OD2 1 
ATOM   758  N  N   . GLU A 1 100 ? 13.160  3.957   -1.823  1.00 11.81 ? 199 GLU A N   1 
ATOM   759  C  CA  . GLU A 1 100 ? 13.872  3.873   -3.100  1.00 16.60 ? 199 GLU A CA  1 
ATOM   760  C  C   . GLU A 1 100 ? 15.231  3.156   -2.939  1.00 14.83 ? 199 GLU A C   1 
ATOM   761  O  O   . GLU A 1 100 ? 15.849  2.771   -3.925  1.00 15.99 ? 199 GLU A O   1 
ATOM   762  C  CB  . GLU A 1 100 ? 13.942  5.335   -3.601  1.00 20.88 ? 199 GLU A CB  1 
ATOM   763  C  CG  . GLU A 1 100 ? 14.435  5.572   -5.049  1.00 33.69 ? 199 GLU A CG  1 
ATOM   764  C  CD  . GLU A 1 100 ? 13.975  6.945   -5.576  1.00 45.01 ? 199 GLU A CD  1 
ATOM   765  O  OE1 . GLU A 1 100 ? 14.014  7.949   -4.853  1.00 46.36 ? 199 GLU A OE1 1 
ATOM   766  O  OE2 . GLU A 1 100 ? 13.574  7.014   -6.737  1.00 52.65 ? 199 GLU A OE2 1 
ATOM   767  N  N   . ASP A 1 101 ? 15.782  2.989   -1.736  1.00 15.85 ? 200 ASP A N   1 
ATOM   768  C  CA  . ASP A 1 101 ? 17.051  2.253   -1.598  1.00 12.65 ? 200 ASP A CA  1 
ATOM   769  C  C   . ASP A 1 101 ? 16.828  0.752   -1.728  1.00 15.09 ? 200 ASP A C   1 
ATOM   770  O  O   . ASP A 1 101 ? 17.779  -0.041  -1.698  1.00 15.63 ? 200 ASP A O   1 
ATOM   771  C  CB  . ASP A 1 101 ? 17.732  2.571   -0.249  1.00 14.51 ? 200 ASP A CB  1 
ATOM   772  C  CG  . ASP A 1 101 ? 18.509  3.870   -0.386  1.00 22.14 ? 200 ASP A CG  1 
ATOM   773  O  OD1 . ASP A 1 101 ? 19.034  4.170   -1.453  1.00 23.42 ? 200 ASP A OD1 1 
ATOM   774  O  OD2 . ASP A 1 101 ? 18.653  4.616   0.576   1.00 23.31 ? 200 ASP A OD2 1 
ATOM   775  N  N   . GLU A 1 102 ? 15.571  0.295   -1.752  1.00 13.07 ? 201 GLU A N   1 
ATOM   776  C  CA  . GLU A 1 102 ? 15.315  -1.134  -1.949  1.00 13.01 ? 201 GLU A CA  1 
ATOM   777  C  C   . GLU A 1 102 ? 15.415  -1.475  -3.450  1.00 16.19 ? 201 GLU A C   1 
ATOM   778  O  O   . GLU A 1 102 ? 15.279  -0.608  -4.312  1.00 13.96 ? 201 GLU A O   1 
ATOM   779  C  CB  . GLU A 1 102 ? 13.904  -1.519  -1.437  1.00 8.70  ? 201 GLU A CB  1 
ATOM   780  C  CG  . GLU A 1 102 ? 13.551  -1.040  0.011   1.00 9.94  ? 201 GLU A CG  1 
ATOM   781  C  CD  . GLU A 1 102 ? 14.556  -1.389  1.100   1.00 12.02 ? 201 GLU A CD  1 
ATOM   782  O  OE1 . GLU A 1 102 ? 15.258  -2.384  0.915   1.00 16.64 ? 201 GLU A OE1 1 
ATOM   783  O  OE2 . GLU A 1 102 ? 14.635  -0.721  2.161   1.00 13.39 ? 201 GLU A OE2 1 
ATOM   784  N  N   . ARG A 1 103 ? 15.710  -2.721  -3.795  1.00 14.47 ? 202 ARG A N   1 
ATOM   785  C  CA  . ARG A 1 103 ? 15.753  -3.136  -5.208  1.00 18.94 ? 202 ARG A CA  1 
ATOM   786  C  C   . ARG A 1 103 ? 14.323  -3.660  -5.488  1.00 19.13 ? 202 ARG A C   1 
ATOM   787  O  O   . ARG A 1 103 ? 13.916  -4.723  -4.988  1.00 15.88 ? 202 ARG A O   1 
ATOM   788  C  CB  . ARG A 1 103 ? 16.879  -4.240  -5.401  1.00 23.88 ? 202 ARG A CB  1 
ATOM   789  C  CG  . ARG A 1 103 ? 16.768  -5.509  -4.482  1.00 39.58 ? 202 ARG A CG  1 
ATOM   790  C  CD  . ARG A 1 103 ? 17.790  -5.889  -3.352  1.00 41.66 ? 202 ARG A CD  1 
ATOM   791  N  NE  . ARG A 1 103 ? 17.047  -6.568  -2.244  1.00 40.25 ? 202 ARG A NE  1 
ATOM   792  C  CZ  . ARG A 1 103 ? 16.767  -7.875  -2.228  1.00 39.11 ? 202 ARG A CZ  1 
ATOM   793  N  NH1 . ARG A 1 103 ? 17.171  -8.687  -3.216  1.00 50.86 ? 202 ARG A NH1 1 
ATOM   794  N  NH2 . ARG A 1 103 ? 16.097  -8.404  -1.210  1.00 30.60 ? 202 ARG A NH2 1 
ATOM   795  N  N   . TRP A 1 104 ? 13.472  -2.882  -6.158  1.00 16.52 ? 203 TRP A N   1 
ATOM   796  C  CA  . TRP A 1 104 ? 12.092  -3.300  -6.446  1.00 15.38 ? 203 TRP A CA  1 
ATOM   797  C  C   . TRP A 1 104 ? 11.972  -4.169  -7.675  1.00 16.07 ? 203 TRP A C   1 
ATOM   798  O  O   . TRP A 1 104 ? 12.592  -3.907  -8.703  1.00 15.83 ? 203 TRP A O   1 
ATOM   799  C  CB  . TRP A 1 104 ? 11.183  -2.051  -6.601  1.00 14.91 ? 203 TRP A CB  1 
ATOM   800  C  CG  . TRP A 1 104 ? 11.164  -1.303  -5.322  1.00 13.49 ? 203 TRP A CG  1 
ATOM   801  C  CD1 . TRP A 1 104 ? 11.904  -0.143  -5.019  1.00 13.71 ? 203 TRP A CD1 1 
ATOM   802  C  CD2 . TRP A 1 104 ? 10.443  -1.603  -4.145  1.00 13.93 ? 203 TRP A CD2 1 
ATOM   803  N  NE1 . TRP A 1 104 ? 11.673  0.272   -3.747  1.00 12.07 ? 203 TRP A NE1 1 
ATOM   804  C  CE2 . TRP A 1 104 ? 10.781  -0.599  -3.181  1.00 12.34 ? 203 TRP A CE2 1 
ATOM   805  C  CE3 . TRP A 1 104 ? 9.541   -2.624  -3.801  1.00 13.14 ? 203 TRP A CE3 1 
ATOM   806  C  CZ2 . TRP A 1 104 ? 10.205  -0.640  -1.896  1.00 10.46 ? 203 TRP A CZ2 1 
ATOM   807  C  CZ3 . TRP A 1 104 ? 8.980   -2.644  -2.510  1.00 13.36 ? 203 TRP A CZ3 1 
ATOM   808  C  CH2 . TRP A 1 104 ? 9.307   -1.659  -1.562  1.00 10.26 ? 203 TRP A CH2 1 
ATOM   809  N  N   . THR A 1 105 ? 11.103  -5.165  -7.627  1.00 15.67 ? 204 THR A N   1 
ATOM   810  C  CA  . THR A 1 105 ? 10.917  -6.077  -8.769  1.00 16.76 ? 204 THR A CA  1 
ATOM   811  C  C   . THR A 1 105 ? 9.441   -6.415  -8.952  1.00 16.20 ? 204 THR A C   1 
ATOM   812  O  O   . THR A 1 105 ? 8.613   -6.196  -8.062  1.00 16.66 ? 204 THR A O   1 
ATOM   813  C  CB  . THR A 1 105 ? 11.743  -7.397  -8.515  1.00 19.36 ? 204 THR A CB  1 
ATOM   814  O  OG1 . THR A 1 105 ? 11.539  -8.326  -9.608  1.00 23.77 ? 204 THR A OG1 1 
ATOM   815  C  CG2 . THR A 1 105 ? 11.290  -8.103  -7.231  1.00 17.07 ? 204 THR A CG2 1 
ATOM   816  N  N   . ASP A 1 106 ? 9.092   -6.899  -10.139 1.00 15.03 ? 205 ASP A N   1 
ATOM   817  C  CA  . ASP A 1 106 ? 7.732   -7.348  -10.440 1.00 16.54 ? 205 ASP A CA  1 
ATOM   818  C  C   . ASP A 1 106 ? 7.693   -8.862  -10.133 1.00 18.33 ? 205 ASP A C   1 
ATOM   819  O  O   . ASP A 1 106 ? 6.689   -9.554  -10.321 1.00 20.09 ? 205 ASP A O   1 
ATOM   820  C  CB  . ASP A 1 106 ? 7.404   -7.112  -11.908 1.00 17.92 ? 205 ASP A CB  1 
ATOM   821  C  CG  . ASP A 1 106 ? 8.370   -7.812  -12.843 1.00 24.31 ? 205 ASP A CG  1 
ATOM   822  O  OD1 . ASP A 1 106 ? 9.332   -8.460  -12.420 1.00 23.75 ? 205 ASP A OD1 1 
ATOM   823  O  OD2 . ASP A 1 106 ? 8.163   -7.673  -14.036 1.00 32.56 ? 205 ASP A OD2 1 
ATOM   824  N  N   . GLY A 1 107 ? 8.796   -9.438  -9.676  1.00 16.47 ? 206 GLY A N   1 
ATOM   825  C  CA  . GLY A 1 107 ? 8.779   -10.854 -9.329  1.00 20.63 ? 206 GLY A CA  1 
ATOM   826  C  C   . GLY A 1 107 ? 9.618   -11.689 -10.249 1.00 23.09 ? 206 GLY A C   1 
ATOM   827  O  O   . GLY A 1 107 ? 9.844   -12.873 -9.967  1.00 22.73 ? 206 GLY A O   1 
ATOM   828  N  N   . SER A 1 108 ? 10.073  -11.114 -11.353 1.00 23.53 ? 207 SER A N   1 
ATOM   829  C  CA  . SER A 1 108 ? 10.888  -11.855 -12.316 1.00 26.57 ? 207 SER A CA  1 
ATOM   830  C  C   . SER A 1 108 ? 12.369  -11.830 -11.992 1.00 25.86 ? 207 SER A C   1 
ATOM   831  O  O   . SER A 1 108 ? 13.172  -12.413 -12.723 1.00 28.94 ? 207 SER A O   1 
ATOM   832  C  CB  . SER A 1 108 ? 10.599  -11.270 -13.718 1.00 28.13 ? 207 SER A CB  1 
ATOM   833  O  OG  . SER A 1 108 ? 11.113  -9.939  -13.805 1.00 37.67 ? 207 SER A OG  1 
ATOM   834  N  N   . SER A 1 109 ? 12.777  -11.188 -10.896 1.00 24.92 ? 208 SER A N   1 
ATOM   835  C  CA  . SER A 1 109 ? 14.194  -11.136 -10.516 1.00 25.25 ? 208 SER A CA  1 
ATOM   836  C  C   . SER A 1 109 ? 14.279  -11.095 -9.001  1.00 23.42 ? 208 SER A C   1 
ATOM   837  O  O   . SER A 1 109 ? 13.268  -11.264 -8.307  1.00 22.82 ? 208 SER A O   1 
ATOM   838  C  CB  . SER A 1 109 ? 14.863  -9.889  -11.153 1.00 26.76 ? 208 SER A CB  1 
ATOM   839  O  OG  . SER A 1 109 ? 14.171  -8.689  -10.796 1.00 33.21 ? 208 SER A OG  1 
ATOM   840  N  N   . LEU A 1 110 B 15.479  -11.026 -8.454  1.00 22.31 ? 208 LEU A N   1 
ATOM   841  C  CA  . LEU A 1 110 B 15.631  -10.973 -7.006  1.00 22.75 ? 208 LEU A CA  1 
ATOM   842  C  C   . LEU A 1 110 B 15.357  -9.564  -6.545  1.00 21.18 ? 208 LEU A C   1 
ATOM   843  O  O   . LEU A 1 110 B 15.698  -8.616  -7.249  1.00 27.20 ? 208 LEU A O   1 
ATOM   844  C  CB  . LEU A 1 110 B 17.053  -11.402 -6.663  1.00 23.47 ? 208 LEU A CB  1 
ATOM   845  C  CG  . LEU A 1 110 B 17.103  -12.597 -5.707  1.00 28.63 ? 208 LEU A CG  1 
ATOM   846  C  CD1 . LEU A 1 110 B 16.120  -13.697 -6.149  1.00 28.11 ? 208 LEU A CD1 1 
ATOM   847  C  CD2 . LEU A 1 110 B 18.564  -13.080 -5.641  1.00 29.14 ? 208 LEU A CD2 1 
ATOM   848  N  N   . GLY A 1 111 ? 14.800  -9.383  -5.368  1.00 20.03 ? 209 GLY A N   1 
ATOM   849  C  CA  . GLY A 1 111 ? 14.510  -8.042  -4.862  1.00 17.54 ? 209 GLY A CA  1 
ATOM   850  C  C   . GLY A 1 111 ? 13.238  -8.106  -4.062  1.00 17.65 ? 209 GLY A C   1 
ATOM   851  O  O   . GLY A 1 111 ? 12.837  -9.187  -3.608  1.00 19.70 ? 209 GLY A O   1 
ATOM   852  N  N   . ILE A 1 112 ? 12.633  -6.961  -3.815  1.00 13.74 ? 210 ILE A N   1 
ATOM   853  C  CA  . ILE A 1 112 ? 11.384  -6.889  -3.053  1.00 12.80 ? 210 ILE A CA  1 
ATOM   854  C  C   . ILE A 1 112 ? 10.263  -6.741  -4.070  1.00 12.80 ? 210 ILE A C   1 
ATOM   855  O  O   . ILE A 1 112 ? 10.291  -5.868  -4.959  1.00 13.72 ? 210 ILE A O   1 
ATOM   856  C  CB  . ILE A 1 112 ? 11.419  -5.676  -2.106  1.00 12.53 ? 210 ILE A CB  1 
ATOM   857  C  CG1 . ILE A 1 112 ? 12.746  -5.637  -1.291  1.00 17.62 ? 210 ILE A CG1 1 
ATOM   858  C  CG2 . ILE A 1 112 ? 10.162  -5.764  -1.205  1.00 12.46 ? 210 ILE A CG2 1 
ATOM   859  C  CD1 . ILE A 1 112 ? 12.933  -6.779  -0.257  1.00 17.27 ? 210 ILE A CD1 1 
ATOM   860  N  N   . ASN A 1 113 ? 9.278   -7.620  -3.965  1.00 10.48 ? 211 ASN A N   1 
ATOM   861  C  CA  . ASN A 1 113 ? 8.141   -7.611  -4.895  1.00 10.47 ? 211 ASN A CA  1 
ATOM   862  C  C   . ASN A 1 113 ? 7.263   -6.391  -4.643  1.00 11.46 ? 211 ASN A C   1 
ATOM   863  O  O   . ASN A 1 113 ? 6.644   -6.251  -3.575  1.00 10.13 ? 211 ASN A O   1 
ATOM   864  C  CB  . ASN A 1 113 ? 7.359   -8.935  -4.710  1.00 11.47 ? 211 ASN A CB  1 
ATOM   865  C  CG  . ASN A 1 113 ? 6.240   -9.039  -5.727  1.00 16.10 ? 211 ASN A CG  1 
ATOM   866  O  OD1 . ASN A 1 113 ? 5.238   -8.323  -5.675  1.00 13.31 ? 211 ASN A OD1 1 
ATOM   867  N  ND2 . ASN A 1 113 ? 6.363   -9.952  -6.670  1.00 16.31 ? 211 ASN A ND2 1 
ATOM   868  N  N   . PHE A 1 114 ? 7.207   -5.487  -5.630  1.00 10.20 ? 212 PHE A N   1 
ATOM   869  C  CA  . PHE A 1 114 ? 6.409   -4.262  -5.493  1.00 8.81  ? 212 PHE A CA  1 
ATOM   870  C  C   . PHE A 1 114 ? 4.923   -4.546  -5.338  1.00 9.35  ? 212 PHE A C   1 
ATOM   871  O  O   . PHE A 1 114 ? 4.257   -3.851  -4.565  1.00 11.21 ? 212 PHE A O   1 
ATOM   872  C  CB  . PHE A 1 114 ? 6.656   -3.358  -6.719  1.00 9.78  ? 212 PHE A CB  1 
ATOM   873  C  CG  . PHE A 1 114 ? 5.928   -2.068  -6.586  1.00 12.83 ? 212 PHE A CG  1 
ATOM   874  C  CD1 . PHE A 1 114 ? 6.282   -1.136  -5.599  1.00 13.27 ? 212 PHE A CD1 1 
ATOM   875  C  CD2 . PHE A 1 114 ? 4.838   -1.804  -7.439  1.00 14.57 ? 212 PHE A CD2 1 
ATOM   876  C  CE1 . PHE A 1 114 ? 5.540   0.054   -5.469  1.00 16.66 ? 212 PHE A CE1 1 
ATOM   877  C  CE2 . PHE A 1 114 ? 4.096   -0.615  -7.310  1.00 18.42 ? 212 PHE A CE2 1 
ATOM   878  C  CZ  . PHE A 1 114 ? 4.452   0.314   -6.316  1.00 17.74 ? 212 PHE A CZ  1 
ATOM   879  N  N   . LEU A 1 115 ? 4.345   -5.527  -6.043  1.00 9.37  ? 213 LEU A N   1 
ATOM   880  C  CA  . LEU A 1 115 ? 2.903   -5.794  -5.883  1.00 9.47  ? 213 LEU A CA  1 
ATOM   881  C  C   . LEU A 1 115 ? 2.563   -6.187  -4.440  1.00 11.34 ? 213 LEU A C   1 
ATOM   882  O  O   . LEU A 1 115 ? 1.608   -5.669  -3.865  1.00 11.22 ? 213 LEU A O   1 
ATOM   883  C  CB  . LEU A 1 115 ? 2.453   -6.914  -6.864  1.00 10.73 ? 213 LEU A CB  1 
ATOM   884  C  CG  . LEU A 1 115 ? 0.923   -7.281  -6.779  1.00 12.71 ? 213 LEU A CG  1 
ATOM   885  C  CD1 . LEU A 1 115 ? 0.028   -6.032  -7.021  1.00 9.55  ? 213 LEU A CD1 1 
ATOM   886  C  CD2 . LEU A 1 115 ? 0.615   -8.397  -7.809  1.00 13.03 ? 213 LEU A CD2 1 
ATOM   887  N  N   . TYR A 1 116 ? 3.335   -7.080  -3.829  1.00 9.77  ? 214 TYR A N   1 
ATOM   888  C  CA  . TYR A 1 116 ? 3.081   -7.496  -2.457  1.00 10.63 ? 214 TYR A CA  1 
ATOM   889  C  C   . TYR A 1 116 ? 3.201   -6.277  -1.524  1.00 10.68 ? 214 TYR A C   1 
ATOM   890  O  O   . TYR A 1 116 ? 2.294   -6.017  -0.730  1.00 9.94  ? 214 TYR A O   1 
ATOM   891  C  CB  . TYR A 1 116 ? 4.109   -8.623  -2.028  1.00 11.34 ? 214 TYR A CB  1 
ATOM   892  C  CG  . TYR A 1 116 ? 3.735   -9.135  -0.678  1.00 14.82 ? 214 TYR A CG  1 
ATOM   893  C  CD1 . TYR A 1 116 ? 4.217   -8.487  0.486   1.00 11.40 ? 214 TYR A CD1 1 
ATOM   894  C  CD2 . TYR A 1 116 ? 2.799   -10.183 -0.564  1.00 13.97 ? 214 TYR A CD2 1 
ATOM   895  C  CE1 . TYR A 1 116 ? 3.770   -8.875  1.749   1.00 10.61 ? 214 TYR A CE1 1 
ATOM   896  C  CE2 . TYR A 1 116 ? 2.350   -10.577 0.704   1.00 14.06 ? 214 TYR A CE2 1 
ATOM   897  C  CZ  . TYR A 1 116 ? 2.839   -9.921  1.858   1.00 15.64 ? 214 TYR A CZ  1 
ATOM   898  O  OH  . TYR A 1 116 ? 2.403   -10.317 3.115   1.00 15.90 ? 214 TYR A OH  1 
ATOM   899  N  N   . ALA A 1 117 ? 4.313   -5.522  -1.591  1.00 11.81 ? 215 ALA A N   1 
ATOM   900  C  CA  . ALA A 1 117 ? 4.528   -4.347  -0.730  1.00 10.58 ? 215 ALA A CA  1 
ATOM   901  C  C   . ALA A 1 117 ? 3.413   -3.329  -0.923  1.00 11.37 ? 215 ALA A C   1 
ATOM   902  O  O   . ALA A 1 117 ? 2.890   -2.821  0.056   1.00 10.09 ? 215 ALA A O   1 
ATOM   903  C  CB  . ALA A 1 117 ? 5.871   -3.659  -1.050  1.00 11.67 ? 215 ALA A CB  1 
ATOM   904  N  N   . ALA A 1 118 ? 3.024   -3.026  -2.154  1.00 10.05 ? 216 ALA A N   1 
ATOM   905  C  CA  . ALA A 1 118 ? 1.947   -2.063  -2.428  1.00 11.43 ? 216 ALA A CA  1 
ATOM   906  C  C   . ALA A 1 118 ? 0.628   -2.571  -1.852  1.00 12.37 ? 216 ALA A C   1 
ATOM   907  O  O   . ALA A 1 118 ? -0.126  -1.781  -1.285  1.00 10.71 ? 216 ALA A O   1 
ATOM   908  C  CB  . ALA A 1 118 ? 1.750   -1.847  -3.933  1.00 11.88 ? 216 ALA A CB  1 
ATOM   909  N  N   . THR A 1 119 ? 0.283   -3.857  -1.981  1.00 11.08 ? 217 THR A N   1 
ATOM   910  C  CA  . THR A 1 119 ? -0.979  -4.340  -1.404  1.00 12.53 ? 217 THR A CA  1 
ATOM   911  C  C   . THR A 1 119 ? -0.950  -4.108  0.102   1.00 12.09 ? 217 THR A C   1 
ATOM   912  O  O   . THR A 1 119 ? -1.939  -3.637  0.681   1.00 11.55 ? 217 THR A O   1 
ATOM   913  C  CB  . THR A 1 119 ? -1.162  -5.851  -1.759  1.00 11.21 ? 217 THR A CB  1 
ATOM   914  O  OG1 . THR A 1 119 ? -1.076  -5.995  -3.193  1.00 10.70 ? 217 THR A OG1 1 
ATOM   915  C  CG2 . THR A 1 119 ? -2.544  -6.381  -1.296  1.00 13.43 ? 217 THR A CG2 1 
ATOM   916  N  N   . HIS A 1 120 ? 0.184   -4.388  0.753   1.00 12.44 ? 218 HIS A N   1 
ATOM   917  C  CA  . HIS A 1 120 ? 0.306   -4.163  2.211   1.00 11.49 ? 218 HIS A CA  1 
ATOM   918  C  C   . HIS A 1 120 ? 0.144   -2.642  2.530   1.00 12.47 ? 218 HIS A C   1 
ATOM   919  O  O   . HIS A 1 120 ? -0.686  -2.235  3.352   1.00 8.77  ? 218 HIS A O   1 
ATOM   920  C  CB  . HIS A 1 120 ? 1.703   -4.708  2.682   1.00 11.58 ? 218 HIS A CB  1 
ATOM   921  C  CG  . HIS A 1 120 ? 1.956   -4.473  4.181   1.00 9.98  ? 218 HIS A CG  1 
ATOM   922  N  ND1 . HIS A 1 120 ? 1.797   -5.372  5.132   1.00 11.34 ? 218 HIS A ND1 1 
ATOM   923  C  CD2 . HIS A 1 120 ? 2.350   -3.287  4.764   1.00 7.03  ? 218 HIS A CD2 1 
ATOM   924  C  CE1 . HIS A 1 120 ? 2.072   -4.802  6.274   1.00 10.57 ? 218 HIS A CE1 1 
ATOM   925  N  NE2 . HIS A 1 120 ? 2.400   -3.557  6.037   1.00 12.95 ? 218 HIS A NE2 1 
ATOM   926  N  N   . GLU A 1 121 ? 0.943   -1.779  1.916   1.00 9.43  ? 219 GLU A N   1 
ATOM   927  C  CA  . GLU A 1 121 ? 0.845   -0.349  2.175   1.00 9.39  ? 219 GLU A CA  1 
ATOM   928  C  C   . GLU A 1 121 ? -0.523  0.232   1.874   1.00 9.84  ? 219 GLU A C   1 
ATOM   929  O  O   . GLU A 1 121 ? -1.047  1.017   2.667   1.00 12.77 ? 219 GLU A O   1 
ATOM   930  C  CB  . GLU A 1 121 ? 1.928   0.395   1.357   1.00 9.93  ? 219 GLU A CB  1 
ATOM   931  C  CG  . GLU A 1 121 ? 3.419   0.064   1.708   1.00 13.04 ? 219 GLU A CG  1 
ATOM   932  C  CD  . GLU A 1 121 ? 3.715   -0.230  3.200   1.00 13.66 ? 219 GLU A CD  1 
ATOM   933  O  OE1 . GLU A 1 121 ? 3.168   0.424   4.080   1.00 12.86 ? 219 GLU A OE1 1 
ATOM   934  O  OE2 . GLU A 1 121 ? 4.522   -1.111  3.502   1.00 11.63 ? 219 GLU A OE2 1 
ATOM   935  N  N   . LEU A 1 122 ? -1.146  -0.115  0.750   1.00 11.32 ? 220 LEU A N   1 
ATOM   936  C  CA  . LEU A 1 122 ? -2.472  0.437   0.423   1.00 12.19 ? 220 LEU A CA  1 
ATOM   937  C  C   . LEU A 1 122 ? -3.488  -0.091  1.389   1.00 13.93 ? 220 LEU A C   1 
ATOM   938  O  O   . LEU A 1 122 ? -4.525  0.557   1.571   1.00 13.68 ? 220 LEU A O   1 
ATOM   939  C  CB  . LEU A 1 122 ? -2.835  0.114   -1.041  1.00 12.95 ? 220 LEU A CB  1 
ATOM   940  C  CG  . LEU A 1 122 ? -1.876  0.912   -1.989  1.00 16.71 ? 220 LEU A CG  1 
ATOM   941  C  CD1 . LEU A 1 122 ? -1.994  0.383   -3.433  1.00 15.55 ? 220 LEU A CD1 1 
ATOM   942  C  CD2 . LEU A 1 122 ? -2.205  2.422   -1.916  1.00 19.06 ? 220 LEU A CD2 1 
ATOM   943  N  N   . GLY A 1 123 ? -3.267  -1.270  2.004   1.00 12.25 ? 221 GLY A N   1 
ATOM   944  C  CA  . GLY A 1 123 ? -4.201  -1.745  3.046   1.00 11.29 ? 221 GLY A CA  1 
ATOM   945  C  C   . GLY A 1 123 ? -4.209  -0.664  4.161   1.00 11.69 ? 221 GLY A C   1 
ATOM   946  O  O   . GLY A 1 123 ? -5.253  -0.299  4.713   1.00 10.10 ? 221 GLY A O   1 
ATOM   947  N  N   . HIS A 1 124 ? -3.038  -0.155  4.565   1.00 10.07 ? 222 HIS A N   1 
ATOM   948  C  CA  . HIS A 1 124 ? -2.963  0.917   5.580   1.00 10.25 ? 222 HIS A CA  1 
ATOM   949  C  C   . HIS A 1 124 ? -3.666  2.164   5.056   1.00 11.88 ? 222 HIS A C   1 
ATOM   950  O  O   . HIS A 1 124 ? -4.397  2.807   5.812   1.00 12.26 ? 222 HIS A O   1 
ATOM   951  C  CB  . HIS A 1 124 ? -1.525  1.380   5.913   1.00 10.38 ? 222 HIS A CB  1 
ATOM   952  C  CG  . HIS A 1 124 ? -0.791  0.365   6.740   1.00 11.61 ? 222 HIS A CG  1 
ATOM   953  N  ND1 . HIS A 1 124 ? -1.203  -0.194  7.862   1.00 12.71 ? 222 HIS A ND1 1 
ATOM   954  C  CD2 . HIS A 1 124 ? 0.445   -0.117  6.428   1.00 12.85 ? 222 HIS A CD2 1 
ATOM   955  C  CE1 . HIS A 1 124 ? -0.280  -1.010  8.268   1.00 12.06 ? 222 HIS A CE1 1 
ATOM   956  N  NE2 . HIS A 1 124 ? 0.683   -0.954  7.406   1.00 13.02 ? 222 HIS A NE2 1 
ATOM   957  N  N   . SER A 1 125 ? -3.408  2.571   3.799   1.00 11.57 ? 223 SER A N   1 
ATOM   958  C  CA  . SER A 1 125 ? -4.044  3.764   3.188   1.00 11.78 ? 223 SER A CA  1 
ATOM   959  C  C   . SER A 1 125 ? -5.559  3.694   3.328   1.00 14.11 ? 223 SER A C   1 
ATOM   960  O  O   . SER A 1 125 ? -6.228  4.727   3.352   1.00 17.35 ? 223 SER A O   1 
ATOM   961  C  CB  . SER A 1 125 ? -3.674  3.846   1.692   1.00 7.23  ? 223 SER A CB  1 
ATOM   962  O  OG  . SER A 1 125 ? -2.260  4.007   1.595   1.00 12.10 ? 223 SER A OG  1 
ATOM   963  N  N   . LEU A 1 126 ? -6.119  2.482   3.295   1.00 12.13 ? 224 LEU A N   1 
ATOM   964  C  CA  . LEU A 1 126 ? -7.557  2.236   3.444   1.00 14.70 ? 224 LEU A CA  1 
ATOM   965  C  C   . LEU A 1 126 ? -8.010  2.103   4.901   1.00 17.48 ? 224 LEU A C   1 
ATOM   966  O  O   . LEU A 1 126 ? -9.220  2.097   5.151   1.00 17.61 ? 224 LEU A O   1 
ATOM   967  C  CB  . LEU A 1 126 ? -7.924  0.972   2.657   1.00 14.40 ? 224 LEU A CB  1 
ATOM   968  C  CG  . LEU A 1 126 ? -8.533  1.163   1.253   1.00 16.73 ? 224 LEU A CG  1 
ATOM   969  C  CD1 . LEU A 1 126 ? -8.052  2.440   0.577   1.00 18.94 ? 224 LEU A CD1 1 
ATOM   970  C  CD2 . LEU A 1 126 ? -8.186  -0.089  0.440   1.00 15.57 ? 224 LEU A CD2 1 
ATOM   971  N  N   . GLY A 1 127 ? -7.118  1.947   5.881   1.00 14.47 ? 225 GLY A N   1 
ATOM   972  C  CA  . GLY A 1 127 ? -7.569  1.854   7.279   1.00 15.42 ? 225 GLY A CA  1 
ATOM   973  C  C   . GLY A 1 127 ? -7.163  0.599   8.015   1.00 16.00 ? 225 GLY A C   1 
ATOM   974  O  O   . GLY A 1 127 ? -7.476  0.445   9.203   1.00 17.88 ? 225 GLY A O   1 
ATOM   975  N  N   . MET A 1 128 ? -6.473  -0.306  7.342   1.00 14.96 ? 226 MET A N   1 
ATOM   976  C  CA  . MET A 1 128 ? -6.029  -1.561  7.979   1.00 15.11 ? 226 MET A CA  1 
ATOM   977  C  C   . MET A 1 128 ? -4.818  -1.354  8.855   1.00 14.05 ? 226 MET A C   1 
ATOM   978  O  O   . MET A 1 128 ? -3.903  -0.609  8.492   1.00 12.90 ? 226 MET A O   1 
ATOM   979  C  CB  . MET A 1 128 ? -5.631  -2.634  6.941   1.00 15.84 ? 226 MET A CB  1 
ATOM   980  C  CG  . MET A 1 128 ? -6.747  -3.091  5.984   1.00 19.79 ? 226 MET A CG  1 
ATOM   981  S  SD  . MET A 1 128 ? -8.113  -3.816  6.885   1.00 22.83 ? 226 MET A SD  1 
ATOM   982  C  CE  . MET A 1 128 ? -7.347  -5.395  7.341   1.00 24.64 ? 226 MET A CE  1 
ATOM   983  N  N   . GLY A 1 129 ? -4.796  -2.044  9.979   1.00 13.72 ? 227 GLY A N   1 
ATOM   984  C  CA  . GLY A 1 129 ? -3.678  -2.025  10.905  1.00 12.83 ? 227 GLY A CA  1 
ATOM   985  C  C   . GLY A 1 129 ? -2.932  -3.351  10.621  1.00 14.23 ? 227 GLY A C   1 
ATOM   986  O  O   . GLY A 1 129 ? -3.230  -4.087  9.676   1.00 13.41 ? 227 GLY A O   1 
ATOM   987  N  N   . HIS A 1 130 ? -1.922  -3.685  11.417  1.00 13.77 ? 228 HIS A N   1 
ATOM   988  C  CA  . HIS A 1 130 ? -1.172  -4.936  11.237  1.00 13.19 ? 228 HIS A CA  1 
ATOM   989  C  C   . HIS A 1 130 ? -1.880  -6.087  11.873  1.00 15.69 ? 228 HIS A C   1 
ATOM   990  O  O   . HIS A 1 130 ? -2.559  -5.971  12.900  1.00 16.06 ? 228 HIS A O   1 
ATOM   991  C  CB  . HIS A 1 130 ? 0.191   -4.860  11.878  1.00 13.40 ? 228 HIS A CB  1 
ATOM   992  C  CG  . HIS A 1 130 ? 1.104   -3.978  11.074  1.00 14.03 ? 228 HIS A CG  1 
ATOM   993  N  ND1 . HIS A 1 130 ? 2.113   -3.314  11.603  1.00 15.18 ? 228 HIS A ND1 1 
ATOM   994  C  CD2 . HIS A 1 130 ? 1.143   -3.911  9.700   1.00 9.34  ? 228 HIS A CD2 1 
ATOM   995  C  CE1 . HIS A 1 130 ? 2.793   -2.842  10.600  1.00 16.65 ? 228 HIS A CE1 1 
ATOM   996  N  NE2 . HIS A 1 130 ? 2.205   -3.205  9.484   1.00 14.71 ? 228 HIS A NE2 1 
ATOM   997  N  N   . SER A 1 131 ? -1.708  -7.234  11.266  1.00 16.93 ? 229 SER A N   1 
ATOM   998  C  CA  . SER A 1 131 ? -2.325  -8.453  11.767  1.00 16.20 ? 229 SER A CA  1 
ATOM   999  C  C   . SER A 1 131 ? -1.302  -9.265  12.525  1.00 17.50 ? 229 SER A C   1 
ATOM   1000 O  O   . SER A 1 131 ? -0.087  -9.091  12.358  1.00 18.57 ? 229 SER A O   1 
ATOM   1001 C  CB  . SER A 1 131 ? -2.861  -9.246  10.558  1.00 16.56 ? 229 SER A CB  1 
ATOM   1002 O  OG  . SER A 1 131 ? -3.357  -10.500 11.004  1.00 15.44 ? 229 SER A OG  1 
ATOM   1003 N  N   . SER A 1 132 ? -1.804  -10.167 13.362  1.00 18.57 ? 230 SER A N   1 
ATOM   1004 C  CA  . SER A 1 132 ? -0.969  -11.101 14.141  1.00 20.91 ? 230 SER A CA  1 
ATOM   1005 C  C   . SER A 1 132 ? -0.863  -12.410 13.368  1.00 16.91 ? 230 SER A C   1 
ATOM   1006 O  O   . SER A 1 132 ? -0.184  -13.331 13.796  1.00 19.74 ? 230 SER A O   1 
ATOM   1007 C  CB  . SER A 1 132 ? -1.609  -11.391 15.511  1.00 20.37 ? 230 SER A CB  1 
ATOM   1008 O  OG  . SER A 1 132 ? -1.944  -10.128 16.092  1.00 37.65 ? 230 SER A OG  1 
ATOM   1009 N  N   . ASP A 1 133 ? -1.605  -12.551 12.278  1.00 16.63 ? 231 ASP A N   1 
ATOM   1010 C  CA  . ASP A 1 133 ? -1.607  -13.763 11.467  1.00 17.07 ? 231 ASP A CA  1 
ATOM   1011 C  C   . ASP A 1 133 ? -0.503  -13.761 10.416  1.00 18.80 ? 231 ASP A C   1 
ATOM   1012 O  O   . ASP A 1 133 ? -0.510  -12.932 9.488   1.00 15.42 ? 231 ASP A O   1 
ATOM   1013 C  CB  . ASP A 1 133 ? -3.007  -13.905 10.817  1.00 17.29 ? 231 ASP A CB  1 
ATOM   1014 C  CG  . ASP A 1 133 ? -3.136  -15.149 9.941   1.00 22.90 ? 231 ASP A CG  1 
ATOM   1015 O  OD1 . ASP A 1 133 ? -2.164  -15.877 9.722   1.00 26.30 ? 231 ASP A OD1 1 
ATOM   1016 O  OD2 . ASP A 1 133 ? -4.230  -15.385 9.435   1.00 32.34 ? 231 ASP A OD2 1 
ATOM   1017 N  N   . PRO A 1 134 ? 0.487   -14.671 10.545  1.00 17.26 ? 232 PRO A N   1 
ATOM   1018 C  CA  . PRO A 1 134 ? 1.663   -14.700 9.668   1.00 18.69 ? 232 PRO A CA  1 
ATOM   1019 C  C   . PRO A 1 134 ? 1.292   -14.861 8.226   1.00 18.84 ? 232 PRO A C   1 
ATOM   1020 O  O   . PRO A 1 134 ? 2.127   -14.575 7.366   1.00 19.33 ? 232 PRO A O   1 
ATOM   1021 C  CB  . PRO A 1 134 ? 2.552   -15.861 10.136  1.00 21.58 ? 232 PRO A CB  1 
ATOM   1022 C  CG  . PRO A 1 134 ? 2.094   -16.045 11.568  1.00 22.43 ? 232 PRO A CG  1 
ATOM   1023 C  CD  . PRO A 1 134 ? 0.572   -15.802 11.487  1.00 19.87 ? 232 PRO A CD  1 
ATOM   1024 N  N   . ASN A 1 135 ? 0.123   -15.416 7.938   1.00 17.13 ? 233 ASN A N   1 
ATOM   1025 C  CA  . ASN A 1 135 ? -0.347  -15.595 6.558   1.00 18.91 ? 233 ASN A CA  1 
ATOM   1026 C  C   . ASN A 1 135 ? -1.012  -14.356 6.015   1.00 17.96 ? 233 ASN A C   1 
ATOM   1027 O  O   . ASN A 1 135 ? -1.214  -14.240 4.810   1.00 20.17 ? 233 ASN A O   1 
ATOM   1028 C  CB  . ASN A 1 135 ? -1.379  -16.720 6.447   1.00 24.04 ? 233 ASN A CB  1 
ATOM   1029 C  CG  . ASN A 1 135 ? -0.755  -18.041 6.830   1.00 29.26 ? 233 ASN A CG  1 
ATOM   1030 O  OD1 . ASN A 1 135 ? -1.286  -18.789 7.636   1.00 36.39 ? 233 ASN A OD1 1 
ATOM   1031 N  ND2 . ASN A 1 135 ? 0.392   -18.404 6.278   1.00 30.58 ? 233 ASN A ND2 1 
ATOM   1032 N  N   . ALA A 1 136 ? -1.408  -13.406 6.833   1.00 18.00 ? 234 ALA A N   1 
ATOM   1033 C  CA  . ALA A 1 136 ? -2.083  -12.230 6.271   1.00 14.86 ? 234 ALA A CA  1 
ATOM   1034 C  C   . ALA A 1 136 ? -1.156  -11.281 5.543   1.00 15.04 ? 234 ALA A C   1 
ATOM   1035 O  O   . ALA A 1 136 ? 0.018   -11.112 5.907   1.00 12.35 ? 234 ALA A O   1 
ATOM   1036 C  CB  . ALA A 1 136 ? -2.807  -11.457 7.403   1.00 14.79 ? 234 ALA A CB  1 
ATOM   1037 N  N   . VAL A 1 137 ? -1.672  -10.591 4.533   1.00 13.93 ? 235 VAL A N   1 
ATOM   1038 C  CA  . VAL A 1 137 ? -0.875  -9.603  3.798   1.00 12.94 ? 235 VAL A CA  1 
ATOM   1039 C  C   . VAL A 1 137 ? -0.523  -8.484  4.784   1.00 15.35 ? 235 VAL A C   1 
ATOM   1040 O  O   . VAL A 1 137 ? 0.567   -7.892  4.699   1.00 17.13 ? 235 VAL A O   1 
ATOM   1041 C  CB  . VAL A 1 137 ? -1.671  -9.025  2.618   1.00 13.36 ? 235 VAL A CB  1 
ATOM   1042 C  CG1 . VAL A 1 137 ? -0.864  -7.922  1.905   1.00 18.74 ? 235 VAL A CG1 1 
ATOM   1043 C  CG2 . VAL A 1 137 ? -1.987  -10.171 1.641   1.00 16.90 ? 235 VAL A CG2 1 
ATOM   1044 N  N   . MET A 1 138 ? -1.435  -8.156  5.725   1.00 12.78 ? 236 MET A N   1 
ATOM   1045 C  CA  . MET A 1 138 ? -1.143  -7.091  6.702   1.00 12.01 ? 236 MET A CA  1 
ATOM   1046 C  C   . MET A 1 138 ? -0.187  -7.485  7.815   1.00 12.97 ? 236 MET A C   1 
ATOM   1047 O  O   . MET A 1 138 ? 0.014   -6.715  8.761   1.00 12.00 ? 236 MET A O   1 
ATOM   1048 C  CB  . MET A 1 138 ? -2.462  -6.557  7.311   1.00 11.32 ? 236 MET A CB  1 
ATOM   1049 C  CG  . MET A 1 138 ? -3.306  -5.849  6.236   1.00 9.54  ? 236 MET A CG  1 
ATOM   1050 S  SD  . MET A 1 138 ? -2.425  -4.666  5.151   1.00 13.79 ? 236 MET A SD  1 
ATOM   1051 C  CE  . MET A 1 138 ? -1.729  -3.482  6.317   1.00 13.14 ? 236 MET A CE  1 
ATOM   1052 N  N   . TYR A 1 139 ? 0.436   -8.679  7.748   1.00 14.68 ? 237 TYR A N   1 
ATOM   1053 C  CA  . TYR A 1 139 ? 1.409   -9.061  8.794   1.00 15.13 ? 237 TYR A CA  1 
ATOM   1054 C  C   . TYR A 1 139 ? 2.599   -8.081  8.688   1.00 13.68 ? 237 TYR A C   1 
ATOM   1055 O  O   . TYR A 1 139 ? 2.913   -7.595  7.595   1.00 13.93 ? 237 TYR A O   1 
ATOM   1056 C  CB  . TYR A 1 139 ? 1.902   -10.512 8.563   1.00 14.30 ? 237 TYR A CB  1 
ATOM   1057 C  CG  . TYR A 1 139 ? 2.568   -11.014 9.765   1.00 12.13 ? 237 TYR A CG  1 
ATOM   1058 C  CD1 . TYR A 1 139 ? 1.817   -11.283 10.924  1.00 15.41 ? 237 TYR A CD1 1 
ATOM   1059 C  CD2 . TYR A 1 139 ? 3.965   -11.214 9.733   1.00 14.87 ? 237 TYR A CD2 1 
ATOM   1060 C  CE1 . TYR A 1 139 ? 2.465   -11.756 12.082  1.00 18.87 ? 237 TYR A CE1 1 
ATOM   1061 C  CE2 . TYR A 1 139 ? 4.619   -11.681 10.878  1.00 18.25 ? 237 TYR A CE2 1 
ATOM   1062 C  CZ  . TYR A 1 139 ? 3.863   -11.950 12.047  1.00 23.61 ? 237 TYR A CZ  1 
ATOM   1063 O  OH  . TYR A 1 139 ? 4.524   -12.413 13.167  1.00 22.48 ? 237 TYR A OH  1 
ATOM   1064 N  N   . PRO A 1 140 ? 3.269   -7.718  9.788   1.00 13.80 ? 238 PRO A N   1 
ATOM   1065 C  CA  . PRO A 1 140 ? 4.315   -6.682  9.699   1.00 15.63 ? 238 PRO A CA  1 
ATOM   1066 C  C   . PRO A 1 140 ? 5.634   -7.015  8.995   1.00 16.28 ? 238 PRO A C   1 
ATOM   1067 O  O   . PRO A 1 140 ? 6.355   -6.093  8.611   1.00 16.46 ? 238 PRO A O   1 
ATOM   1068 C  CB  . PRO A 1 140 ? 4.504   -6.225  11.153  1.00 17.40 ? 238 PRO A CB  1 
ATOM   1069 C  CG  . PRO A 1 140 ? 4.022   -7.418  11.966  1.00 17.44 ? 238 PRO A CG  1 
ATOM   1070 C  CD  . PRO A 1 140 ? 2.834   -7.926  11.181  1.00 12.96 ? 238 PRO A CD  1 
ATOM   1071 N  N   . THR A 1 141 ? 6.025   -8.267  8.831   1.00 16.14 ? 239 THR A N   1 
ATOM   1072 C  CA  . THR A 1 141 ? 7.288   -8.602  8.152   1.00 14.29 ? 239 THR A CA  1 
ATOM   1073 C  C   . THR A 1 141 ? 7.029   -9.110  6.729   1.00 13.67 ? 239 THR A C   1 
ATOM   1074 O  O   . THR A 1 141 ? 5.986   -9.704  6.419   1.00 14.43 ? 239 THR A O   1 
ATOM   1075 C  CB  . THR A 1 141 ? 8.023   -9.684  8.984   1.00 16.93 ? 239 THR A CB  1 
ATOM   1076 O  OG1 . THR A 1 141 ? 7.114   -10.760 9.260   1.00 22.89 ? 239 THR A OG1 1 
ATOM   1077 C  CG2 . THR A 1 141 ? 8.535   -9.120  10.318  1.00 18.80 ? 239 THR A CG2 1 
ATOM   1078 N  N   . TYR A 1 142 ? 8.018   -8.946  5.866   1.00 13.96 ? 240 TYR A N   1 
ATOM   1079 C  CA  . TYR A 1 142 ? 7.940   -9.367  4.463   1.00 15.93 ? 240 TYR A CA  1 
ATOM   1080 C  C   . TYR A 1 142 ? 8.510   -10.772 4.271   1.00 14.65 ? 240 TYR A C   1 
ATOM   1081 O  O   . TYR A 1 142 ? 9.457   -11.118 4.967   1.00 16.59 ? 240 TYR A O   1 
ATOM   1082 C  CB  . TYR A 1 142 ? 8.756   -8.362  3.628   1.00 13.31 ? 240 TYR A CB  1 
ATOM   1083 C  CG  . TYR A 1 142 ? 8.857   -8.730  2.208   1.00 15.10 ? 240 TYR A CG  1 
ATOM   1084 C  CD1 . TYR A 1 142 ? 7.838   -8.330  1.330   1.00 11.56 ? 240 TYR A CD1 1 
ATOM   1085 C  CD2 . TYR A 1 142 ? 9.973   -9.460  1.753   1.00 15.63 ? 240 TYR A CD2 1 
ATOM   1086 C  CE1 . TYR A 1 142 ? 7.932   -8.656  -0.024  1.00 12.82 ? 240 TYR A CE1 1 
ATOM   1087 C  CE2 . TYR A 1 142 ? 10.070  -9.792  0.397   1.00 14.95 ? 240 TYR A CE2 1 
ATOM   1088 C  CZ  . TYR A 1 142 ? 9.049   -9.387  -0.483  1.00 14.35 ? 240 TYR A CZ  1 
ATOM   1089 O  OH  . TYR A 1 142 ? 9.134   -9.706  -1.829  1.00 13.33 ? 240 TYR A OH  1 
ATOM   1090 N  N   . GLY A 1 143 ? 7.978   -11.569 3.340   1.00 17.74 ? 241 GLY A N   1 
ATOM   1091 C  CA  . GLY A 1 143 ? 8.532   -12.899 3.025   1.00 20.63 ? 241 GLY A CA  1 
ATOM   1092 C  C   . GLY A 1 143 ? 7.999   -14.158 3.672   1.00 21.59 ? 241 GLY A C   1 
ATOM   1093 O  O   . GLY A 1 143 ? 8.524   -15.233 3.399   1.00 21.37 ? 241 GLY A O   1 
ATOM   1094 N  N   . ASN A 1 144 ? 6.939   -14.123 4.474   1.00 21.17 ? 242 ASN A N   1 
ATOM   1095 C  CA  . ASN A 1 144 ? 6.452   -15.385 5.103   1.00 21.88 ? 242 ASN A CA  1 
ATOM   1096 C  C   . ASN A 1 144 ? 5.884   -16.397 4.108   1.00 19.01 ? 242 ASN A C   1 
ATOM   1097 O  O   . ASN A 1 144 ? 6.182   -17.596 4.128   1.00 17.45 ? 242 ASN A O   1 
ATOM   1098 C  CB  . ASN A 1 144 ? 5.362   -15.062 6.150   1.00 26.32 ? 242 ASN A CB  1 
ATOM   1099 C  CG  . ASN A 1 144 ? 5.962   -14.151 7.207   1.00 32.87 ? 242 ASN A CG  1 
ATOM   1100 O  OD1 . ASN A 1 144 ? 6.870   -14.517 7.955   1.00 33.91 ? 242 ASN A OD1 1 
ATOM   1101 N  ND2 . ASN A 1 144 ? 5.520   -12.910 7.284   1.00 38.86 ? 242 ASN A ND2 1 
ATOM   1102 N  N   . GLY A 1 145 ? 5.010   -15.920 3.235   1.00 16.36 ? 243 GLY A N   1 
ATOM   1103 C  CA  . GLY A 1 145 ? 4.338   -16.739 2.227   1.00 16.82 ? 243 GLY A CA  1 
ATOM   1104 C  C   . GLY A 1 145 ? 5.144   -16.751 0.962   1.00 16.12 ? 243 GLY A C   1 
ATOM   1105 O  O   . GLY A 1 145 ? 6.335   -17.082 0.961   1.00 21.64 ? 243 GLY A O   1 
ATOM   1106 N  N   . ASP A 1 146 ? 4.506   -16.421 -0.131  1.00 13.97 ? 244 ASP A N   1 
ATOM   1107 C  CA  . ASP A 1 146 ? 5.185   -16.400 -1.420  1.00 13.94 ? 244 ASP A CA  1 
ATOM   1108 C  C   . ASP A 1 146 ? 4.821   -15.086 -2.075  1.00 13.77 ? 244 ASP A C   1 
ATOM   1109 O  O   . ASP A 1 146 ? 3.671   -14.890 -2.484  1.00 13.72 ? 244 ASP A O   1 
ATOM   1110 C  CB  . ASP A 1 146 ? 4.711   -17.572 -2.298  1.00 13.26 ? 244 ASP A CB  1 
ATOM   1111 C  CG  . ASP A 1 146 ? 5.397   -17.601 -3.650  1.00 16.83 ? 244 ASP A CG  1 
ATOM   1112 O  OD1 . ASP A 1 146 ? 6.091   -16.678 -4.057  1.00 16.77 ? 244 ASP A OD1 1 
ATOM   1113 O  OD2 . ASP A 1 146 ? 5.222   -18.579 -4.350  1.00 14.49 ? 244 ASP A OD2 1 
ATOM   1114 N  N   . PRO A 1 147 ? 5.767   -14.141 -2.153  1.00 16.50 ? 245 PRO A N   1 
ATOM   1115 C  CA  . PRO A 1 147 ? 5.465   -12.832 -2.752  1.00 18.72 ? 245 PRO A CA  1 
ATOM   1116 C  C   . PRO A 1 147 ? 4.960   -12.941 -4.186  1.00 15.89 ? 245 PRO A C   1 
ATOM   1117 O  O   . PRO A 1 147 ? 4.303   -12.018 -4.657  1.00 16.55 ? 245 PRO A O   1 
ATOM   1118 C  CB  . PRO A 1 147 ? 6.787   -12.026 -2.630  1.00 19.92 ? 245 PRO A CB  1 
ATOM   1119 C  CG  . PRO A 1 147 ? 7.544   -12.738 -1.503  1.00 16.82 ? 245 PRO A CG  1 
ATOM   1120 C  CD  . PRO A 1 147 ? 7.183   -14.216 -1.711  1.00 14.54 ? 245 PRO A CD  1 
ATOM   1121 N  N   . GLN A 1 148 ? 5.301   -13.998 -4.925  1.00 13.50 ? 246 GLN A N   1 
ATOM   1122 C  CA  . GLN A 1 148 ? 4.860   -14.169 -6.308  1.00 14.08 ? 246 GLN A CA  1 
ATOM   1123 C  C   . GLN A 1 148 ? 3.590   -14.977 -6.489  1.00 15.56 ? 246 GLN A C   1 
ATOM   1124 O  O   . GLN A 1 148 ? 3.138   -15.203 -7.616  1.00 17.10 ? 246 GLN A O   1 
ATOM   1125 C  CB  . GLN A 1 148 ? 6.000   -14.816 -7.111  1.00 15.16 ? 246 GLN A CB  1 
ATOM   1126 C  CG  . GLN A 1 148 ? 7.124   -13.838 -7.487  1.00 13.73 ? 246 GLN A CG  1 
ATOM   1127 C  CD  . GLN A 1 148 ? 7.980   -13.388 -6.310  1.00 17.40 ? 246 GLN A CD  1 
ATOM   1128 O  OE1 . GLN A 1 148 ? 8.118   -12.189 -6.049  1.00 18.04 ? 246 GLN A OE1 1 
ATOM   1129 N  NE2 . GLN A 1 148 ? 8.605   -14.289 -5.575  1.00 15.35 ? 246 GLN A NE2 1 
ATOM   1130 N  N   . ASN A 1 149 ? 2.988   -15.436 -5.404  1.00 16.29 ? 247 ASN A N   1 
ATOM   1131 C  CA  . ASN A 1 149 ? 1.750   -16.224 -5.484  1.00 16.01 ? 247 ASN A CA  1 
ATOM   1132 C  C   . ASN A 1 149 ? 1.044   -16.004 -4.164  1.00 14.12 ? 247 ASN A C   1 
ATOM   1133 O  O   . ASN A 1 149 ? 1.253   -16.721 -3.174  1.00 13.76 ? 247 ASN A O   1 
ATOM   1134 C  CB  . ASN A 1 149 ? 2.084   -17.736 -5.698  1.00 16.80 ? 247 ASN A CB  1 
ATOM   1135 C  CG  . ASN A 1 149 ? 0.835   -18.619 -5.636  1.00 21.01 ? 247 ASN A CG  1 
ATOM   1136 O  OD1 . ASN A 1 149 ? -0.310  -18.178 -5.811  1.00 21.14 ? 247 ASN A OD1 1 
ATOM   1137 N  ND2 . ASN A 1 149 ? 1.013   -19.920 -5.420  1.00 19.98 ? 247 ASN A ND2 1 
ATOM   1138 N  N   . PHE A 1 150 ? 0.208   -14.975 -4.130  1.00 11.72 ? 248 PHE A N   1 
ATOM   1139 C  CA  . PHE A 1 150 ? -0.517  -14.621 -2.915  1.00 11.42 ? 248 PHE A CA  1 
ATOM   1140 C  C   . PHE A 1 150 ? -1.861  -13.988 -3.251  1.00 14.27 ? 248 PHE A C   1 
ATOM   1141 O  O   . PHE A 1 150 ? -2.116  -13.512 -4.355  1.00 17.08 ? 248 PHE A O   1 
ATOM   1142 C  CB  . PHE A 1 150 ? 0.306   -13.603 -2.046  1.00 12.59 ? 248 PHE A CB  1 
ATOM   1143 C  CG  . PHE A 1 150 ? 0.274   -12.190 -2.525  1.00 13.66 ? 248 PHE A CG  1 
ATOM   1144 C  CD1 . PHE A 1 150 ? 1.071   -11.771 -3.605  1.00 15.43 ? 248 PHE A CD1 1 
ATOM   1145 C  CD2 . PHE A 1 150 ? -0.580  -11.256 -1.908  1.00 16.46 ? 248 PHE A CD2 1 
ATOM   1146 C  CE1 . PHE A 1 150 ? 1.013   -10.434 -4.062  1.00 20.84 ? 248 PHE A CE1 1 
ATOM   1147 C  CE2 . PHE A 1 150 ? -0.645  -9.915  -2.358  1.00 16.07 ? 248 PHE A CE2 1 
ATOM   1148 C  CZ  . PHE A 1 150 ? 0.150   -9.506  -3.432  1.00 15.29 ? 248 PHE A CZ  1 
ATOM   1149 N  N   . LYS A 1 151 ? -2.695  -13.862 -2.240  1.00 17.37 ? 249 LYS A N   1 
ATOM   1150 C  CA  . LYS A 1 151 ? -4.031  -13.258 -2.341  1.00 15.66 ? 249 LYS A CA  1 
ATOM   1151 C  C   . LYS A 1 151 ? -4.346  -12.779 -0.938  1.00 15.05 ? 249 LYS A C   1 
ATOM   1152 O  O   . LYS A 1 151 ? -3.645  -13.128 0.019   1.00 16.66 ? 249 LYS A O   1 
ATOM   1153 C  CB  . LYS A 1 151 ? -5.083  -14.308 -2.744  1.00 16.27 ? 249 LYS A CB  1 
ATOM   1154 N  N   . LEU A 1 152 ? -5.341  -11.940 -0.781  1.00 13.41 ? 250 LEU A N   1 
ATOM   1155 C  CA  . LEU A 1 152 ? -5.712  -11.471 0.555   1.00 15.41 ? 250 LEU A CA  1 
ATOM   1156 C  C   . LEU A 1 152 ? -6.127  -12.672 1.388   1.00 18.02 ? 250 LEU A C   1 
ATOM   1157 O  O   . LEU A 1 152 ? -6.734  -13.605 0.856   1.00 17.57 ? 250 LEU A O   1 
ATOM   1158 C  CB  . LEU A 1 152 ? -6.886  -10.514 0.405   1.00 17.41 ? 250 LEU A CB  1 
ATOM   1159 C  CG  . LEU A 1 152 ? -6.691  -9.003  0.497   1.00 22.52 ? 250 LEU A CG  1 
ATOM   1160 C  CD1 . LEU A 1 152 ? -5.309  -8.526  0.038   1.00 19.48 ? 250 LEU A CD1 1 
ATOM   1161 C  CD2 . LEU A 1 152 ? -7.880  -8.423  -0.284  1.00 20.30 ? 250 LEU A CD2 1 
ATOM   1162 N  N   . SER A 1 153 ? -5.794  -12.722 2.664   1.00 16.26 ? 251 SER A N   1 
ATOM   1163 C  CA  . SER A 1 153 ? -6.219  -13.851 3.497   1.00 18.85 ? 251 SER A CA  1 
ATOM   1164 C  C   . SER A 1 153 ? -7.626  -13.577 4.074   1.00 21.03 ? 251 SER A C   1 
ATOM   1165 O  O   . SER A 1 153 ? -8.168  -12.458 4.026   1.00 16.34 ? 251 SER A O   1 
ATOM   1166 C  CB  . SER A 1 153 ? -5.185  -14.050 4.645   1.00 18.35 ? 251 SER A CB  1 
ATOM   1167 O  OG  . SER A 1 153 ? -5.375  -13.034 5.632   1.00 20.33 ? 251 SER A OG  1 
ATOM   1168 N  N   . GLN A 1 154 ? -8.238  -14.586 4.698   1.00 19.84 ? 252 GLN A N   1 
ATOM   1169 C  CA  . GLN A 1 154 ? -9.555  -14.369 5.296   1.00 22.79 ? 252 GLN A CA  1 
ATOM   1170 C  C   . GLN A 1 154 ? -9.434  -13.282 6.345   1.00 19.62 ? 252 GLN A C   1 
ATOM   1171 O  O   . GLN A 1 154 ? -10.356 -12.480 6.476   1.00 22.19 ? 252 GLN A O   1 
ATOM   1172 C  CB  . GLN A 1 154 ? -10.094 -15.653 5.958   1.00 31.33 ? 252 GLN A CB  1 
ATOM   1173 C  CG  . GLN A 1 154 ? -10.546 -16.698 4.909   1.00 45.12 ? 252 GLN A CG  1 
ATOM   1174 C  CD  . GLN A 1 154 ? -11.638 -16.162 3.973   1.00 53.92 ? 252 GLN A CD  1 
ATOM   1175 O  OE1 . GLN A 1 154 ? -11.655 -16.467 2.781   1.00 58.51 ? 252 GLN A OE1 1 
ATOM   1176 N  NE2 . GLN A 1 154 ? -12.600 -15.376 4.452   1.00 57.94 ? 252 GLN A NE2 1 
ATOM   1177 N  N   . ASP A 1 155 ? -8.321  -13.213 7.082   1.00 18.98 ? 253 ASP A N   1 
ATOM   1178 C  CA  . ASP A 1 155 ? -8.138  -12.170 8.115   1.00 17.74 ? 253 ASP A CA  1 
ATOM   1179 C  C   . ASP A 1 155 ? -8.193  -10.773 7.495   1.00 18.07 ? 253 ASP A C   1 
ATOM   1180 O  O   . ASP A 1 155 ? -8.886  -9.861  7.988   1.00 15.81 ? 253 ASP A O   1 
ATOM   1181 C  CB  . ASP A 1 155 ? -6.795  -12.362 8.816   1.00 17.91 ? 253 ASP A CB  1 
ATOM   1182 C  CG  . ASP A 1 155 ? -6.683  -11.428 10.003  1.00 21.00 ? 253 ASP A CG  1 
ATOM   1183 O  OD1 . ASP A 1 155 ? -7.459  -11.518 10.955  1.00 19.89 ? 253 ASP A OD1 1 
ATOM   1184 O  OD2 . ASP A 1 155 ? -5.814  -10.568 9.995   1.00 18.23 ? 253 ASP A OD2 1 
ATOM   1185 N  N   . ASP A 1 156 ? -7.476  -10.607 6.377   1.00 15.97 ? 254 ASP A N   1 
ATOM   1186 C  CA  . ASP A 1 156 ? -7.462  -9.299  5.663   1.00 16.13 ? 254 ASP A CA  1 
ATOM   1187 C  C   . ASP A 1 156 ? -8.853  -8.934  5.142   1.00 16.71 ? 254 ASP A C   1 
ATOM   1188 O  O   . ASP A 1 156 ? -9.303  -7.793  5.278   1.00 15.52 ? 254 ASP A O   1 
ATOM   1189 C  CB  . ASP A 1 156 ? -6.506  -9.314  4.448   1.00 16.11 ? 254 ASP A CB  1 
ATOM   1190 C  CG  . ASP A 1 156 ? -5.067  -9.670  4.794   1.00 16.88 ? 254 ASP A CG  1 
ATOM   1191 O  OD1 . ASP A 1 156 ? -4.439  -9.027  5.639   1.00 12.37 ? 254 ASP A OD1 1 
ATOM   1192 O  OD2 . ASP A 1 156 ? -4.559  -10.614 4.192   1.00 17.73 ? 254 ASP A OD2 1 
ATOM   1193 N  N   . ILE A 1 157 ? -9.545  -9.873  4.487   1.00 16.94 ? 255 ILE A N   1 
ATOM   1194 C  CA  . ILE A 1 157 ? -10.903 -9.599  3.958   1.00 19.32 ? 255 ILE A CA  1 
ATOM   1195 C  C   . ILE A 1 157 ? -11.852 -9.276  5.112   1.00 20.79 ? 255 ILE A C   1 
ATOM   1196 O  O   . ILE A 1 157 ? -12.644 -8.335  5.037   1.00 20.93 ? 255 ILE A O   1 
ATOM   1197 C  CB  . ILE A 1 157 ? -11.416 -10.820 3.159   1.00 19.75 ? 255 ILE A CB  1 
ATOM   1198 C  CG1 . ILE A 1 157 ? -10.478 -11.040 1.957   1.00 21.15 ? 255 ILE A CG1 1 
ATOM   1199 C  CG2 . ILE A 1 157 ? -12.879 -10.590 2.680   1.00 20.14 ? 255 ILE A CG2 1 
ATOM   1200 C  CD1 . ILE A 1 157 ? -10.531 -12.452 1.352   1.00 21.54 ? 255 ILE A CD1 1 
ATOM   1201 N  N   . LYS A 1 158 ? -11.797 -10.015 6.220   1.00 20.94 ? 256 LYS A N   1 
ATOM   1202 C  CA  . LYS A 1 158 ? -12.668 -9.759  7.381   1.00 24.33 ? 256 LYS A CA  1 
ATOM   1203 C  C   . LYS A 1 158 ? -12.510 -8.314  7.841   1.00 23.69 ? 256 LYS A C   1 
ATOM   1204 O  O   . LYS A 1 158 ? -13.501 -7.618  8.102   1.00 24.09 ? 256 LYS A O   1 
ATOM   1205 C  CB  . LYS A 1 158 ? -12.297 -10.689 8.571   1.00 29.15 ? 256 LYS A CB  1 
ATOM   1206 C  CG  . LYS A 1 158 ? -13.454 -11.537 9.158   1.00 40.29 ? 256 LYS A CG  1 
ATOM   1207 C  CD  . LYS A 1 158 ? -14.667 -10.747 9.749   1.00 50.04 ? 256 LYS A CD  1 
ATOM   1208 C  CE  . LYS A 1 158 ? -14.428 -10.021 11.106  1.00 55.00 ? 256 LYS A CE  1 
ATOM   1209 N  NZ  . LYS A 1 158 ? -15.098 -8.709  11.176  1.00 55.42 ? 256 LYS A NZ  1 
ATOM   1210 N  N   . GLY A 1 159 ? -11.263 -7.877  8.007   1.00 18.45 ? 257 GLY A N   1 
ATOM   1211 C  CA  . GLY A 1 159 ? -10.956 -6.532  8.459   1.00 16.65 ? 257 GLY A CA  1 
ATOM   1212 C  C   . GLY A 1 159 ? -11.448 -5.471  7.513   1.00 17.89 ? 257 GLY A C   1 
ATOM   1213 O  O   . GLY A 1 159 ? -12.212 -4.596  7.922   1.00 18.49 ? 257 GLY A O   1 
ATOM   1214 N  N   . ILE A 1 160 ? -11.094 -5.544  6.230   1.00 17.92 ? 258 ILE A N   1 
ATOM   1215 C  CA  . ILE A 1 160 ? -11.520 -4.492  5.296   1.00 17.92 ? 258 ILE A CA  1 
ATOM   1216 C  C   . ILE A 1 160 ? -13.039 -4.422  5.230   1.00 19.09 ? 258 ILE A C   1 
ATOM   1217 O  O   . ILE A 1 160 ? -13.621 -3.334  5.279   1.00 20.21 ? 258 ILE A O   1 
ATOM   1218 C  CB  . ILE A 1 160 ? -10.838 -4.758  3.911   1.00 14.18 ? 258 ILE A CB  1 
ATOM   1219 C  CG1 . ILE A 1 160 ? -10.855 -3.412  3.139   1.00 16.18 ? 258 ILE A CG1 1 
ATOM   1220 C  CG2 . ILE A 1 160 ? -11.498 -5.885  3.115   1.00 13.13 ? 258 ILE A CG2 1 
ATOM   1221 C  CD1 . ILE A 1 160 ? -10.010 -2.272  3.752   1.00 13.59 ? 258 ILE A CD1 1 
ATOM   1222 N  N   . GLN A 1 161 ? -13.713 -5.566  5.185   1.00 19.01 ? 259 GLN A N   1 
ATOM   1223 C  CA  . GLN A 1 161 ? -15.178 -5.561  5.157   1.00 20.42 ? 259 GLN A CA  1 
ATOM   1224 C  C   . GLN A 1 161 ? -15.735 -5.030  6.463   1.00 23.87 ? 259 GLN A C   1 
ATOM   1225 O  O   . GLN A 1 161 ? -16.806 -4.434  6.437   1.00 27.26 ? 259 GLN A O   1 
ATOM   1226 C  CB  . GLN A 1 161 ? -15.702 -6.973  4.902   1.00 19.22 ? 259 GLN A CB  1 
ATOM   1227 C  CG  . GLN A 1 161 ? -15.491 -7.233  3.416   1.00 19.50 ? 259 GLN A CG  1 
ATOM   1228 C  CD  . GLN A 1 161 ? -16.015 -8.578  2.999   1.00 21.16 ? 259 GLN A CD  1 
ATOM   1229 O  OE1 . GLN A 1 161 ? -16.372 -8.781  1.850   1.00 28.71 ? 259 GLN A OE1 1 
ATOM   1230 N  NE2 . GLN A 1 161 ? -16.123 -9.576  3.870   1.00 23.09 ? 259 GLN A NE2 1 
ATOM   1231 N  N   . LYS A 1 162 ? -15.103 -5.256  7.626   1.00 23.75 ? 260 LYS A N   1 
ATOM   1232 C  CA  . LYS A 1 162 ? -15.662 -4.709  8.875   1.00 24.43 ? 260 LYS A CA  1 
ATOM   1233 C  C   . LYS A 1 162 ? -15.638 -3.212  8.743   1.00 28.24 ? 260 LYS A C   1 
ATOM   1234 O  O   . LYS A 1 162 ? -16.530 -2.512  9.217   1.00 30.99 ? 260 LYS A O   1 
ATOM   1235 C  CB  . LYS A 1 162 ? -14.848 -5.019  10.156  1.00 24.69 ? 260 LYS A CB  1 
ATOM   1236 N  N   . LEU A 1 163 ? -14.600 -2.703  8.099   1.00 26.43 ? 261 LEU A N   1 
ATOM   1237 C  CA  . LEU A 1 163 ? -14.466 -1.269  7.922   1.00 26.65 ? 261 LEU A CA  1 
ATOM   1238 C  C   . LEU A 1 163 ? -15.411 -0.654  6.881   1.00 26.23 ? 261 LEU A C   1 
ATOM   1239 O  O   . LEU A 1 163 ? -15.997 0.407   7.130   1.00 28.02 ? 261 LEU A O   1 
ATOM   1240 C  CB  . LEU A 1 163 ? -12.984 -1.043  7.586   1.00 27.22 ? 261 LEU A CB  1 
ATOM   1241 C  CG  . LEU A 1 163 ? -12.381 0.330   7.850   1.00 31.05 ? 261 LEU A CG  1 
ATOM   1242 C  CD1 . LEU A 1 163 ? -12.620 0.798   9.301   1.00 28.68 ? 261 LEU A CD1 1 
ATOM   1243 C  CD2 . LEU A 1 163 ? -10.881 0.209   7.525   1.00 29.09 ? 261 LEU A CD2 1 
ATOM   1244 N  N   . TYR A 1 164 ? -15.566 -1.258  5.708   1.00 24.52 ? 262 TYR A N   1 
ATOM   1245 C  CA  . TYR A 1 164 ? -16.413 -0.657  4.662   1.00 26.39 ? 262 TYR A CA  1 
ATOM   1246 C  C   . TYR A 1 164 ? -17.652 -1.434  4.253   1.00 28.65 ? 262 TYR A C   1 
ATOM   1247 O  O   . TYR A 1 164 ? -18.383 -0.995  3.360   1.00 28.81 ? 262 TYR A O   1 
ATOM   1248 C  CB  . TYR A 1 164 ? -15.584 -0.423  3.355   1.00 26.33 ? 262 TYR A CB  1 
ATOM   1249 C  CG  . TYR A 1 164 ? -14.462 0.523   3.481   1.00 25.31 ? 262 TYR A CG  1 
ATOM   1250 C  CD1 . TYR A 1 164 ? -13.194 0.089   3.917   1.00 22.90 ? 262 TYR A CD1 1 
ATOM   1251 C  CD2 . TYR A 1 164 ? -14.693 1.877   3.174   1.00 22.76 ? 262 TYR A CD2 1 
ATOM   1252 C  CE1 . TYR A 1 164 ? -12.162 1.037   4.043   1.00 21.60 ? 262 TYR A CE1 1 
ATOM   1253 C  CE2 . TYR A 1 164 ? -13.657 2.818   3.301   1.00 21.48 ? 262 TYR A CE2 1 
ATOM   1254 C  CZ  . TYR A 1 164 ? -12.395 2.395   3.738   1.00 20.63 ? 262 TYR A CZ  1 
ATOM   1255 O  OH  . TYR A 1 164 ? -11.404 3.332   3.912   1.00 18.51 ? 262 TYR A OH  1 
ATOM   1256 N  N   . GLY A 1 165 ? -17.968 -2.553  4.877   1.00 29.78 ? 263 GLY A N   1 
ATOM   1257 C  CA  . GLY A 1 165 ? -19.136 -3.329  4.431   1.00 34.05 ? 263 GLY A CA  1 
ATOM   1258 C  C   . GLY A 1 165 ? -18.717 -4.189  3.236   1.00 39.00 ? 263 GLY A C   1 
ATOM   1259 O  O   . GLY A 1 165 ? -17.597 -4.087  2.736   1.00 34.57 ? 263 GLY A O   1 
ATOM   1260 N  N   . LYS A 1 166 ? -19.608 -5.051  2.747   1.00 47.20 ? 264 LYS A N   1 
ATOM   1261 C  CA  . LYS A 1 166 ? -19.262 -5.939  1.627   1.00 54.46 ? 264 LYS A CA  1 
ATOM   1262 C  C   . LYS A 1 166 ? -19.488 -5.367  0.240   1.00 58.80 ? 264 LYS A C   1 
ATOM   1263 O  O   . LYS A 1 166 ? -20.385 -4.562  0.009   1.00 58.75 ? 264 LYS A O   1 
ATOM   1264 C  CB  . LYS A 1 166 ? -20.043 -7.253  1.772   1.00 54.85 ? 264 LYS A CB  1 
ATOM   1265 C  CG  . LYS A 1 166 ? -19.625 -8.097  2.992   1.00 57.09 ? 264 LYS A CG  1 
ATOM   1266 C  CD  . LYS A 1 166 ? -20.060 -9.558  2.755   1.00 62.90 ? 264 LYS A CD  1 
ATOM   1267 C  CE  . LYS A 1 166 ? -19.548 -10.577 3.791   1.00 66.31 ? 264 LYS A CE  1 
ATOM   1268 N  NZ  . LYS A 1 166 ? -19.809 -11.943 3.295   1.00 69.02 ? 264 LYS A NZ  1 
HETATM 1269 ZN ZN  . ZN  B 2 .   ? 2.679   -2.093  7.595   1.00 14.51 ? 1   ZN  A ZN  1 
HETATM 1270 ZN ZN  . ZN  C 2 .   ? 7.308   8.770   4.207   1.00 17.71 ? 2   ZN  A ZN  1 
HETATM 1271 CA CA  . CA  D 3 .   ? 14.940  0.373   3.796   1.00 11.18 ? 3   CA  A CA  1 
HETATM 1272 CA CA  . CA  E 3 .   ? -3.427  12.058  1.473   1.00 10.88 ? 4   CA  A CA  1 
HETATM 1273 C  C1  . RRS F 4 .   ? 5.372   -1.725  7.211   1.00 12.11 ? 269 RRS A C1  1 
HETATM 1274 O  O2  . RRS F 4 .   ? 4.757   -2.585  7.899   1.00 17.22 ? 269 RRS A O2  1 
HETATM 1275 N  N1  . RRS F 4 .   ? 5.006   -0.699  6.469   1.00 10.89 ? 269 RRS A N1  1 
HETATM 1276 O  O1  . RRS F 4 .   ? 3.631   -0.477  6.443   1.00 13.85 ? 269 RRS A O1  1 
HETATM 1277 C  C2  . RRS F 4 .   ? 6.818   -2.133  7.194   1.00 13.63 ? 269 RRS A C2  1 
HETATM 1278 C  C3  . RRS F 4 .   ? 6.977   -3.467  6.421   1.00 13.35 ? 269 RRS A C3  1 
HETATM 1279 C  C4  . RRS F 4 .   ? 8.451   -3.782  6.539   1.00 14.27 ? 269 RRS A C4  1 
HETATM 1280 O  O3  . RRS F 4 .   ? 9.307   -3.154  5.910   1.00 12.43 ? 269 RRS A O3  1 
HETATM 1281 N  N2  . RRS F 4 .   ? 8.747   -4.767  7.364   1.00 11.82 ? 269 RRS A N2  1 
HETATM 1282 C  C5  . RRS F 4 .   ? 10.129  -5.144  7.634   1.00 15.14 ? 269 RRS A C5  1 
HETATM 1283 C  C6  . RRS F 4 .   ? 10.705  -6.258  6.775   1.00 13.00 ? 269 RRS A C6  1 
HETATM 1284 O  O4  . RRS F 4 .   ? 10.113  -7.333  6.664   1.00 14.42 ? 269 RRS A O4  1 
HETATM 1285 N  N3  . RRS F 4 .   ? 11.895  -6.048  6.236   1.00 13.16 ? 269 RRS A N3  1 
HETATM 1286 C  C7  . RRS F 4 .   ? 12.603  -7.059  5.425   1.00 14.84 ? 269 RRS A C7  1 
HETATM 1287 C  C8  . RRS F 4 .   ? 14.118  -6.751  5.486   1.00 18.16 ? 269 RRS A C8  1 
HETATM 1288 C  C9  . RRS F 4 .   ? 14.702  -6.738  6.915   1.00 17.72 ? 269 RRS A C9  1 
HETATM 1289 C  C10 . RRS F 4 .   ? 14.877  -8.129  7.561   1.00 20.31 ? 269 RRS A C10 1 
HETATM 1290 C  C11 . RRS F 4 .   ? 15.433  -8.093  9.007   1.00 18.07 ? 269 RRS A C11 1 
HETATM 1291 C  C12 . RRS F 4 .   ? 14.413  -8.108  10.173  1.00 17.35 ? 269 RRS A C12 1 
HETATM 1292 N  N4  . RRS F 4 .   ? 13.452  -6.994  10.111  1.00 19.30 ? 269 RRS A N4  1 
HETATM 1293 C  C13 . RRS F 4 .   ? 6.529   -3.422  4.941   1.00 14.78 ? 269 RRS A C13 1 
HETATM 1294 C  C14 . RRS F 4 .   ? 6.470   -4.809  4.249   1.00 13.30 ? 269 RRS A C14 1 
HETATM 1295 C  C15 . RRS F 4 .   ? 5.522   -5.780  4.978   1.00 16.22 ? 269 RRS A C15 1 
HETATM 1296 C  C16 . RRS F 4 .   ? 5.959   -4.596  2.819   1.00 15.40 ? 269 RRS A C16 1 
HETATM 1297 C  C17 . RRS F 4 .   ? 10.170  -5.488  9.161   1.00 14.17 ? 269 RRS A C17 1 
HETATM 1298 C  C18 . RRS F 4 .   ? 11.543  -5.812  9.623   1.00 17.39 ? 269 RRS A C18 1 
HETATM 1299 C  C19 . RRS F 4 .   ? 12.166  -7.084  9.646   1.00 17.24 ? 269 RRS A C19 1 
HETATM 1300 C  C20 . RRS F 4 .   ? 12.518  -4.914  10.104  1.00 14.77 ? 269 RRS A C20 1 
HETATM 1301 C  C21 . RRS F 4 .   ? 13.692  -5.682  10.400  1.00 16.24 ? 269 RRS A C21 1 
HETATM 1302 C  C22 . RRS F 4 .   ? 12.497  -3.529  10.309  1.00 17.72 ? 269 RRS A C22 1 
HETATM 1303 C  C23 . RRS F 4 .   ? 14.826  -5.039  10.901  1.00 16.07 ? 269 RRS A C23 1 
HETATM 1304 C  C24 . RRS F 4 .   ? 13.641  -2.897  10.811  1.00 20.63 ? 269 RRS A C24 1 
HETATM 1305 C  C25 . RRS F 4 .   ? 14.791  -3.650  11.104  1.00 17.72 ? 269 RRS A C25 1 
HETATM 1306 O  O   . HOH G 5 .   ? -5.223  -8.319  8.315   1.00 17.73 ? 301 HOH A O   1 
HETATM 1307 O  O   . HOH G 5 .   ? -5.104  -6.228  10.104  1.00 17.25 ? 302 HOH A O   1 
HETATM 1308 O  O   . HOH G 5 .   ? -13.445 10.670  2.556   1.00 23.32 ? 303 HOH A O   1 
HETATM 1309 O  O   . HOH G 5 .   ? -8.874  16.369  -10.856 1.00 53.25 ? 304 HOH A O   1 
HETATM 1310 O  O   . HOH G 5 .   ? -12.122 11.944  -3.173  1.00 45.86 ? 305 HOH A O   1 
HETATM 1311 O  O   . HOH G 5 .   ? -0.833  9.256   -11.231 1.00 17.77 ? 306 HOH A O   1 
HETATM 1312 O  O   . HOH G 5 .   ? 2.118   13.690  -13.823 1.00 17.67 ? 307 HOH A O   1 
HETATM 1313 O  O   . HOH G 5 .   ? 8.947   3.249   -12.123 1.00 30.81 ? 308 HOH A O   1 
HETATM 1314 O  O   . HOH G 5 .   ? 9.406   3.942   -17.853 1.00 27.87 ? 309 HOH A O   1 
HETATM 1315 O  O   . HOH G 5 .   ? 6.766   3.065   -19.062 1.00 32.93 ? 310 HOH A O   1 
HETATM 1316 O  O   . HOH G 5 .   ? -1.148  17.811  -2.535  1.00 16.81 ? 311 HOH A O   1 
HETATM 1317 O  O   . HOH G 5 .   ? 4.561   21.962  -3.455  1.00 27.07 ? 312 HOH A O   1 
HETATM 1318 O  O   . HOH G 5 .   ? -3.423  13.617  0.086   1.00 14.68 ? 313 HOH A O   1 
HETATM 1319 O  O   . HOH G 5 .   ? -1.807  15.709  -0.602  1.00 20.90 ? 314 HOH A O   1 
HETATM 1320 O  O   . HOH G 5 .   ? -8.004  13.515  1.062   1.00 21.62 ? 315 HOH A O   1 
HETATM 1321 O  O   . HOH G 5 .   ? -9.763  13.857  3.256   1.00 35.98 ? 316 HOH A O   1 
HETATM 1322 O  O   . HOH G 5 .   ? -5.318  12.793  2.061   1.00 14.97 ? 317 HOH A O   1 
HETATM 1323 O  O   . HOH G 5 .   ? -3.733  18.510  0.954   1.00 35.50 ? 318 HOH A O   1 
HETATM 1324 O  O   . HOH G 5 .   ? 0.345   14.531  0.474   1.00 13.72 ? 319 HOH A O   1 
HETATM 1325 O  O   . HOH G 5 .   ? -1.007  19.003  0.248   1.00 20.95 ? 320 HOH A O   1 
HETATM 1326 O  O   . HOH G 5 .   ? -0.886  21.602  0.711   1.00 19.83 ? 321 HOH A O   1 
HETATM 1327 O  O   . HOH G 5 .   ? 3.968   10.720  -2.399  1.00 20.91 ? 322 HOH A O   1 
HETATM 1328 O  O   . HOH G 5 .   ? 11.688  8.911   -7.294  1.00 46.50 ? 323 HOH A O   1 
HETATM 1329 O  O   . HOH G 5 .   ? 10.650  12.212  -2.260  1.00 34.62 ? 324 HOH A O   1 
HETATM 1330 O  O   . HOH G 5 .   ? 11.022  11.617  6.117   1.00 16.77 ? 325 HOH A O   1 
HETATM 1331 O  O   . HOH G 5 .   ? 11.680  14.232  7.437   1.00 13.97 ? 326 HOH A O   1 
HETATM 1332 O  O   . HOH G 5 .   ? 16.408  5.105   2.288   1.00 12.36 ? 327 HOH A O   1 
HETATM 1333 O  O   . HOH G 5 .   ? 3.240   1.878   7.711   1.00 14.33 ? 328 HOH A O   1 
HETATM 1334 O  O   . HOH G 5 .   ? -1.427  6.701   10.287  1.00 27.00 ? 329 HOH A O   1 
HETATM 1335 O  O   . HOH G 5 .   ? 16.155  -4.181  -1.302  1.00 21.87 ? 330 HOH A O   1 
HETATM 1336 O  O   . HOH G 5 .   ? -16.035 -8.121  8.926   1.00 32.60 ? 331 HOH A O   1 
HETATM 1337 O  O   . HOH G 5 .   ? 11.102  -17.970 -15.756 1.00 36.19 ? 332 HOH A O   1 
HETATM 1338 O  O   . HOH G 5 .   ? 3.381   -9.055  5.217   1.00 16.34 ? 333 HOH A O   1 
HETATM 1339 O  O   . HOH G 5 .   ? 2.360   -12.637 5.350   1.00 22.44 ? 334 HOH A O   1 
HETATM 1340 O  O   . HOH G 5 .   ? 1.370   -8.969  14.746  1.00 37.06 ? 335 HOH A O   1 
HETATM 1341 O  O   . HOH G 5 .   ? 8.137   -17.119 8.175   1.00 44.54 ? 336 HOH A O   1 
HETATM 1342 O  O   . HOH G 5 .   ? -7.378  -11.446 -2.989  1.00 20.03 ? 337 HOH A O   1 
HETATM 1343 O  O   . HOH G 5 .   ? 10.396  -11.072 -5.558  1.00 35.76 ? 338 HOH A O   1 
HETATM 1344 O  O   . HOH G 5 .   ? 16.162  -14.601 0.786   1.00 38.94 ? 339 HOH A O   1 
HETATM 1345 O  O   . HOH G 5 .   ? 9.463   -1.492  9.673   1.00 58.31 ? 340 HOH A O   1 
HETATM 1346 O  O   . HOH G 5 .   ? -4.894  -9.924  14.330  1.00 17.38 ? 341 HOH A O   1 
HETATM 1347 O  O   . HOH G 5 .   ? -9.062  -10.191 14.229  1.00 40.45 ? 342 HOH A O   1 
HETATM 1348 O  O   . HOH G 5 .   ? -9.046  2.251   10.679  1.00 17.20 ? 343 HOH A O   1 
HETATM 1349 O  O   . HOH G 5 .   ? -0.710  -5.343  15.042  1.00 52.05 ? 344 HOH A O   1 
HETATM 1350 O  O   . HOH G 5 .   ? -8.502  5.398   -12.831 1.00 27.34 ? 345 HOH A O   1 
HETATM 1351 O  O   . HOH G 5 .   ? -2.434  3.041   -11.799 1.00 27.67 ? 346 HOH A O   1 
HETATM 1352 O  O   . HOH G 5 .   ? -14.457 -8.377  16.289  1.00 61.92 ? 347 HOH A O   1 
HETATM 1353 O  O   . HOH G 5 .   ? -9.296  -3.346  15.487  1.00 39.40 ? 348 HOH A O   1 
HETATM 1354 O  O   . HOH G 5 .   ? -12.049 -3.535  15.418  1.00 58.58 ? 349 HOH A O   1 
HETATM 1355 O  O   . HOH G 5 .   ? 4.897   -11.885 4.920   1.00 21.63 ? 350 HOH A O   1 
HETATM 1356 O  O   . HOH G 5 .   ? 4.096   -13.348 2.734   1.00 31.14 ? 351 HOH A O   1 
HETATM 1357 O  O   . HOH G 5 .   ? 1.679   -16.510 -0.400  1.00 22.91 ? 352 HOH A O   1 
HETATM 1358 O  O   . HOH G 5 .   ? 3.533   -10.877 -6.919  1.00 33.49 ? 353 HOH A O   1 
HETATM 1359 O  O   . HOH G 5 .   ? 9.014   -16.448 0.686   1.00 21.30 ? 354 HOH A O   1 
HETATM 1360 O  O   . HOH G 5 .   ? 8.497   -18.420 5.622   1.00 21.93 ? 355 HOH A O   1 
HETATM 1361 O  O   . HOH G 5 .   ? 6.299   -3.417  9.989   1.00 26.05 ? 356 HOH A O   1 
HETATM 1362 O  O   . HOH G 5 .   ? 9.307   4.103   8.613   1.00 27.25 ? 357 HOH A O   1 
HETATM 1363 O  O   . HOH G 5 .   ? 0.957   2.374   9.219   1.00 38.95 ? 358 HOH A O   1 
HETATM 1364 O  O   . HOH G 5 .   ? 2.946   -19.717 3.924   1.00 36.11 ? 359 HOH A O   1 
HETATM 1365 O  O   . HOH G 5 .   ? 9.827   10.056  -10.835 1.00 19.79 ? 360 HOH A O   1 
HETATM 1366 O  O   . HOH G 5 .   ? 2.927   11.905  0.861   1.00 17.24 ? 361 HOH A O   1 
HETATM 1367 O  O   . HOH G 5 .   ? 5.200   -11.928 -12.312 1.00 33.36 ? 362 HOH A O   1 
HETATM 1368 O  O   . HOH G 5 .   ? 12.903  -12.015 -5.650  1.00 34.12 ? 363 HOH A O   1 
HETATM 1369 O  O   . HOH G 5 .   ? 15.245  -10.684 -2.590  1.00 25.28 ? 364 HOH A O   1 
HETATM 1370 O  O   . HOH G 5 .   ? 14.622  1.896   -6.131  1.00 26.97 ? 365 HOH A O   1 
HETATM 1371 O  O   . HOH G 5 .   ? 14.461  10.067  -3.230  1.00 28.20 ? 366 HOH A O   1 
HETATM 1372 O  O   . HOH G 5 .   ? 16.618  12.283  1.325   1.00 44.39 ? 367 HOH A O   1 
HETATM 1373 O  O   . HOH G 5 .   ? 18.088  11.942  3.752   1.00 30.05 ? 368 HOH A O   1 
HETATM 1374 O  O   . HOH G 5 .   ? -9.585  -9.895  -3.502  1.00 26.22 ? 369 HOH A O   1 
HETATM 1375 O  O   . HOH G 5 .   ? -12.244 1.204   -8.793  1.00 31.00 ? 370 HOH A O   1 
HETATM 1376 O  O   . HOH G 5 .   ? -4.281  13.517  8.487   1.00 26.86 ? 371 HOH A O   1 
HETATM 1377 O  O   . HOH G 5 .   ? -5.235  16.086  1.391   1.00 23.46 ? 372 HOH A O   1 
HETATM 1378 O  O   . HOH G 5 .   ? 0.721   -19.936 -2.365  1.00 38.07 ? 373 HOH A O   1 
HETATM 1379 O  O   . HOH G 5 .   ? -12.949 -0.823  -7.129  1.00 44.46 ? 374 HOH A O   1 
HETATM 1380 O  O   . HOH G 5 .   ? 19.945  -8.130  6.454   1.00 49.33 ? 375 HOH A O   1 
HETATM 1381 O  O   . HOH G 5 .   ? 21.078  -0.720  7.786   1.00 47.15 ? 376 HOH A O   1 
# 
